data_4BLQ
#
_entry.id   4BLQ
#
_cell.length_a   138.940
_cell.length_b   159.570
_cell.length_c   100.330
_cell.angle_alpha   90.00
_cell.angle_beta   90.00
_cell.angle_gamma   90.00
#
_symmetry.space_group_name_H-M   'P 21 21 2'
#
_entity_poly.entity_id   1
_entity_poly.type   'polypeptide(L)'
_entity_poly.pdbx_seq_one_letter_code
;MARKTKVTPDDNSIIDLGPRVQSLMEQLATTKLEEGVKNLDMGSVYEITTVMVLGNSILGFHKGDLVKMVRPSVSARDLI
GVGYATASAAVVRQRLIEHKIEAGAELIISGTAGGKTVLTNHYAAQMCAKGLKVAVVSMAEAERPLYGSVLHVFAALHLA
AVSDVDVLYVDSLRSVYNELGGNLKKGGVSRQVDGMLTALDQYARAVNMRVVFTLNPSDDENVDAAVRSVFKTASASMHT
ARRIKSFAVNGTAFTAETEIHLRADRSNSANRVSGDLVSR
;
_entity_poly.pdbx_strand_id   A,B,C,D,E,F
#
# COMPACT_ATOMS: atom_id res chain seq x y z
N ASN A 12 -49.73 21.75 7.81
CA ASN A 12 -48.40 21.23 8.11
C ASN A 12 -48.05 20.05 7.20
N SER A 13 -46.79 20.01 6.72
CA SER A 13 -46.26 18.96 5.83
C SER A 13 -44.76 18.67 6.12
N ILE A 14 -44.28 17.54 5.60
CA ILE A 14 -42.89 17.08 5.75
C ILE A 14 -42.03 17.77 4.68
N ILE A 15 -40.88 18.32 5.09
CA ILE A 15 -39.91 19.00 4.23
C ILE A 15 -38.84 18.00 3.73
N ASP A 16 -38.55 18.02 2.42
CA ASP A 16 -37.49 17.20 1.84
C ASP A 16 -36.26 18.09 1.69
N LEU A 17 -35.24 17.82 2.52
CA LEU A 17 -34.00 18.58 2.56
C LEU A 17 -32.99 18.18 1.47
N GLY A 18 -33.26 17.04 0.81
CA GLY A 18 -32.43 16.50 -0.28
C GLY A 18 -32.02 17.52 -1.32
N PRO A 19 -32.99 18.20 -2.02
CA PRO A 19 -32.63 19.20 -3.04
C PRO A 19 -31.76 20.35 -2.51
N ARG A 20 -31.97 20.78 -1.25
CA ARG A 20 -31.20 21.85 -0.63
C ARG A 20 -29.75 21.43 -0.36
N VAL A 21 -29.52 20.15 0.01
CA VAL A 21 -28.17 19.61 0.21
C VAL A 21 -27.48 19.54 -1.17
N GLN A 22 -28.22 19.06 -2.20
CA GLN A 22 -27.74 18.92 -3.58
C GLN A 22 -27.26 20.25 -4.16
N SER A 23 -28.01 21.35 -3.94
CA SER A 23 -27.65 22.68 -4.44
C SER A 23 -26.50 23.29 -3.64
N LEU A 24 -26.38 22.96 -2.34
CA LEU A 24 -25.25 23.42 -1.52
C LEU A 24 -23.94 22.74 -1.99
N MET A 25 -24.00 21.43 -2.32
CA MET A 25 -22.85 20.66 -2.81
C MET A 25 -22.32 21.22 -4.14
N GLU A 26 -23.22 21.76 -4.99
CA GLU A 26 -22.85 22.38 -6.27
C GLU A 26 -22.09 23.67 -6.02
N GLN A 27 -22.50 24.43 -4.99
CA GLN A 27 -21.88 25.70 -4.57
C GLN A 27 -20.54 25.46 -3.87
N LEU A 28 -20.38 24.30 -3.23
CA LEU A 28 -19.19 23.89 -2.49
C LEU A 28 -18.10 23.27 -3.40
N ALA A 29 -18.42 23.08 -4.71
CA ALA A 29 -17.50 22.52 -5.69
C ALA A 29 -16.53 23.62 -6.22
N THR A 30 -15.86 24.32 -5.30
CA THR A 30 -14.90 25.39 -5.55
C THR A 30 -13.46 24.91 -5.33
N THR A 31 -12.51 25.56 -6.00
CA THR A 31 -11.08 25.30 -5.90
C THR A 31 -10.50 26.09 -4.69
N LYS A 32 -11.28 27.07 -4.16
CA LYS A 32 -10.86 27.94 -3.07
C LYS A 32 -11.86 27.94 -1.89
N LEU A 33 -12.05 26.77 -1.23
CA LEU A 33 -12.92 26.68 -0.04
C LEU A 33 -12.22 27.25 1.20
N GLU A 34 -10.87 27.44 1.12
CA GLU A 34 -10.06 28.02 2.18
C GLU A 34 -10.38 29.52 2.31
N GLU A 35 -10.72 30.16 1.18
CA GLU A 35 -11.14 31.56 1.10
C GLU A 35 -12.57 31.71 1.62
N GLY A 36 -13.36 30.64 1.48
CA GLY A 36 -14.74 30.59 1.93
C GLY A 36 -15.76 30.85 0.85
N VAL A 37 -16.97 30.32 1.04
CA VAL A 37 -18.12 30.52 0.15
C VAL A 37 -19.14 31.30 0.98
N LYS A 38 -19.30 32.60 0.68
CA LYS A 38 -20.17 33.52 1.38
C LYS A 38 -21.53 33.67 0.67
N ASN A 39 -22.40 34.53 1.24
CA ASN A 39 -23.72 34.96 0.77
C ASN A 39 -24.68 33.78 0.48
N LEU A 40 -24.58 32.72 1.30
CA LEU A 40 -25.51 31.59 1.21
C LEU A 40 -26.75 31.94 2.04
N ASP A 41 -27.83 31.15 1.92
CA ASP A 41 -29.02 31.38 2.72
C ASP A 41 -29.47 30.03 3.27
N MET A 42 -28.57 29.40 4.06
CA MET A 42 -28.78 28.08 4.67
C MET A 42 -29.90 28.10 5.74
N GLY A 43 -30.10 29.25 6.40
CA GLY A 43 -31.12 29.42 7.44
C GLY A 43 -30.65 30.32 8.57
N SER A 44 -31.61 31.05 9.19
CA SER A 44 -31.33 32.03 10.26
C SER A 44 -32.24 31.89 11.48
N VAL A 45 -33.08 30.83 11.54
CA VAL A 45 -34.01 30.58 12.65
C VAL A 45 -33.19 30.34 13.94
N TYR A 46 -32.02 29.65 13.82
CA TYR A 46 -31.11 29.35 14.93
C TYR A 46 -29.65 29.58 14.54
N GLU A 47 -28.87 30.20 15.45
CA GLU A 47 -27.44 30.45 15.27
C GLU A 47 -26.64 29.22 15.66
N ILE A 48 -26.18 28.46 14.66
CA ILE A 48 -25.42 27.23 14.88
C ILE A 48 -24.19 27.22 13.99
N THR A 49 -23.10 26.64 14.49
CA THR A 49 -21.86 26.46 13.76
C THR A 49 -21.54 24.96 13.77
N THR A 50 -21.47 24.36 12.58
CA THR A 50 -21.16 22.95 12.41
C THR A 50 -19.70 22.83 11.96
N VAL A 51 -18.90 22.08 12.72
CA VAL A 51 -17.48 21.87 12.43
C VAL A 51 -17.28 20.37 12.23
N MET A 52 -16.90 19.95 11.02
CA MET A 52 -16.69 18.54 10.68
C MET A 52 -15.27 18.29 10.15
N VAL A 53 -14.79 17.04 10.23
CA VAL A 53 -13.47 16.71 9.70
C VAL A 53 -13.67 15.96 8.37
N LEU A 54 -12.97 16.43 7.32
CA LEU A 54 -12.91 15.86 5.98
C LEU A 54 -11.47 15.54 5.69
N GLY A 55 -11.11 14.27 5.88
CA GLY A 55 -9.74 13.81 5.73
C GLY A 55 -8.92 14.33 6.89
N ASN A 56 -7.98 15.23 6.62
CA ASN A 56 -7.13 15.88 7.62
C ASN A 56 -7.52 17.35 7.80
N SER A 57 -8.50 17.80 7.00
CA SER A 57 -8.99 19.17 6.98
C SER A 57 -10.26 19.35 7.82
N ILE A 58 -10.56 20.62 8.17
CA ILE A 58 -11.75 21.01 8.92
C ILE A 58 -12.70 21.77 7.99
N LEU A 59 -13.98 21.39 7.96
CA LEU A 59 -14.98 22.12 7.20
C LEU A 59 -15.99 22.69 8.18
N GLY A 60 -16.12 24.02 8.18
CA GLY A 60 -17.02 24.73 9.05
C GLY A 60 -18.18 25.40 8.33
N PHE A 61 -19.40 25.20 8.86
CA PHE A 61 -20.65 25.80 8.39
C PHE A 61 -21.03 26.86 9.42
N HIS A 62 -20.76 28.13 9.12
CA HIS A 62 -21.00 29.25 10.03
C HIS A 62 -22.35 29.90 9.78
N LYS A 63 -23.31 29.65 10.70
CA LYS A 63 -24.70 30.15 10.66
C LYS A 63 -25.34 29.76 9.32
N GLY A 64 -25.91 30.73 8.59
CA GLY A 64 -26.51 30.46 7.29
C GLY A 64 -25.80 31.10 6.12
N ASP A 65 -24.72 31.85 6.39
CA ASP A 65 -23.98 32.65 5.41
C ASP A 65 -22.68 31.99 4.89
N LEU A 66 -21.78 31.55 5.80
CA LEU A 66 -20.44 31.05 5.46
C LEU A 66 -20.26 29.54 5.57
N VAL A 67 -19.36 29.03 4.71
CA VAL A 67 -18.82 27.68 4.68
C VAL A 67 -17.36 27.84 4.25
N LYS A 68 -16.44 27.51 5.15
CA LYS A 68 -15.00 27.66 4.94
C LYS A 68 -14.25 26.40 5.39
N MET A 69 -13.21 26.03 4.62
CA MET A 69 -12.33 24.90 4.91
C MET A 69 -11.00 25.40 5.44
N VAL A 70 -10.46 24.75 6.48
CA VAL A 70 -9.13 25.09 6.98
C VAL A 70 -8.31 23.80 6.99
N ARG A 71 -7.02 23.91 6.65
CA ARG A 71 -6.09 22.79 6.63
C ARG A 71 -5.10 23.00 7.78
N PRO A 72 -5.43 22.54 9.00
CA PRO A 72 -4.53 22.79 10.14
C PRO A 72 -3.19 22.06 10.02
N SER A 73 -2.17 22.58 10.71
CA SER A 73 -0.81 22.01 10.74
C SER A 73 -0.82 20.56 11.24
N VAL A 74 -1.65 20.26 12.26
CA VAL A 74 -1.83 18.91 12.75
C VAL A 74 -3.16 18.40 12.17
N SER A 75 -3.27 17.09 11.93
CA SER A 75 -4.47 16.49 11.35
C SER A 75 -5.71 16.79 12.18
N ALA A 76 -6.85 17.06 11.51
CA ALA A 76 -8.14 17.33 12.14
C ALA A 76 -8.63 16.09 12.89
N ARG A 77 -8.12 14.88 12.52
CA ARG A 77 -8.42 13.59 13.15
C ARG A 77 -7.90 13.57 14.59
N ASP A 78 -6.70 14.14 14.81
CA ASP A 78 -6.06 14.23 16.13
C ASP A 78 -6.65 15.38 16.95
N LEU A 79 -7.02 16.47 16.26
CA LEU A 79 -7.60 17.69 16.81
C LEU A 79 -9.05 17.49 17.30
N ILE A 80 -9.95 17.06 16.39
CA ILE A 80 -11.39 16.90 16.63
C ILE A 80 -11.81 15.44 16.66
N GLY A 81 -11.55 14.72 15.57
CA GLY A 81 -11.93 13.33 15.40
C GLY A 81 -13.00 13.16 14.34
N VAL A 82 -14.25 13.58 14.66
CA VAL A 82 -15.38 13.42 13.75
C VAL A 82 -16.02 14.78 13.42
N GLY A 83 -16.49 15.47 14.45
CA GLY A 83 -17.17 16.75 14.27
C GLY A 83 -18.09 17.09 15.42
N TYR A 84 -18.52 18.36 15.48
CA TYR A 84 -19.37 18.87 16.56
C TYR A 84 -20.17 20.11 16.12
N ALA A 85 -21.06 20.59 17.01
CA ALA A 85 -21.86 21.79 16.82
C ALA A 85 -21.79 22.71 18.02
N THR A 86 -21.80 24.02 17.78
CA THR A 86 -21.88 25.02 18.84
C THR A 86 -23.13 25.80 18.52
N ALA A 87 -24.01 25.98 19.51
CA ALA A 87 -25.25 26.71 19.33
C ALA A 87 -25.30 27.91 20.24
N SER A 88 -26.12 28.91 19.86
CA SER A 88 -26.36 30.12 20.64
C SER A 88 -27.13 29.75 21.90
N ALA A 89 -26.96 30.52 22.99
CA ALA A 89 -27.68 30.28 24.24
C ALA A 89 -29.21 30.50 24.07
N ALA A 90 -29.63 31.16 22.97
CA ALA A 90 -31.03 31.45 22.64
C ALA A 90 -31.72 30.25 21.96
N VAL A 91 -30.94 29.27 21.46
CA VAL A 91 -31.46 28.11 20.73
C VAL A 91 -32.31 27.21 21.63
N VAL A 92 -33.59 27.09 21.27
CA VAL A 92 -34.58 26.23 21.92
C VAL A 92 -35.65 25.85 20.89
N ARG A 93 -35.94 24.55 20.77
CA ARG A 93 -36.97 24.03 19.87
C ARG A 93 -38.19 23.71 20.74
N GLN A 94 -39.02 24.75 20.96
CA GLN A 94 -40.20 24.77 21.83
C GLN A 94 -41.21 23.65 21.55
N ARG A 95 -41.43 23.29 20.27
CA ARG A 95 -42.38 22.24 19.88
C ARG A 95 -41.97 20.86 20.43
N LEU A 96 -40.66 20.59 20.57
CA LEU A 96 -40.16 19.34 21.14
C LEU A 96 -40.54 19.23 22.63
N ILE A 97 -40.46 20.38 23.36
CA ILE A 97 -40.79 20.47 24.79
C ILE A 97 -42.30 20.24 24.98
N GLU A 98 -43.13 20.93 24.15
CA GLU A 98 -44.59 20.85 24.15
C GLU A 98 -45.10 19.42 23.90
N HIS A 99 -44.41 18.65 23.04
CA HIS A 99 -44.80 17.28 22.69
C HIS A 99 -43.92 16.23 23.40
N LYS A 100 -43.15 16.66 24.42
CA LYS A 100 -42.28 15.84 25.29
C LYS A 100 -41.31 14.93 24.50
N ILE A 101 -40.62 15.50 23.50
CA ILE A 101 -39.61 14.79 22.70
C ILE A 101 -38.26 15.34 23.10
N GLU A 102 -37.39 14.46 23.58
CA GLU A 102 -36.05 14.81 24.02
C GLU A 102 -35.08 14.86 22.85
N ALA A 103 -34.15 15.84 22.90
CA ALA A 103 -33.10 16.03 21.90
C ALA A 103 -32.13 14.87 21.93
N GLY A 104 -31.45 14.62 20.82
CA GLY A 104 -30.51 13.53 20.71
C GLY A 104 -30.78 12.72 19.46
N ALA A 105 -29.93 11.73 19.22
CA ALA A 105 -30.04 10.89 18.04
C ALA A 105 -30.62 9.53 18.37
N GLU A 106 -31.34 8.99 17.40
CA GLU A 106 -32.00 7.69 17.45
C GLU A 106 -31.56 6.87 16.23
N LEU A 107 -31.41 5.54 16.39
CA LEU A 107 -31.06 4.68 15.28
C LEU A 107 -32.13 3.61 15.02
N ILE A 108 -32.52 3.45 13.75
CA ILE A 108 -33.44 2.41 13.29
C ILE A 108 -32.58 1.50 12.42
N ILE A 109 -32.31 0.29 12.90
CA ILE A 109 -31.47 -0.67 12.20
C ILE A 109 -32.29 -1.91 11.81
N SER A 110 -32.05 -2.42 10.60
CA SER A 110 -32.69 -3.62 10.09
C SER A 110 -31.68 -4.44 9.28
N GLY A 111 -31.96 -5.73 9.15
CA GLY A 111 -31.14 -6.65 8.38
C GLY A 111 -31.90 -7.30 7.26
N THR A 112 -32.01 -8.63 7.31
CA THR A 112 -32.72 -9.44 6.31
C THR A 112 -34.24 -9.18 6.33
N ALA A 113 -34.79 -8.72 7.47
CA ALA A 113 -36.21 -8.41 7.65
C ALA A 113 -36.65 -7.18 6.86
N GLY A 114 -35.76 -6.19 6.74
CA GLY A 114 -36.02 -4.92 6.05
C GLY A 114 -36.99 -4.05 6.81
N GLY A 115 -37.70 -3.18 6.07
CA GLY A 115 -38.71 -2.28 6.57
C GLY A 115 -38.24 -1.03 7.31
N LYS A 116 -36.94 -0.66 7.17
CA LYS A 116 -36.41 0.53 7.85
C LYS A 116 -36.98 1.83 7.23
N THR A 117 -37.13 1.89 5.89
CA THR A 117 -37.69 3.05 5.16
C THR A 117 -39.20 3.17 5.47
N VAL A 118 -39.92 2.04 5.48
CA VAL A 118 -41.36 1.99 5.78
C VAL A 118 -41.61 2.50 7.21
N LEU A 119 -40.77 2.10 8.18
CA LEU A 119 -40.88 2.54 9.57
C LEU A 119 -40.56 4.03 9.71
N THR A 120 -39.53 4.52 8.97
CA THR A 120 -39.10 5.92 8.98
C THR A 120 -40.25 6.81 8.52
N ASN A 121 -40.89 6.45 7.38
CA ASN A 121 -42.04 7.16 6.80
C ASN A 121 -43.23 7.15 7.74
N HIS A 122 -43.42 6.04 8.49
CA HIS A 122 -44.48 5.88 9.48
C HIS A 122 -44.28 6.86 10.63
N TYR A 123 -43.05 6.90 11.21
CA TYR A 123 -42.72 7.77 12.34
C TYR A 123 -42.71 9.25 11.90
N ALA A 124 -42.25 9.55 10.67
CA ALA A 124 -42.22 10.90 10.09
C ALA A 124 -43.61 11.50 9.97
N ALA A 125 -44.57 10.71 9.45
CA ALA A 125 -45.96 11.10 9.27
C ALA A 125 -46.67 11.27 10.61
N GLN A 126 -46.31 10.42 11.59
CA GLN A 126 -46.83 10.42 12.96
C GLN A 126 -46.45 11.70 13.68
N MET A 127 -45.18 12.15 13.53
CA MET A 127 -44.66 13.38 14.13
C MET A 127 -45.26 14.61 13.46
N CYS A 128 -45.43 14.55 12.13
CA CYS A 128 -46.00 15.63 11.34
C CYS A 128 -47.46 15.86 11.76
N ALA A 129 -48.23 14.76 11.97
CA ALA A 129 -49.63 14.80 12.39
C ALA A 129 -49.77 15.33 13.82
N LYS A 130 -48.73 15.12 14.65
CA LYS A 130 -48.65 15.56 16.04
C LYS A 130 -48.47 17.08 16.13
N GLY A 131 -47.87 17.71 15.12
CA GLY A 131 -47.64 19.15 15.07
C GLY A 131 -46.21 19.62 14.91
N LEU A 132 -45.24 18.67 15.00
CA LEU A 132 -43.81 18.97 14.86
C LEU A 132 -43.44 19.33 13.42
N LYS A 133 -42.39 20.15 13.24
CA LYS A 133 -41.86 20.51 11.93
C LYS A 133 -40.85 19.43 11.59
N VAL A 134 -41.24 18.55 10.67
CA VAL A 134 -40.45 17.37 10.29
C VAL A 134 -39.77 17.56 8.93
N ALA A 135 -38.47 17.20 8.89
CA ALA A 135 -37.65 17.19 7.69
C ALA A 135 -37.12 15.78 7.42
N VAL A 136 -37.00 15.40 6.16
CA VAL A 136 -36.49 14.08 5.76
C VAL A 136 -35.42 14.29 4.68
N VAL A 137 -34.34 13.52 4.76
CA VAL A 137 -33.27 13.53 3.78
C VAL A 137 -32.97 12.06 3.42
N SER A 138 -33.12 11.75 2.13
CA SER A 138 -32.91 10.42 1.57
C SER A 138 -31.55 10.38 0.91
N MET A 139 -30.77 9.34 1.22
CA MET A 139 -29.40 9.16 0.71
C MET A 139 -28.95 7.70 0.83
N ALA A 140 -27.84 7.35 0.10
CA ALA A 140 -27.16 6.04 0.08
C ALA A 140 -28.09 4.87 -0.24
N GLU A 141 -29.16 5.13 -0.99
CA GLU A 141 -30.14 4.11 -1.34
C GLU A 141 -30.57 4.22 -2.79
N ALA A 142 -31.17 3.13 -3.32
CA ALA A 142 -31.69 3.07 -4.69
C ALA A 142 -32.80 4.10 -4.87
N GLU A 143 -32.84 4.74 -6.06
CA GLU A 143 -33.81 5.77 -6.48
C GLU A 143 -33.59 7.09 -5.71
N ARG A 144 -32.41 7.29 -5.08
CA ARG A 144 -32.11 8.49 -4.31
C ARG A 144 -30.90 9.23 -4.88
N PRO A 145 -31.04 10.52 -5.27
CA PRO A 145 -29.91 11.25 -5.88
C PRO A 145 -28.68 11.42 -4.97
N LEU A 146 -28.86 11.67 -3.66
CA LEU A 146 -27.71 11.86 -2.76
C LEU A 146 -26.99 10.54 -2.46
N TYR A 147 -25.65 10.53 -2.65
CA TYR A 147 -24.78 9.37 -2.44
C TYR A 147 -24.72 8.95 -0.97
N GLY A 148 -24.80 9.93 -0.06
CA GLY A 148 -24.80 9.66 1.37
C GLY A 148 -23.45 9.70 2.08
N SER A 149 -22.50 10.51 1.60
CA SER A 149 -21.20 10.67 2.25
C SER A 149 -21.34 11.39 3.60
N VAL A 150 -20.24 11.42 4.41
CA VAL A 150 -20.21 12.10 5.72
C VAL A 150 -20.54 13.60 5.53
N LEU A 151 -20.08 14.21 4.40
CA LEU A 151 -20.37 15.59 4.04
C LEU A 151 -21.88 15.81 3.89
N HIS A 152 -22.57 14.91 3.17
CA HIS A 152 -24.02 14.98 2.94
C HIS A 152 -24.77 14.88 4.26
N VAL A 153 -24.27 14.09 5.23
CA VAL A 153 -24.88 13.91 6.55
C VAL A 153 -24.72 15.21 7.36
N PHE A 154 -23.50 15.79 7.39
CA PHE A 154 -23.27 17.03 8.14
C PHE A 154 -23.93 18.24 7.50
N ALA A 155 -24.00 18.28 6.15
CA ALA A 155 -24.69 19.36 5.44
C ALA A 155 -26.18 19.33 5.74
N ALA A 156 -26.79 18.12 5.76
CA ALA A 156 -28.21 17.92 6.07
C ALA A 156 -28.49 18.31 7.51
N LEU A 157 -27.61 17.88 8.46
CA LEU A 157 -27.72 18.18 9.88
C LEU A 157 -27.70 19.68 10.12
N HIS A 158 -26.74 20.39 9.48
CA HIS A 158 -26.59 21.83 9.60
C HIS A 158 -27.79 22.58 9.01
N LEU A 159 -28.22 22.21 7.78
CA LEU A 159 -29.36 22.85 7.11
C LEU A 159 -30.63 22.73 7.94
N ALA A 160 -30.86 21.55 8.57
CA ALA A 160 -32.00 21.31 9.46
C ALA A 160 -31.87 22.12 10.77
N ALA A 161 -30.67 22.12 11.38
CA ALA A 161 -30.36 22.80 12.63
C ALA A 161 -30.61 24.32 12.58
N VAL A 162 -30.14 25.01 11.53
CA VAL A 162 -30.31 26.47 11.39
C VAL A 162 -31.74 26.84 10.93
N SER A 163 -32.53 25.84 10.53
CA SER A 163 -33.91 26.01 10.08
C SER A 163 -34.92 25.69 11.18
N ASP A 164 -36.21 25.97 10.91
CA ASP A 164 -37.31 25.63 11.82
C ASP A 164 -37.66 24.15 11.56
N VAL A 165 -36.79 23.26 12.05
CA VAL A 165 -36.90 21.80 11.94
C VAL A 165 -36.79 21.22 13.35
N ASP A 166 -37.87 20.57 13.82
CA ASP A 166 -37.89 19.94 15.14
C ASP A 166 -37.29 18.54 15.05
N VAL A 167 -37.75 17.72 14.08
CA VAL A 167 -37.29 16.34 13.89
C VAL A 167 -36.72 16.15 12.47
N LEU A 168 -35.50 15.60 12.38
CA LEU A 168 -34.83 15.28 11.11
C LEU A 168 -34.66 13.77 10.96
N TYR A 169 -35.05 13.23 9.79
CA TYR A 169 -34.91 11.81 9.46
C TYR A 169 -33.84 11.64 8.38
N VAL A 170 -32.76 10.90 8.69
CA VAL A 170 -31.67 10.64 7.75
C VAL A 170 -31.71 9.16 7.36
N ASP A 171 -32.17 8.88 6.14
CA ASP A 171 -32.31 7.52 5.60
C ASP A 171 -31.49 7.38 4.31
N SER A 172 -30.27 6.78 4.36
CA SER A 172 -29.64 6.10 5.50
C SER A 172 -28.15 6.45 5.68
N LEU A 173 -27.50 5.74 6.64
CA LEU A 173 -26.07 5.86 6.94
C LEU A 173 -25.25 4.75 6.23
N ARG A 174 -25.84 4.06 5.23
CA ARG A 174 -25.22 2.95 4.47
C ARG A 174 -23.83 3.34 3.91
N SER A 175 -23.73 4.50 3.25
CA SER A 175 -22.49 4.98 2.65
C SER A 175 -21.45 5.37 3.72
N VAL A 176 -21.89 6.06 4.80
CA VAL A 176 -21.04 6.46 5.93
C VAL A 176 -20.45 5.20 6.61
N TYR A 177 -21.31 4.18 6.83
CA TYR A 177 -20.94 2.89 7.41
C TYR A 177 -19.83 2.23 6.57
N ASN A 178 -20.00 2.27 5.23
CA ASN A 178 -19.04 1.74 4.27
C ASN A 178 -17.73 2.56 4.25
N GLU A 179 -17.85 3.92 4.28
CA GLU A 179 -16.75 4.90 4.29
C GLU A 179 -15.83 4.68 5.51
N LEU A 180 -16.43 4.34 6.67
CA LEU A 180 -15.71 4.11 7.94
C LEU A 180 -15.16 2.68 8.04
N GLY A 181 -15.27 1.92 6.94
CA GLY A 181 -14.78 0.55 6.83
C GLY A 181 -15.64 -0.51 7.48
N GLY A 182 -16.89 -0.17 7.82
CA GLY A 182 -17.86 -1.06 8.44
C GLY A 182 -18.06 -2.41 7.78
N ASN A 183 -17.90 -2.48 6.46
CA ASN A 183 -18.05 -3.71 5.67
C ASN A 183 -16.73 -4.51 5.57
N LEU A 184 -15.68 -4.07 6.29
CA LEU A 184 -14.37 -4.74 6.35
C LEU A 184 -14.19 -5.36 7.74
N LYS A 185 -13.81 -6.65 7.80
CA LYS A 185 -13.58 -7.35 9.06
C LYS A 185 -12.34 -8.24 8.96
N GLY A 188 -10.37 -1.99 14.61
CA GLY A 188 -10.14 -0.65 14.10
C GLY A 188 -11.35 -0.02 13.44
N VAL A 189 -12.25 -0.87 12.94
CA VAL A 189 -13.47 -0.55 12.21
C VAL A 189 -14.60 -0.12 13.17
N SER A 190 -14.87 -0.93 14.23
CA SER A 190 -15.93 -0.67 15.22
C SER A 190 -15.68 0.61 16.02
N ARG A 191 -14.40 1.03 16.19
CA ARG A 191 -14.02 2.26 16.90
C ARG A 191 -14.51 3.49 16.11
N GLN A 192 -14.30 3.49 14.78
CA GLN A 192 -14.72 4.57 13.88
C GLN A 192 -16.25 4.68 13.80
N VAL A 193 -16.97 3.54 13.86
CA VAL A 193 -18.43 3.51 13.84
C VAL A 193 -18.95 4.07 15.19
N ASP A 194 -18.32 3.65 16.31
CA ASP A 194 -18.60 4.12 17.68
C ASP A 194 -18.46 5.65 17.76
N GLY A 195 -17.34 6.14 17.24
CA GLY A 195 -16.99 7.55 17.21
C GLY A 195 -18.01 8.39 16.47
N MET A 196 -18.47 7.87 15.30
CA MET A 196 -19.48 8.53 14.47
C MET A 196 -20.82 8.62 15.21
N LEU A 197 -21.30 7.48 15.73
CA LEU A 197 -22.56 7.36 16.47
C LEU A 197 -22.60 8.32 17.67
N THR A 198 -21.51 8.38 18.49
CA THR A 198 -21.36 9.28 19.65
C THR A 198 -21.41 10.76 19.19
N ALA A 199 -20.71 11.07 18.09
CA ALA A 199 -20.66 12.44 17.57
C ALA A 199 -22.04 12.90 17.10
N LEU A 200 -22.79 12.01 16.41
CA LEU A 200 -24.14 12.32 15.91
C LEU A 200 -25.14 12.60 17.05
N ASP A 201 -25.08 11.84 18.17
CA ASP A 201 -25.94 12.05 19.34
C ASP A 201 -25.56 13.38 20.04
N GLN A 202 -24.24 13.63 20.19
CA GLN A 202 -23.66 14.83 20.77
C GLN A 202 -24.06 16.06 19.97
N TYR A 203 -24.13 15.92 18.63
CA TYR A 203 -24.52 17.00 17.71
C TYR A 203 -25.99 17.36 17.92
N ALA A 204 -26.90 16.37 17.81
CA ALA A 204 -28.35 16.54 17.98
C ALA A 204 -28.70 17.15 19.33
N ARG A 205 -27.89 16.86 20.38
CA ARG A 205 -28.07 17.45 21.69
C ARG A 205 -27.65 18.91 21.67
N ALA A 206 -26.43 19.20 21.17
CA ALA A 206 -25.87 20.57 21.06
C ALA A 206 -26.80 21.52 20.29
N VAL A 207 -27.47 20.98 19.28
CA VAL A 207 -28.34 21.70 18.36
C VAL A 207 -29.83 21.70 18.85
N ASN A 208 -30.16 20.85 19.86
CA ASN A 208 -31.49 20.75 20.49
C ASN A 208 -32.54 20.21 19.51
N MET A 209 -32.12 19.28 18.64
CA MET A 209 -32.97 18.66 17.62
C MET A 209 -33.04 17.15 17.86
N ARG A 210 -34.13 16.51 17.42
CA ARG A 210 -34.26 15.07 17.49
C ARG A 210 -33.91 14.54 16.12
N VAL A 211 -32.80 13.80 16.00
CA VAL A 211 -32.40 13.25 14.71
C VAL A 211 -32.56 11.74 14.73
N VAL A 212 -33.29 11.21 13.75
CA VAL A 212 -33.49 9.77 13.64
C VAL A 212 -32.71 9.31 12.41
N PHE A 213 -31.70 8.45 12.63
CA PHE A 213 -30.85 7.88 11.57
C PHE A 213 -31.26 6.43 11.31
N THR A 214 -31.07 5.95 10.07
CA THR A 214 -31.43 4.57 9.70
C THR A 214 -30.20 3.88 9.11
N LEU A 215 -30.16 2.53 9.20
CA LEU A 215 -29.06 1.73 8.67
C LEU A 215 -29.47 0.29 8.40
N ASN A 216 -29.05 -0.24 7.24
CA ASN A 216 -29.20 -1.63 6.84
C ASN A 216 -27.85 -2.06 6.27
N PRO A 217 -27.01 -2.77 7.06
CA PRO A 217 -25.68 -3.17 6.55
C PRO A 217 -25.78 -4.32 5.52
N SER A 218 -26.43 -4.02 4.36
CA SER A 218 -26.68 -4.96 3.27
C SER A 218 -25.41 -5.29 2.48
N ASP A 219 -24.37 -4.42 2.55
CA ASP A 219 -23.09 -4.60 1.86
C ASP A 219 -22.13 -5.48 2.68
N ASP A 220 -22.52 -5.82 3.92
CA ASP A 220 -21.74 -6.65 4.84
C ASP A 220 -21.90 -8.14 4.49
N GLU A 221 -20.88 -8.96 4.83
CA GLU A 221 -20.87 -10.40 4.61
C GLU A 221 -21.96 -11.07 5.46
N ASN A 222 -21.95 -10.83 6.78
CA ASN A 222 -22.94 -11.33 7.73
C ASN A 222 -23.78 -10.13 8.18
N VAL A 223 -24.88 -9.87 7.45
CA VAL A 223 -25.79 -8.73 7.63
C VAL A 223 -26.41 -8.72 9.04
N ASP A 224 -27.00 -9.84 9.48
CA ASP A 224 -27.67 -9.92 10.79
C ASP A 224 -26.67 -9.86 11.97
N ALA A 225 -25.41 -10.32 11.77
CA ALA A 225 -24.37 -10.25 12.80
C ALA A 225 -23.90 -8.79 12.96
N ALA A 226 -23.89 -8.04 11.83
CA ALA A 226 -23.52 -6.62 11.79
C ALA A 226 -24.61 -5.78 12.47
N VAL A 227 -25.89 -6.18 12.31
CA VAL A 227 -27.06 -5.53 12.93
C VAL A 227 -26.95 -5.66 14.46
N ARG A 228 -26.68 -6.89 14.96
CA ARG A 228 -26.55 -7.18 16.38
C ARG A 228 -25.43 -6.37 17.05
N SER A 229 -24.27 -6.21 16.37
CA SER A 229 -23.15 -5.46 16.93
C SER A 229 -23.38 -3.95 16.85
N VAL A 230 -23.93 -3.44 15.71
CA VAL A 230 -24.21 -2.00 15.57
C VAL A 230 -25.31 -1.60 16.59
N PHE A 231 -26.32 -2.48 16.81
CA PHE A 231 -27.39 -2.25 17.79
C PHE A 231 -26.82 -2.13 19.21
N LYS A 232 -25.82 -2.97 19.56
CA LYS A 232 -25.18 -2.95 20.88
C LYS A 232 -24.38 -1.65 21.06
N THR A 233 -23.69 -1.20 19.99
CA THR A 233 -22.91 0.03 19.95
C THR A 233 -23.84 1.23 20.11
N ALA A 234 -24.93 1.30 19.27
CA ALA A 234 -25.93 2.38 19.27
C ALA A 234 -26.66 2.50 20.62
N SER A 235 -26.82 1.37 21.33
CA SER A 235 -27.48 1.32 22.63
C SER A 235 -26.74 2.17 23.67
N ALA A 236 -25.40 2.26 23.57
CA ALA A 236 -24.55 3.03 24.47
C ALA A 236 -24.30 4.45 23.95
N SER A 237 -24.11 4.61 22.63
CA SER A 237 -23.78 5.89 22.01
C SER A 237 -24.97 6.81 21.73
N MET A 238 -26.16 6.24 21.48
CA MET A 238 -27.32 7.03 21.09
C MET A 238 -28.45 7.00 22.12
N HIS A 239 -29.34 8.01 22.07
CA HIS A 239 -30.47 8.17 22.98
C HIS A 239 -31.44 6.97 22.90
N THR A 240 -31.69 6.50 21.67
CA THR A 240 -32.60 5.41 21.34
C THR A 240 -31.98 4.53 20.23
N ALA A 241 -32.05 3.19 20.38
CA ALA A 241 -31.64 2.24 19.35
C ALA A 241 -32.81 1.27 19.11
N ARG A 242 -33.27 1.17 17.86
CA ARG A 242 -34.41 0.32 17.49
C ARG A 242 -33.99 -0.69 16.41
N ARG A 243 -34.21 -1.97 16.68
CA ARG A 243 -33.87 -3.08 15.78
C ARG A 243 -35.14 -3.75 15.27
N ILE A 244 -35.30 -3.82 13.93
CA ILE A 244 -36.45 -4.49 13.32
C ILE A 244 -36.13 -5.99 13.26
N LYS A 245 -36.85 -6.80 14.06
CA LYS A 245 -36.69 -8.25 14.15
C LYS A 245 -37.47 -8.95 13.04
N SER A 246 -38.73 -8.53 12.85
CA SER A 246 -39.67 -9.06 11.85
C SER A 246 -40.37 -7.92 11.15
N PHE A 247 -40.71 -8.12 9.87
CA PHE A 247 -41.42 -7.12 9.05
C PHE A 247 -42.16 -7.80 7.89
N ALA A 248 -43.45 -7.49 7.75
CA ALA A 248 -44.32 -8.03 6.69
C ALA A 248 -45.33 -6.99 6.21
N VAL A 249 -45.68 -7.04 4.91
CA VAL A 249 -46.63 -6.12 4.27
C VAL A 249 -47.90 -6.91 3.85
N ASN A 250 -49.08 -6.40 4.25
CA ASN A 250 -50.39 -6.95 3.92
C ASN A 250 -51.14 -5.90 3.09
N GLY A 251 -50.89 -5.92 1.78
CA GLY A 251 -51.47 -4.98 0.82
C GLY A 251 -50.93 -3.58 1.00
N THR A 252 -51.73 -2.70 1.63
CA THR A 252 -51.41 -1.30 1.89
C THR A 252 -50.97 -1.09 3.35
N ALA A 253 -51.05 -2.14 4.18
CA ALA A 253 -50.66 -2.09 5.59
C ALA A 253 -49.37 -2.88 5.87
N PHE A 254 -48.68 -2.51 6.94
CA PHE A 254 -47.45 -3.17 7.39
C PHE A 254 -47.55 -3.48 8.87
N THR A 255 -46.71 -4.41 9.34
CA THR A 255 -46.57 -4.78 10.74
C THR A 255 -45.12 -5.18 10.95
N ALA A 256 -44.50 -4.64 12.02
CA ALA A 256 -43.11 -4.90 12.33
C ALA A 256 -42.90 -5.23 13.80
N GLU A 257 -42.17 -6.32 14.07
CA GLU A 257 -41.80 -6.73 15.43
C GLU A 257 -40.43 -6.10 15.67
N THR A 258 -40.36 -5.20 16.65
CA THR A 258 -39.18 -4.41 16.92
C THR A 258 -38.63 -4.61 18.36
N GLU A 259 -37.32 -4.38 18.53
CA GLU A 259 -36.61 -4.40 19.80
C GLU A 259 -36.04 -3.00 20.03
N ILE A 260 -36.46 -2.33 21.11
CA ILE A 260 -36.02 -0.96 21.38
C ILE A 260 -35.21 -0.89 22.68
N HIS A 261 -34.10 -0.15 22.62
CA HIS A 261 -33.24 0.14 23.77
C HIS A 261 -33.31 1.63 24.08
N LEU A 262 -33.56 1.97 25.34
CA LEU A 262 -33.57 3.35 25.83
C LEU A 262 -32.39 3.49 26.78
N ARG A 263 -31.41 4.34 26.44
CA ARG A 263 -30.20 4.56 27.23
C ARG A 263 -30.51 5.02 28.67
N ALA A 264 -31.49 5.95 28.80
CA ALA A 264 -31.95 6.57 30.05
C ALA A 264 -32.25 5.56 31.17
N ASP A 265 -33.05 4.50 30.88
CA ASP A 265 -33.39 3.49 31.88
C ASP A 265 -32.70 2.13 31.62
N ARG A 266 -31.76 2.08 30.62
CA ARG A 266 -30.96 0.90 30.22
C ARG A 266 -31.84 -0.25 29.67
N SER A 267 -33.19 -0.14 29.78
CA SER A 267 -34.18 -1.14 29.38
C SER A 267 -34.11 -1.54 27.89
N ASN A 268 -34.33 -2.84 27.63
CA ASN A 268 -34.40 -3.47 26.32
C ASN A 268 -35.75 -4.19 26.21
N SER A 269 -36.72 -3.58 25.50
CA SER A 269 -38.08 -4.12 25.40
C SER A 269 -38.54 -4.35 23.97
N ALA A 270 -39.48 -5.29 23.81
CA ALA A 270 -40.11 -5.64 22.53
C ALA A 270 -41.27 -4.71 22.26
N ASN A 271 -41.37 -4.17 21.05
CA ASN A 271 -42.43 -3.26 20.66
C ASN A 271 -42.96 -3.63 19.28
N ARG A 272 -44.27 -3.80 19.18
CA ARG A 272 -44.94 -4.13 17.93
C ARG A 272 -45.47 -2.84 17.33
N VAL A 273 -45.05 -2.53 16.11
CA VAL A 273 -45.46 -1.31 15.41
C VAL A 273 -46.10 -1.68 14.06
N SER A 274 -47.35 -1.24 13.86
CA SER A 274 -48.12 -1.47 12.65
C SER A 274 -48.77 -0.17 12.16
N GLY A 275 -49.09 -0.10 10.88
CA GLY A 275 -49.72 1.04 10.25
C GLY A 275 -49.87 0.89 8.74
N ASP A 276 -50.18 2.00 8.05
CA ASP A 276 -50.35 2.01 6.59
C ASP A 276 -49.06 2.45 5.91
N LEU A 277 -48.86 2.02 4.66
CA LEU A 277 -47.69 2.38 3.85
C LEU A 277 -47.78 3.85 3.42
N VAL A 278 -46.81 4.65 3.90
CA VAL A 278 -46.71 6.09 3.62
C VAL A 278 -45.60 6.31 2.58
N SER A 279 -45.94 6.95 1.45
CA SER A 279 -44.99 7.26 0.37
C SER A 279 -44.10 8.45 0.73
N ARG A 280 -42.95 8.60 0.04
CA ARG A 280 -42.00 9.70 0.27
C ARG A 280 -41.80 10.50 -1.02
N ASN B 12 37.59 3.91 39.10
CA ASN B 12 36.96 3.57 37.82
C ASN B 12 35.49 3.20 38.01
N SER B 13 34.62 3.69 37.10
CA SER B 13 33.17 3.44 37.12
C SER B 13 32.61 3.33 35.70
N ILE B 14 31.37 2.80 35.59
CA ILE B 14 30.66 2.60 34.32
C ILE B 14 29.95 3.92 33.95
N ILE B 15 30.13 4.36 32.68
CA ILE B 15 29.53 5.58 32.13
C ILE B 15 28.18 5.27 31.47
N ASP B 16 27.14 6.06 31.78
CA ASP B 16 25.83 5.93 31.15
C ASP B 16 25.77 6.97 30.03
N LEU B 17 25.78 6.48 28.78
CA LEU B 17 25.79 7.31 27.57
C LEU B 17 24.38 7.80 27.19
N GLY B 18 23.35 7.21 27.80
CA GLY B 18 21.96 7.55 27.57
C GLY B 18 21.65 9.04 27.57
N PRO B 19 21.94 9.78 28.67
CA PRO B 19 21.65 11.24 28.67
C PRO B 19 22.36 12.03 27.56
N ARG B 20 23.58 11.62 27.17
CA ARG B 20 24.35 12.28 26.11
C ARG B 20 23.70 12.06 24.73
N VAL B 21 23.12 10.86 24.50
CA VAL B 21 22.39 10.51 23.26
C VAL B 21 21.11 11.34 23.20
N GLN B 22 20.40 11.44 24.35
CA GLN B 22 19.17 12.21 24.52
C GLN B 22 19.36 13.69 24.20
N SER B 23 20.45 14.31 24.70
CA SER B 23 20.75 15.72 24.45
C SER B 23 21.15 15.97 22.99
N LEU B 24 21.88 15.02 22.37
CA LEU B 24 22.27 15.11 20.96
C LEU B 24 21.04 15.07 20.05
N MET B 25 20.05 14.21 20.38
CA MET B 25 18.79 14.07 19.62
C MET B 25 17.98 15.37 19.66
N GLU B 26 18.06 16.13 20.77
CA GLU B 26 17.38 17.42 20.93
C GLU B 26 18.02 18.46 19.99
N GLN B 27 19.36 18.40 19.85
CA GLN B 27 20.14 19.28 18.99
C GLN B 27 19.95 18.94 17.50
N LEU B 28 19.65 17.67 17.21
CA LEU B 28 19.44 17.13 15.86
C LEU B 28 18.00 17.36 15.34
N ALA B 29 17.11 17.90 16.20
CA ALA B 29 15.71 18.19 15.86
C ALA B 29 15.60 19.54 15.11
N THR B 30 16.40 19.70 14.04
CA THR B 30 16.48 20.88 13.17
C THR B 30 15.77 20.63 11.85
N THR B 31 15.30 21.72 11.22
CA THR B 31 14.65 21.72 9.91
C THR B 31 15.71 21.75 8.79
N LYS B 32 16.98 22.07 9.15
CA LYS B 32 18.08 22.22 8.20
C LYS B 32 19.31 21.36 8.59
N LEU B 33 19.15 20.02 8.61
CA LEU B 33 20.29 19.11 8.89
C LEU B 33 21.21 18.98 7.66
N GLU B 34 20.73 19.41 6.49
CA GLU B 34 21.48 19.42 5.23
C GLU B 34 22.58 20.49 5.30
N GLU B 35 22.31 21.59 6.03
CA GLU B 35 23.25 22.68 6.28
C GLU B 35 24.28 22.24 7.33
N GLY B 36 23.87 21.34 8.22
CA GLY B 36 24.70 20.79 9.27
C GLY B 36 24.53 21.44 10.62
N VAL B 37 24.83 20.69 11.69
CA VAL B 37 24.78 21.15 13.08
C VAL B 37 26.24 21.12 13.55
N LYS B 38 26.84 22.31 13.69
CA LYS B 38 28.24 22.50 14.08
C LYS B 38 28.37 22.78 15.58
N ASN B 39 29.64 22.99 16.02
CA ASN B 39 30.09 23.36 17.37
C ASN B 39 29.59 22.41 18.48
N LEU B 40 29.49 21.12 18.15
CA LEU B 40 29.14 20.08 19.13
C LEU B 40 30.42 19.66 19.86
N ASP B 41 30.29 18.92 20.96
CA ASP B 41 31.46 18.43 21.70
C ASP B 41 31.25 16.94 22.00
N MET B 42 31.10 16.15 20.92
CA MET B 42 30.83 14.72 20.99
C MET B 42 32.05 13.93 21.53
N GLY B 43 33.26 14.45 21.31
CA GLY B 43 34.51 13.84 21.74
C GLY B 43 35.63 13.97 20.74
N SER B 44 36.88 14.05 21.21
CA SER B 44 38.03 14.26 20.32
C SER B 44 39.20 13.29 20.61
N VAL B 45 38.96 12.23 21.41
CA VAL B 45 39.97 11.22 21.75
C VAL B 45 40.40 10.47 20.47
N TYR B 46 39.43 10.08 19.62
CA TYR B 46 39.70 9.39 18.35
C TYR B 46 38.99 10.08 17.18
N GLU B 47 39.70 10.24 16.05
CA GLU B 47 39.18 10.87 14.83
C GLU B 47 38.37 9.83 14.06
N ILE B 48 37.06 9.78 14.33
CA ILE B 48 36.16 8.82 13.70
C ILE B 48 34.98 9.54 13.04
N THR B 49 34.59 9.05 11.85
CA THR B 49 33.44 9.54 11.11
C THR B 49 32.46 8.38 10.96
N THR B 50 31.22 8.55 11.45
CA THR B 50 30.15 7.56 11.39
C THR B 50 29.18 7.97 10.30
N VAL B 51 29.01 7.10 9.32
CA VAL B 51 28.09 7.31 8.19
C VAL B 51 26.98 6.26 8.33
N MET B 52 25.72 6.71 8.40
CA MET B 52 24.57 5.82 8.54
C MET B 52 23.50 6.13 7.51
N VAL B 53 22.59 5.17 7.23
CA VAL B 53 21.50 5.43 6.29
C VAL B 53 20.18 5.55 7.08
N LEU B 54 19.46 6.65 6.82
CA LEU B 54 18.14 6.96 7.38
C LEU B 54 17.18 7.10 6.22
N GLY B 55 16.45 6.03 5.93
CA GLY B 55 15.55 5.98 4.79
C GLY B 55 16.37 5.89 3.51
N ASN B 56 16.34 6.95 2.69
CA ASN B 56 17.10 7.04 1.45
C ASN B 56 18.23 8.05 1.60
N SER B 57 18.30 8.72 2.78
CA SER B 57 19.27 9.75 3.11
C SER B 57 20.46 9.19 3.90
N ILE B 58 21.56 9.96 3.91
CA ILE B 58 22.79 9.65 4.63
C ILE B 58 22.94 10.62 5.80
N LEU B 59 23.22 10.10 7.00
CA LEU B 59 23.50 10.95 8.15
C LEU B 59 24.94 10.68 8.58
N GLY B 60 25.77 11.71 8.55
CA GLY B 60 27.16 11.62 8.92
C GLY B 60 27.52 12.35 10.20
N PHE B 61 28.26 11.68 11.08
CA PHE B 61 28.78 12.21 12.34
C PHE B 61 30.27 12.40 12.14
N HIS B 62 30.70 13.65 11.88
CA HIS B 62 32.09 13.97 11.57
C HIS B 62 32.85 14.40 12.83
N LYS B 63 33.75 13.49 13.32
CA LYS B 63 34.57 13.66 14.52
C LYS B 63 33.65 14.02 15.72
N GLY B 64 33.96 15.10 16.44
CA GLY B 64 33.13 15.54 17.56
C GLY B 64 32.40 16.85 17.36
N ASP B 65 32.60 17.49 16.19
CA ASP B 65 32.07 18.82 15.86
C ASP B 65 30.81 18.82 14.97
N LEU B 66 30.82 18.10 13.83
CA LEU B 66 29.74 18.13 12.84
C LEU B 66 28.85 16.89 12.79
N VAL B 67 27.59 17.12 12.40
CA VAL B 67 26.54 16.17 12.09
C VAL B 67 25.75 16.80 10.93
N LYS B 68 25.81 16.18 9.75
CA LYS B 68 25.17 16.67 8.54
C LYS B 68 24.45 15.55 7.80
N MET B 69 23.29 15.87 7.24
CA MET B 69 22.48 14.94 6.44
C MET B 69 22.60 15.29 4.96
N VAL B 70 22.76 14.26 4.11
CA VAL B 70 22.79 14.48 2.67
C VAL B 70 21.72 13.59 2.05
N ARG B 71 21.05 14.09 1.01
CA ARG B 71 20.01 13.36 0.27
C ARG B 71 20.59 13.05 -1.11
N PRO B 72 21.32 11.93 -1.27
CA PRO B 72 21.97 11.65 -2.57
C PRO B 72 20.97 11.35 -3.68
N SER B 73 21.41 11.54 -4.94
CA SER B 73 20.63 11.30 -6.16
C SER B 73 20.12 9.86 -6.21
N VAL B 74 20.97 8.89 -5.82
CA VAL B 74 20.59 7.49 -5.75
C VAL B 74 20.37 7.19 -4.25
N SER B 75 19.47 6.25 -3.92
CA SER B 75 19.16 5.89 -2.54
C SER B 75 20.40 5.44 -1.78
N ALA B 76 20.50 5.82 -0.49
CA ALA B 76 21.59 5.45 0.42
C ALA B 76 21.58 3.93 0.67
N ARG B 77 20.42 3.28 0.45
CA ARG B 77 20.23 1.83 0.57
C ARG B 77 21.07 1.09 -0.48
N ASP B 78 21.11 1.63 -1.71
CA ASP B 78 21.88 1.08 -2.84
C ASP B 78 23.36 1.46 -2.74
N LEU B 79 23.64 2.66 -2.22
CA LEU B 79 24.97 3.24 -2.04
C LEU B 79 25.74 2.56 -0.89
N ILE B 80 25.18 2.56 0.34
CA ILE B 80 25.82 2.05 1.56
C ILE B 80 25.14 0.77 2.08
N GLY B 81 23.83 0.85 2.33
CA GLY B 81 23.06 -0.25 2.87
C GLY B 81 22.60 0.01 4.30
N VAL B 82 23.52 -0.07 5.26
CA VAL B 82 23.20 0.13 6.69
C VAL B 82 24.01 1.31 7.27
N GLY B 83 25.33 1.19 7.26
CA GLY B 83 26.22 2.20 7.82
C GLY B 83 27.62 1.69 8.12
N TYR B 84 28.58 2.61 8.17
CA TYR B 84 29.98 2.26 8.44
C TYR B 84 30.71 3.36 9.22
N ALA B 85 31.99 3.11 9.54
CA ALA B 85 32.88 4.03 10.23
C ALA B 85 34.21 4.13 9.50
N THR B 86 34.73 5.36 9.39
CA THR B 86 36.03 5.67 8.81
C THR B 86 36.84 6.33 9.90
N ALA B 87 38.10 5.90 10.06
CA ALA B 87 38.98 6.40 11.11
C ALA B 87 40.42 6.54 10.64
N SER B 88 41.21 7.41 11.30
CA SER B 88 42.65 7.60 11.01
C SER B 88 43.42 6.37 11.51
N ALA B 89 44.59 6.08 10.92
CA ALA B 89 45.43 4.93 11.28
C ALA B 89 45.82 4.89 12.78
N ALA B 90 45.75 6.05 13.48
CA ALA B 90 46.10 6.20 14.90
C ALA B 90 44.97 5.75 15.87
N VAL B 91 43.84 5.22 15.35
CA VAL B 91 42.72 4.78 16.20
C VAL B 91 43.05 3.39 16.75
N VAL B 92 43.59 3.37 17.99
CA VAL B 92 43.98 2.15 18.70
C VAL B 92 43.67 2.32 20.20
N ARG B 93 42.92 1.36 20.77
CA ARG B 93 42.52 1.35 22.17
C ARG B 93 43.47 0.43 22.94
N GLN B 94 44.52 1.04 23.52
CA GLN B 94 45.63 0.42 24.25
C GLN B 94 45.18 -0.53 25.38
N ARG B 95 44.10 -0.18 26.11
CA ARG B 95 43.59 -0.99 27.22
C ARG B 95 43.06 -2.35 26.75
N LEU B 96 42.54 -2.44 25.49
CA LEU B 96 42.06 -3.70 24.91
C LEU B 96 43.23 -4.64 24.59
N ILE B 97 44.40 -4.07 24.22
CA ILE B 97 45.62 -4.84 23.94
C ILE B 97 46.17 -5.39 25.27
N GLU B 98 46.26 -4.52 26.30
CA GLU B 98 46.76 -4.81 27.65
C GLU B 98 45.95 -5.94 28.33
N HIS B 99 44.63 -5.98 28.10
CA HIS B 99 43.73 -6.97 28.70
C HIS B 99 43.32 -8.07 27.70
N LYS B 100 44.03 -8.15 26.54
CA LYS B 100 43.86 -9.16 25.48
C LYS B 100 42.39 -9.32 25.01
N ILE B 101 41.67 -8.21 24.78
CA ILE B 101 40.28 -8.22 24.32
C ILE B 101 40.23 -7.79 22.86
N GLU B 102 39.71 -8.67 21.98
CA GLU B 102 39.59 -8.45 20.54
C GLU B 102 38.42 -7.53 20.23
N ALA B 103 38.59 -6.60 19.26
CA ALA B 103 37.55 -5.69 18.81
C ALA B 103 36.50 -6.46 18.00
N GLY B 104 35.26 -6.00 18.04
CA GLY B 104 34.15 -6.64 17.36
C GLY B 104 32.88 -6.60 18.18
N ALA B 105 31.76 -7.02 17.57
CA ALA B 105 30.47 -7.03 18.26
C ALA B 105 30.10 -8.43 18.75
N GLU B 106 29.44 -8.48 19.90
CA GLU B 106 28.99 -9.69 20.59
C GLU B 106 27.49 -9.57 20.87
N LEU B 107 26.72 -10.69 20.79
CA LEU B 107 25.28 -10.67 21.05
C LEU B 107 24.88 -11.57 22.21
N ILE B 108 24.04 -11.01 23.11
CA ILE B 108 23.45 -11.73 24.23
C ILE B 108 21.97 -11.80 23.93
N ILE B 109 21.47 -13.00 23.61
CA ILE B 109 20.06 -13.18 23.24
C ILE B 109 19.36 -14.09 24.26
N SER B 110 18.12 -13.73 24.60
CA SER B 110 17.29 -14.50 25.52
C SER B 110 15.84 -14.50 25.05
N GLY B 111 15.08 -15.50 25.49
CA GLY B 111 13.68 -15.65 25.15
C GLY B 111 12.80 -15.62 26.38
N THR B 112 12.07 -16.72 26.60
CA THR B 112 11.15 -16.91 27.73
C THR B 112 11.90 -16.96 29.08
N ALA B 113 13.18 -17.38 29.06
CA ALA B 113 14.05 -17.49 30.24
C ALA B 113 14.42 -16.12 30.83
N GLY B 114 14.60 -15.11 29.97
CA GLY B 114 14.99 -13.76 30.35
C GLY B 114 16.43 -13.68 30.83
N GLY B 115 16.71 -12.69 31.67
CA GLY B 115 18.01 -12.45 32.28
C GLY B 115 19.10 -11.82 31.42
N LYS B 116 18.72 -11.22 30.27
CA LYS B 116 19.70 -10.59 29.37
C LYS B 116 20.28 -9.30 30.01
N THR B 117 19.44 -8.49 30.70
CA THR B 117 19.87 -7.27 31.38
C THR B 117 20.76 -7.61 32.60
N VAL B 118 20.38 -8.65 33.37
CA VAL B 118 21.11 -9.11 34.55
C VAL B 118 22.52 -9.59 34.11
N LEU B 119 22.60 -10.33 33.00
CA LEU B 119 23.88 -10.82 32.45
C LEU B 119 24.75 -9.67 31.94
N THR B 120 24.13 -8.68 31.27
CA THR B 120 24.81 -7.49 30.73
C THR B 120 25.49 -6.72 31.87
N ASN B 121 24.74 -6.46 32.96
CA ASN B 121 25.22 -5.75 34.15
C ASN B 121 26.35 -6.53 34.83
N HIS B 122 26.26 -7.87 34.81
CA HIS B 122 27.27 -8.77 35.36
C HIS B 122 28.58 -8.64 34.59
N TYR B 123 28.51 -8.74 33.24
CA TYR B 123 29.68 -8.64 32.36
C TYR B 123 30.27 -7.22 32.34
N ALA B 124 29.41 -6.19 32.38
CA ALA B 124 29.84 -4.79 32.41
C ALA B 124 30.68 -4.49 33.67
N ALA B 125 30.19 -4.93 34.85
CA ALA B 125 30.86 -4.76 36.15
C ALA B 125 32.18 -5.51 36.20
N GLN B 126 32.22 -6.70 35.55
CA GLN B 126 33.37 -7.59 35.43
C GLN B 126 34.48 -6.91 34.61
N MET B 127 34.10 -6.22 33.52
CA MET B 127 35.02 -5.50 32.64
C MET B 127 35.53 -4.22 33.30
N CYS B 128 34.65 -3.53 34.07
CA CYS B 128 34.98 -2.31 34.80
C CYS B 128 36.01 -2.63 35.89
N ALA B 129 35.83 -3.77 36.58
CA ALA B 129 36.73 -4.25 37.64
C ALA B 129 38.08 -4.66 37.08
N LYS B 130 38.11 -5.10 35.80
CA LYS B 130 39.30 -5.53 35.08
C LYS B 130 40.23 -4.35 34.77
N GLY B 131 39.67 -3.17 34.53
CA GLY B 131 40.46 -1.98 34.24
C GLY B 131 40.12 -1.29 32.93
N LEU B 132 39.03 -1.73 32.26
CA LEU B 132 38.57 -1.16 31.00
C LEU B 132 37.59 -0.01 31.23
N LYS B 133 37.60 0.99 30.35
CA LYS B 133 36.67 2.11 30.40
C LYS B 133 35.38 1.61 29.75
N VAL B 134 34.36 1.34 30.58
CA VAL B 134 33.08 0.75 30.16
C VAL B 134 31.96 1.81 30.11
N ALA B 135 31.19 1.79 29.02
CA ALA B 135 30.01 2.63 28.80
C ALA B 135 28.81 1.76 28.52
N VAL B 136 27.64 2.15 29.04
CA VAL B 136 26.39 1.41 28.85
C VAL B 136 25.33 2.39 28.34
N VAL B 137 24.50 1.91 27.39
CA VAL B 137 23.39 2.68 26.85
C VAL B 137 22.15 1.77 26.89
N SER B 138 21.13 2.24 27.62
CA SER B 138 19.87 1.53 27.79
C SER B 138 18.83 2.12 26.86
N MET B 139 18.17 1.26 26.07
CA MET B 139 17.17 1.66 25.10
C MET B 139 16.19 0.51 24.82
N ALA B 140 15.05 0.81 24.12
CA ALA B 140 13.99 -0.11 23.70
C ALA B 140 13.47 -1.03 24.83
N GLU B 141 13.45 -0.53 26.07
CA GLU B 141 13.00 -1.33 27.21
C GLU B 141 12.21 -0.50 28.21
N ALA B 142 11.44 -1.18 29.07
CA ALA B 142 10.65 -0.56 30.13
C ALA B 142 11.57 0.16 31.12
N GLU B 143 11.14 1.34 31.61
CA GLU B 143 11.86 2.21 32.56
C GLU B 143 13.09 2.88 31.89
N ARG B 144 13.15 2.89 30.54
CA ARG B 144 14.29 3.47 29.80
C ARG B 144 13.81 4.62 28.89
N PRO B 145 14.36 5.85 29.05
CA PRO B 145 13.89 6.97 28.22
C PRO B 145 14.14 6.82 26.71
N LEU B 146 15.29 6.25 26.28
CA LEU B 146 15.58 6.10 24.85
C LEU B 146 14.72 5.00 24.20
N TYR B 147 14.04 5.37 23.09
CA TYR B 147 13.16 4.49 22.31
C TYR B 147 13.93 3.32 21.68
N GLY B 148 15.18 3.56 21.29
CA GLY B 148 16.04 2.52 20.72
C GLY B 148 16.06 2.35 19.22
N SER B 149 15.81 3.44 18.47
CA SER B 149 15.83 3.45 17.00
C SER B 149 17.27 3.23 16.47
N VAL B 150 17.41 2.99 15.16
CA VAL B 150 18.71 2.79 14.49
C VAL B 150 19.59 4.07 14.71
N LEU B 151 18.96 5.27 14.72
CA LEU B 151 19.63 6.54 14.99
C LEU B 151 20.27 6.53 16.37
N HIS B 152 19.52 6.09 17.40
CA HIS B 152 19.98 6.01 18.79
C HIS B 152 21.17 5.06 18.92
N VAL B 153 21.17 3.94 18.15
CA VAL B 153 22.24 2.95 18.14
C VAL B 153 23.51 3.58 17.55
N PHE B 154 23.40 4.20 16.35
CA PHE B 154 24.51 4.83 15.65
C PHE B 154 25.04 6.07 16.39
N ALA B 155 24.18 6.82 17.09
CA ALA B 155 24.58 7.98 17.89
C ALA B 155 25.39 7.52 19.11
N ALA B 156 24.92 6.46 19.81
CA ALA B 156 25.59 5.87 20.97
C ALA B 156 26.94 5.29 20.57
N LEU B 157 26.99 4.56 19.43
CA LEU B 157 28.22 3.97 18.90
C LEU B 157 29.26 5.05 18.63
N HIS B 158 28.86 6.14 17.92
CA HIS B 158 29.73 7.26 17.58
C HIS B 158 30.24 7.98 18.82
N LEU B 159 29.34 8.29 19.78
CA LEU B 159 29.70 9.00 21.02
C LEU B 159 30.74 8.21 21.80
N ALA B 160 30.62 6.87 21.86
CA ALA B 160 31.56 5.98 22.53
C ALA B 160 32.88 5.87 21.75
N ALA B 161 32.79 5.77 20.39
CA ALA B 161 33.93 5.63 19.48
C ALA B 161 34.91 6.81 19.55
N VAL B 162 34.39 8.07 19.50
CA VAL B 162 35.21 9.30 19.54
C VAL B 162 35.72 9.61 20.96
N SER B 163 35.12 8.97 21.99
CA SER B 163 35.50 9.15 23.40
C SER B 163 36.51 8.08 23.84
N ASP B 164 36.88 8.10 25.12
CA ASP B 164 37.78 7.13 25.73
C ASP B 164 36.92 5.99 26.32
N VAL B 165 36.36 5.17 25.43
CA VAL B 165 35.52 4.02 25.78
C VAL B 165 36.12 2.78 25.12
N ASP B 166 36.45 1.77 25.94
CA ASP B 166 37.02 0.52 25.45
C ASP B 166 35.91 -0.48 25.13
N VAL B 167 34.92 -0.62 26.05
CA VAL B 167 33.80 -1.54 25.89
C VAL B 167 32.47 -0.78 26.03
N LEU B 168 31.54 -1.01 25.08
CA LEU B 168 30.21 -0.39 25.07
C LEU B 168 29.14 -1.47 25.11
N TYR B 169 28.14 -1.33 26.00
CA TYR B 169 27.02 -2.26 26.13
C TYR B 169 25.74 -1.57 25.65
N VAL B 170 25.07 -2.17 24.66
CA VAL B 170 23.84 -1.64 24.09
C VAL B 170 22.70 -2.61 24.43
N ASP B 171 21.85 -2.21 25.40
CA ASP B 171 20.73 -3.01 25.88
C ASP B 171 19.40 -2.23 25.70
N SER B 172 18.56 -2.56 24.68
CA SER B 172 18.72 -3.64 23.71
C SER B 172 18.49 -3.18 22.25
N LEU B 173 18.47 -4.15 21.31
CA LEU B 173 18.19 -3.95 19.89
C LEU B 173 16.71 -4.27 19.55
N ARG B 174 15.83 -4.36 20.58
CA ARG B 174 14.40 -4.70 20.44
C ARG B 174 13.69 -3.83 19.38
N SER B 175 13.88 -2.50 19.44
CA SER B 175 13.24 -1.55 18.54
C SER B 175 13.82 -1.67 17.11
N VAL B 176 15.15 -1.84 16.98
CA VAL B 176 15.85 -2.01 15.70
C VAL B 176 15.35 -3.29 15.02
N TYR B 177 15.23 -4.39 15.80
CA TYR B 177 14.73 -5.69 15.34
C TYR B 177 13.31 -5.53 14.78
N ASN B 178 12.46 -4.75 15.47
CA ASN B 178 11.09 -4.44 15.08
C ASN B 178 11.07 -3.56 13.81
N GLU B 179 11.92 -2.51 13.78
CA GLU B 179 12.08 -1.55 12.68
C GLU B 179 12.45 -2.26 11.37
N LEU B 180 13.29 -3.30 11.44
CA LEU B 180 13.76 -4.09 10.29
C LEU B 180 12.75 -5.20 9.90
N GLY B 181 11.58 -5.19 10.54
CA GLY B 181 10.50 -6.13 10.27
C GLY B 181 10.67 -7.51 10.89
N GLY B 182 11.59 -7.65 11.84
CA GLY B 182 11.89 -8.90 12.55
C GLY B 182 10.70 -9.64 13.13
N ASN B 183 9.66 -8.89 13.55
CA ASN B 183 8.43 -9.43 14.15
C ASN B 183 7.38 -9.78 13.06
N LEU B 184 7.74 -9.67 11.77
CA LEU B 184 6.88 -10.02 10.63
C LEU B 184 7.42 -11.27 9.95
N LYS B 185 6.54 -12.26 9.69
CA LYS B 185 6.91 -13.53 9.04
C LYS B 185 5.84 -13.97 8.04
N GLY B 188 12.77 -11.84 3.24
CA GLY B 188 13.14 -10.43 3.12
C GLY B 188 13.49 -9.77 4.44
N VAL B 189 12.97 -10.33 5.55
CA VAL B 189 13.13 -9.87 6.92
C VAL B 189 14.51 -10.27 7.50
N SER B 190 14.88 -11.57 7.38
CA SER B 190 16.14 -12.12 7.89
C SER B 190 17.38 -11.51 7.21
N ARG B 191 17.25 -11.04 5.95
CA ARG B 191 18.32 -10.40 5.19
C ARG B 191 18.68 -9.05 5.84
N GLN B 192 17.67 -8.24 6.21
CA GLN B 192 17.83 -6.94 6.85
C GLN B 192 18.43 -7.08 8.25
N VAL B 193 18.07 -8.16 8.99
CA VAL B 193 18.60 -8.44 10.34
C VAL B 193 20.08 -8.86 10.19
N ASP B 194 20.39 -9.72 9.19
CA ASP B 194 21.75 -10.18 8.84
C ASP B 194 22.65 -8.99 8.53
N GLY B 195 22.15 -8.08 7.67
CA GLY B 195 22.82 -6.87 7.23
C GLY B 195 23.17 -5.95 8.38
N MET B 196 22.23 -5.78 9.34
CA MET B 196 22.44 -4.96 10.53
C MET B 196 23.51 -5.56 11.41
N LEU B 197 23.38 -6.85 11.76
CA LEU B 197 24.31 -7.60 12.60
C LEU B 197 25.75 -7.55 12.04
N THR B 198 25.91 -7.74 10.71
CA THR B 198 27.21 -7.69 10.03
C THR B 198 27.79 -6.26 10.11
N ALA B 199 26.95 -5.22 9.88
CA ALA B 199 27.35 -3.82 9.90
C ALA B 199 27.90 -3.42 11.27
N LEU B 200 27.22 -3.86 12.36
CA LEU B 200 27.58 -3.60 13.75
C LEU B 200 28.90 -4.24 14.11
N ASP B 201 29.18 -5.44 13.56
CA ASP B 201 30.45 -6.13 13.81
C ASP B 201 31.57 -5.44 13.03
N GLN B 202 31.27 -4.99 11.80
CA GLN B 202 32.20 -4.28 10.92
C GLN B 202 32.56 -2.93 11.51
N TYR B 203 31.57 -2.24 12.10
CA TYR B 203 31.71 -0.94 12.75
C TYR B 203 32.68 -1.03 13.91
N ALA B 204 32.40 -1.94 14.87
CA ALA B 204 33.21 -2.18 16.08
C ALA B 204 34.68 -2.49 15.73
N ARG B 205 34.91 -3.27 14.66
CA ARG B 205 36.25 -3.63 14.18
C ARG B 205 36.98 -2.40 13.61
N ALA B 206 36.29 -1.56 12.81
CA ALA B 206 36.82 -0.34 12.19
C ALA B 206 37.18 0.72 13.23
N VAL B 207 36.35 0.84 14.27
CA VAL B 207 36.45 1.79 15.36
C VAL B 207 37.38 1.24 16.49
N ASN B 208 37.74 -0.06 16.42
CA ASN B 208 38.62 -0.80 17.32
C ASN B 208 38.07 -0.83 18.76
N MET B 209 36.77 -1.06 18.89
CA MET B 209 36.04 -1.09 20.16
C MET B 209 35.29 -2.41 20.33
N ARG B 210 35.10 -2.87 21.58
CA ARG B 210 34.30 -4.06 21.85
C ARG B 210 32.88 -3.59 22.15
N VAL B 211 31.89 -4.04 21.37
CA VAL B 211 30.49 -3.63 21.57
C VAL B 211 29.65 -4.88 21.86
N VAL B 212 28.91 -4.86 22.96
CA VAL B 212 28.06 -5.98 23.37
C VAL B 212 26.60 -5.58 23.22
N PHE B 213 25.89 -6.22 22.29
CA PHE B 213 24.48 -5.95 22.01
C PHE B 213 23.61 -7.03 22.65
N THR B 214 22.39 -6.64 23.07
CA THR B 214 21.45 -7.57 23.69
C THR B 214 20.14 -7.55 22.90
N LEU B 215 19.38 -8.66 22.96
CA LEU B 215 18.10 -8.79 22.28
C LEU B 215 17.21 -9.86 22.91
N ASN B 216 15.92 -9.53 23.07
CA ASN B 216 14.86 -10.41 23.52
C ASN B 216 13.68 -10.18 22.58
N PRO B 217 13.47 -11.05 21.57
CA PRO B 217 12.35 -10.83 20.62
C PRO B 217 10.98 -11.17 21.25
N SER B 218 10.60 -10.39 22.29
CA SER B 218 9.37 -10.53 23.07
C SER B 218 8.12 -10.10 22.28
N ASP B 219 8.30 -9.27 21.24
CA ASP B 219 7.20 -8.79 20.38
C ASP B 219 6.88 -9.80 19.26
N ASP B 220 7.70 -10.86 19.13
CA ASP B 220 7.53 -11.92 18.13
C ASP B 220 6.46 -12.92 18.58
N GLU B 221 5.81 -13.59 17.61
CA GLU B 221 4.77 -14.60 17.85
C GLU B 221 5.39 -15.82 18.56
N ASN B 222 6.47 -16.39 17.95
CA ASN B 222 7.22 -17.52 18.51
C ASN B 222 8.58 -16.98 18.94
N VAL B 223 8.66 -16.53 20.20
CA VAL B 223 9.83 -15.89 20.83
C VAL B 223 11.06 -16.82 20.81
N ASP B 224 10.93 -18.08 21.27
CA ASP B 224 12.05 -19.02 21.34
C ASP B 224 12.51 -19.48 19.94
N ALA B 225 11.62 -19.51 18.94
CA ALA B 225 11.97 -19.86 17.56
C ALA B 225 12.77 -18.71 16.91
N ALA B 226 12.43 -17.46 17.30
CA ALA B 226 13.11 -16.25 16.84
C ALA B 226 14.51 -16.17 17.44
N VAL B 227 14.66 -16.61 18.71
CA VAL B 227 15.93 -16.67 19.45
C VAL B 227 16.88 -17.64 18.72
N ARG B 228 16.39 -18.85 18.39
CA ARG B 228 17.16 -19.89 17.71
C ARG B 228 17.68 -19.44 16.34
N SER B 229 16.85 -18.72 15.55
CA SER B 229 17.25 -18.24 14.23
C SER B 229 18.19 -17.02 14.32
N VAL B 230 17.92 -16.06 15.23
CA VAL B 230 18.79 -14.88 15.41
C VAL B 230 20.17 -15.35 15.95
N PHE B 231 20.19 -16.36 16.85
CA PHE B 231 21.42 -16.94 17.39
C PHE B 231 22.27 -17.57 16.27
N LYS B 232 21.63 -18.26 15.30
CA LYS B 232 22.32 -18.89 14.17
C LYS B 232 22.92 -17.80 13.25
N THR B 233 22.16 -16.70 13.03
CA THR B 233 22.57 -15.55 12.22
C THR B 233 23.76 -14.86 12.89
N ALA B 234 23.63 -14.53 14.20
CA ALA B 234 24.63 -13.86 15.02
C ALA B 234 25.93 -14.64 15.11
N SER B 235 25.85 -15.98 15.06
CA SER B 235 26.98 -16.91 15.12
C SER B 235 27.95 -16.69 13.94
N ALA B 236 27.42 -16.28 12.78
CA ALA B 236 28.20 -16.01 11.57
C ALA B 236 28.53 -14.50 11.43
N SER B 237 27.54 -13.63 11.70
CA SER B 237 27.66 -12.18 11.56
C SER B 237 28.53 -11.50 12.63
N MET B 238 28.59 -12.06 13.85
CA MET B 238 29.30 -11.41 14.94
C MET B 238 30.38 -12.29 15.60
N HIS B 239 31.34 -11.63 16.29
CA HIS B 239 32.51 -12.20 16.97
C HIS B 239 32.12 -13.33 17.95
N THR B 240 31.05 -13.10 18.73
CA THR B 240 30.52 -14.03 19.71
C THR B 240 28.99 -13.90 19.77
N ALA B 241 28.31 -15.02 19.98
CA ALA B 241 26.85 -15.09 20.16
C ALA B 241 26.57 -15.94 21.39
N ARG B 242 25.82 -15.37 22.35
CA ARG B 242 25.48 -16.03 23.60
C ARG B 242 23.97 -16.12 23.78
N ARG B 243 23.46 -17.33 23.99
CA ARG B 243 22.04 -17.62 24.17
C ARG B 243 21.76 -18.08 25.60
N ILE B 244 20.86 -17.38 26.31
CA ILE B 244 20.46 -17.77 27.68
C ILE B 244 19.38 -18.85 27.56
N LYS B 245 19.73 -20.09 27.96
CA LYS B 245 18.83 -21.26 27.93
C LYS B 245 17.95 -21.30 29.17
N SER B 246 18.56 -21.08 30.35
CA SER B 246 17.92 -21.07 31.67
C SER B 246 18.39 -19.89 32.48
N PHE B 247 17.52 -19.35 33.35
CA PHE B 247 17.82 -18.21 34.22
C PHE B 247 16.91 -18.20 35.45
N ALA B 248 17.51 -18.10 36.64
CA ALA B 248 16.80 -18.05 37.92
C ALA B 248 17.49 -17.13 38.91
N VAL B 249 16.69 -16.45 39.77
CA VAL B 249 17.17 -15.52 40.79
C VAL B 249 16.90 -16.11 42.19
N ASN B 250 17.96 -16.17 43.04
CA ASN B 250 17.91 -16.65 44.42
C ASN B 250 18.27 -15.47 45.34
N GLY B 251 17.25 -14.67 45.65
CA GLY B 251 17.38 -13.47 46.47
C GLY B 251 18.15 -12.37 45.78
N THR B 252 19.44 -12.21 46.15
CA THR B 252 20.35 -11.19 45.59
C THR B 252 21.31 -11.81 44.56
N ALA B 253 21.27 -13.14 44.40
CA ALA B 253 22.13 -13.86 43.46
C ALA B 253 21.34 -14.42 42.27
N PHE B 254 22.03 -14.63 41.14
CA PHE B 254 21.46 -15.19 39.92
C PHE B 254 22.33 -16.32 39.43
N THR B 255 21.77 -17.18 38.57
CA THR B 255 22.45 -18.28 37.91
C THR B 255 21.78 -18.46 36.55
N ALA B 256 22.60 -18.55 35.49
CA ALA B 256 22.11 -18.69 34.13
C ALA B 256 22.86 -19.78 33.37
N GLU B 257 22.10 -20.67 32.71
CA GLU B 257 22.64 -21.74 31.85
C GLU B 257 22.66 -21.14 30.46
N THR B 258 23.85 -21.00 29.88
CA THR B 258 24.06 -20.32 28.61
C THR B 258 24.72 -21.22 27.56
N GLU B 259 24.48 -20.89 26.26
CA GLU B 259 25.09 -21.53 25.10
C GLU B 259 25.87 -20.45 24.35
N ILE B 260 27.20 -20.62 24.22
CA ILE B 260 28.05 -19.63 23.57
C ILE B 260 28.68 -20.19 22.27
N HIS B 261 28.65 -19.36 21.22
CA HIS B 261 29.28 -19.63 19.94
C HIS B 261 30.43 -18.65 19.72
N LEU B 262 31.61 -19.18 19.38
CA LEU B 262 32.79 -18.38 19.07
C LEU B 262 33.08 -18.59 17.59
N ARG B 263 33.00 -17.51 16.80
CA ARG B 263 33.21 -17.52 15.35
C ARG B 263 34.61 -18.03 14.97
N ALA B 264 35.65 -17.65 15.76
CA ALA B 264 37.06 -17.99 15.55
C ALA B 264 37.31 -19.51 15.41
N ASP B 265 36.77 -20.33 16.33
CA ASP B 265 36.97 -21.77 16.30
C ASP B 265 35.70 -22.55 15.90
N ARG B 266 34.61 -21.82 15.50
CA ARG B 266 33.31 -22.36 15.07
C ARG B 266 32.57 -23.13 16.22
N SER B 267 33.24 -23.37 17.35
CA SER B 267 32.74 -24.10 18.53
C SER B 267 31.45 -23.53 19.13
N ASN B 268 30.58 -24.44 19.60
CA ASN B 268 29.32 -24.18 20.27
C ASN B 268 29.34 -24.94 21.60
N SER B 269 29.59 -24.23 22.70
CA SER B 269 29.72 -24.86 24.02
C SER B 269 28.76 -24.29 25.07
N ALA B 270 28.43 -25.12 26.08
CA ALA B 270 27.57 -24.76 27.21
C ALA B 270 28.41 -24.09 28.29
N ASN B 271 27.90 -22.98 28.84
CA ASN B 271 28.61 -22.23 29.87
C ASN B 271 27.64 -21.79 30.96
N ARG B 272 27.98 -22.11 32.22
CA ARG B 272 27.17 -21.74 33.37
C ARG B 272 27.76 -20.46 33.96
N VAL B 273 26.93 -19.42 34.07
CA VAL B 273 27.36 -18.12 34.59
C VAL B 273 26.45 -17.72 35.76
N SER B 274 27.06 -17.47 36.91
CA SER B 274 26.39 -17.07 38.16
C SER B 274 27.11 -15.88 38.80
N GLY B 275 26.37 -15.14 39.61
CA GLY B 275 26.89 -13.97 40.32
C GLY B 275 25.82 -13.24 41.10
N ASP B 276 26.13 -12.02 41.56
CA ASP B 276 25.21 -11.19 42.32
C ASP B 276 24.49 -10.19 41.39
N LEU B 277 23.29 -9.74 41.79
CA LEU B 277 22.50 -8.78 41.03
C LEU B 277 23.14 -7.39 41.12
N VAL B 278 23.59 -6.86 39.97
CA VAL B 278 24.23 -5.55 39.82
C VAL B 278 23.21 -4.57 39.23
N SER B 279 22.96 -3.46 39.94
CA SER B 279 22.01 -2.42 39.51
C SER B 279 22.62 -1.53 38.42
N ARG B 280 21.75 -0.81 37.67
CA ARG B 280 22.17 0.11 36.59
C ARG B 280 21.63 1.51 36.87
N ASN C 12 -12.10 20.61 49.18
CA ASN C 12 -11.37 19.96 48.09
C ASN C 12 -12.33 19.18 47.16
N SER C 13 -12.10 19.28 45.84
CA SER C 13 -12.90 18.61 44.81
C SER C 13 -12.05 18.15 43.62
N ILE C 14 -12.62 17.26 42.79
CA ILE C 14 -11.98 16.70 41.60
C ILE C 14 -12.18 17.69 40.42
N ILE C 15 -11.08 17.97 39.70
CA ILE C 15 -11.05 18.87 38.54
C ILE C 15 -11.27 18.07 37.25
N ASP C 16 -12.18 18.53 36.36
CA ASP C 16 -12.40 17.92 35.06
C ASP C 16 -11.60 18.74 34.03
N LEU C 17 -10.53 18.13 33.51
CA LEU C 17 -9.61 18.76 32.56
C LEU C 17 -10.12 18.72 31.11
N GLY C 18 -11.18 17.94 30.85
CA GLY C 18 -11.81 17.79 29.55
C GLY C 18 -12.09 19.09 28.82
N PRO C 19 -12.87 20.04 29.43
CA PRO C 19 -13.16 21.32 28.75
C PRO C 19 -11.91 22.15 28.41
N ARG C 20 -10.85 22.07 29.25
CA ARG C 20 -9.60 22.80 29.03
C ARG C 20 -8.83 22.23 27.84
N VAL C 21 -8.87 20.89 27.64
CA VAL C 21 -8.27 20.18 26.51
C VAL C 21 -9.02 20.60 25.23
N GLN C 22 -10.36 20.61 25.30
CA GLN C 22 -11.26 20.99 24.20
C GLN C 22 -11.01 22.41 23.71
N SER C 23 -10.84 23.39 24.63
CA SER C 23 -10.58 24.78 24.27
C SER C 23 -9.17 24.95 23.67
N LEU C 24 -8.17 24.19 24.17
CA LEU C 24 -6.80 24.22 23.65
C LEU C 24 -6.77 23.71 22.21
N MET C 25 -7.53 22.63 21.91
CA MET C 25 -7.64 22.03 20.57
C MET C 25 -8.23 23.02 19.55
N GLU C 26 -9.14 23.90 20.01
CA GLU C 26 -9.76 24.93 19.17
C GLU C 26 -8.71 25.99 18.79
N GLN C 27 -7.83 26.33 19.74
CA GLN C 27 -6.74 27.29 19.58
C GLN C 27 -5.61 26.73 18.71
N LEU C 28 -5.43 25.39 18.72
CA LEU C 28 -4.41 24.65 17.99
C LEU C 28 -4.81 24.36 16.53
N ALA C 29 -6.07 24.70 16.15
CA ALA C 29 -6.60 24.49 14.81
C ALA C 29 -6.15 25.63 13.85
N THR C 30 -4.83 25.89 13.82
CA THR C 30 -4.16 26.92 13.00
C THR C 30 -3.45 26.28 11.82
N THR C 31 -3.27 27.06 10.75
CA THR C 31 -2.57 26.69 9.53
C THR C 31 -1.05 26.92 9.71
N LYS C 32 -0.67 27.68 10.77
CA LYS C 32 0.72 28.06 11.03
C LYS C 32 1.16 27.69 12.47
N LEU C 33 1.18 26.38 12.81
CA LEU C 33 1.65 25.93 14.12
C LEU C 33 3.19 25.94 14.18
N GLU C 34 3.86 26.05 13.01
CA GLU C 34 5.32 26.15 12.90
C GLU C 34 5.79 27.51 13.43
N GLU C 35 4.95 28.55 13.26
CA GLU C 35 5.17 29.91 13.78
C GLU C 35 4.92 29.94 15.29
N GLY C 36 4.04 29.06 15.75
CA GLY C 36 3.68 28.92 17.16
C GLY C 36 2.42 29.64 17.56
N VAL C 37 1.78 29.15 18.63
CA VAL C 37 0.57 29.74 19.22
C VAL C 37 0.99 30.22 20.61
N LYS C 38 1.13 31.54 20.75
CA LYS C 38 1.58 32.21 21.97
C LYS C 38 0.40 32.69 22.82
N ASN C 39 0.73 33.34 23.96
CA ASN C 39 -0.17 33.98 24.94
C ASN C 39 -1.28 33.06 25.48
N LEU C 40 -0.96 31.77 25.64
CA LEU C 40 -1.87 30.81 26.25
C LEU C 40 -1.72 30.89 27.79
N ASP C 41 -2.64 30.27 28.52
CA ASP C 41 -2.57 30.26 29.98
C ASP C 41 -2.80 28.83 30.46
N MET C 42 -1.91 27.92 30.01
CA MET C 42 -1.99 26.50 30.31
C MET C 42 -1.68 26.21 31.81
N GLY C 43 -0.92 27.09 32.45
CA GLY C 43 -0.54 26.97 33.87
C GLY C 43 0.91 27.32 34.12
N SER C 44 1.20 27.92 35.29
CA SER C 44 2.55 28.37 35.64
C SER C 44 3.04 27.85 37.02
N VAL C 45 2.34 26.85 37.58
CA VAL C 45 2.72 26.23 38.87
C VAL C 45 4.07 25.51 38.72
N TYR C 46 4.25 24.74 37.62
CA TYR C 46 5.50 24.01 37.36
C TYR C 46 6.04 24.29 35.95
N GLU C 47 7.37 24.49 35.83
CA GLU C 47 8.04 24.75 34.56
C GLU C 47 8.31 23.42 33.84
N ILE C 48 7.35 23.01 33.01
CA ILE C 48 7.45 21.74 32.28
C ILE C 48 7.28 21.97 30.76
N THR C 49 8.10 21.26 29.97
CA THR C 49 8.01 21.26 28.51
C THR C 49 7.67 19.83 28.06
N THR C 50 6.55 19.69 27.32
CA THR C 50 6.09 18.41 26.79
C THR C 50 6.40 18.35 25.30
N VAL C 51 7.19 17.35 24.92
CA VAL C 51 7.59 17.13 23.53
C VAL C 51 6.94 15.82 23.09
N MET C 52 6.13 15.87 22.01
CA MET C 52 5.43 14.70 21.49
C MET C 52 5.67 14.54 19.98
N VAL C 53 5.45 13.32 19.44
CA VAL C 53 5.60 13.11 18.01
C VAL C 53 4.19 12.92 17.40
N LEU C 54 3.90 13.68 16.34
CA LEU C 54 2.68 13.64 15.55
C LEU C 54 3.10 13.34 14.12
N GLY C 55 3.00 12.07 13.75
CA GLY C 55 3.46 11.59 12.44
C GLY C 55 4.97 11.59 12.42
N ASN C 56 5.56 12.48 11.60
CA ASN C 56 7.00 12.67 11.46
C ASN C 56 7.43 14.00 12.08
N SER C 57 6.43 14.78 12.56
CA SER C 57 6.62 16.10 13.15
C SER C 57 6.68 16.05 14.68
N ILE C 58 7.23 17.12 15.28
CA ILE C 58 7.35 17.30 16.73
C ILE C 58 6.40 18.39 17.18
N LEU C 59 5.62 18.13 18.22
CA LEU C 59 4.75 19.15 18.80
C LEU C 59 5.21 19.38 20.23
N GLY C 60 5.62 20.61 20.51
CA GLY C 60 6.12 21.00 21.82
C GLY C 60 5.20 21.96 22.56
N PHE C 61 4.95 21.65 23.84
CA PHE C 61 4.17 22.47 24.76
C PHE C 61 5.16 23.10 25.73
N HIS C 62 5.51 24.38 25.52
CA HIS C 62 6.52 25.08 26.31
C HIS C 62 5.88 25.86 27.45
N LYS C 63 6.04 25.35 28.69
CA LYS C 63 5.51 25.90 29.94
C LYS C 63 3.97 26.10 29.79
N GLY C 64 3.47 27.30 30.06
CA GLY C 64 2.04 27.60 29.93
C GLY C 64 1.70 28.57 28.84
N ASP C 65 2.71 29.10 28.12
CA ASP C 65 2.58 30.14 27.11
C ASP C 65 2.59 29.65 25.64
N LEU C 66 3.59 28.83 25.25
CA LEU C 66 3.80 28.40 23.86
C LEU C 66 3.45 26.96 23.56
N VAL C 67 3.04 26.74 22.29
CA VAL C 67 2.79 25.47 21.63
C VAL C 67 3.24 25.68 20.18
N LYS C 68 4.30 24.97 19.77
CA LYS C 68 4.91 25.11 18.44
C LYS C 68 5.20 23.73 17.86
N MET C 69 4.98 23.60 16.54
CA MET C 69 5.24 22.39 15.77
C MET C 69 6.51 22.57 14.95
N VAL C 70 7.39 21.56 14.91
CA VAL C 70 8.58 21.61 14.07
C VAL C 70 8.54 20.36 13.18
N ARG C 71 8.99 20.51 11.94
CA ARG C 71 9.07 19.41 10.97
C ARG C 71 10.56 19.14 10.73
N PRO C 72 11.20 18.29 11.57
CA PRO C 72 12.65 18.07 11.43
C PRO C 72 13.02 17.34 10.14
N SER C 73 14.28 17.50 9.71
CA SER C 73 14.84 16.89 8.51
C SER C 73 14.75 15.36 8.57
N VAL C 74 15.00 14.77 9.75
CA VAL C 74 14.84 13.34 9.98
C VAL C 74 13.52 13.17 10.75
N SER C 75 12.82 12.04 10.55
CA SER C 75 11.53 11.78 11.19
C SER C 75 11.64 11.83 12.71
N ALA C 76 10.59 12.37 13.36
CA ALA C 76 10.47 12.47 14.82
C ALA C 76 10.41 11.08 15.45
N ARG C 77 9.99 10.07 14.65
CA ARG C 77 9.90 8.66 15.06
C ARG C 77 11.31 8.12 15.36
N ASP C 78 12.31 8.49 14.54
CA ASP C 78 13.70 8.08 14.68
C ASP C 78 14.41 8.91 15.77
N LEU C 79 14.04 10.18 15.87
CA LEU C 79 14.58 11.17 16.80
C LEU C 79 14.12 10.92 18.26
N ILE C 80 12.79 10.87 18.49
CA ILE C 80 12.17 10.73 19.81
C ILE C 80 11.47 9.37 20.00
N GLY C 81 10.52 9.07 19.11
CA GLY C 81 9.74 7.85 19.16
C GLY C 81 8.28 8.12 19.49
N VAL C 82 8.00 8.44 20.77
CA VAL C 82 6.62 8.71 21.23
C VAL C 82 6.50 10.13 21.81
N GLY C 83 7.27 10.40 22.86
CA GLY C 83 7.25 11.70 23.54
C GLY C 83 7.83 11.67 24.93
N TYR C 84 8.24 12.85 25.43
CA TYR C 84 8.84 12.99 26.76
C TYR C 84 8.51 14.35 27.39
N ALA C 85 9.01 14.55 28.62
CA ALA C 85 8.86 15.78 29.38
C ALA C 85 10.19 16.22 29.97
N THR C 86 10.47 17.52 29.89
CA THR C 86 11.67 18.14 30.48
C THR C 86 11.17 19.15 31.49
N ALA C 87 11.78 19.17 32.68
CA ALA C 87 11.38 20.05 33.77
C ALA C 87 12.57 20.58 34.55
N SER C 88 12.39 21.73 35.24
CA SER C 88 13.42 22.33 36.11
C SER C 88 13.54 21.48 37.38
N ALA C 89 14.72 21.50 38.04
CA ALA C 89 15.00 20.73 39.26
C ALA C 89 13.99 21.00 40.40
N ALA C 90 13.28 22.16 40.36
CA ALA C 90 12.30 22.59 41.37
C ALA C 90 10.91 21.94 41.21
N VAL C 91 10.72 21.06 40.19
CA VAL C 91 9.43 20.40 39.98
C VAL C 91 9.31 19.23 40.98
N VAL C 92 8.56 19.47 42.07
CA VAL C 92 8.32 18.53 43.17
C VAL C 92 6.90 18.76 43.73
N ARG C 93 6.10 17.68 43.77
CA ARG C 93 4.74 17.70 44.28
C ARG C 93 4.76 17.21 45.74
N GLN C 94 4.80 18.17 46.68
CA GLN C 94 4.89 17.99 48.12
C GLN C 94 3.81 17.08 48.72
N ARG C 95 2.56 17.17 48.21
CA ARG C 95 1.43 16.37 48.68
C ARG C 95 1.64 14.86 48.45
N LEU C 96 2.37 14.48 47.38
CA LEU C 96 2.69 13.08 47.07
C LEU C 96 3.69 12.52 48.09
N ILE C 97 4.62 13.36 48.59
CA ILE C 97 5.61 12.99 49.61
C ILE C 97 4.89 12.81 50.96
N GLU C 98 4.03 13.77 51.33
CA GLU C 98 3.23 13.79 52.56
C GLU C 98 2.32 12.57 52.69
N HIS C 99 1.75 12.09 51.57
CA HIS C 99 0.84 10.94 51.54
C HIS C 99 1.52 9.66 51.02
N LYS C 100 2.87 9.67 50.92
CA LYS C 100 3.74 8.56 50.52
C LYS C 100 3.30 7.89 49.19
N ILE C 101 2.99 8.69 48.16
CA ILE C 101 2.56 8.20 46.84
C ILE C 101 3.71 8.43 45.84
N GLU C 102 4.21 7.34 45.23
CA GLU C 102 5.30 7.37 44.25
C GLU C 102 4.81 7.85 42.89
N ALA C 103 5.64 8.63 42.19
CA ALA C 103 5.32 9.13 40.84
C ALA C 103 5.45 8.00 39.83
N GLY C 104 4.64 8.05 38.78
CA GLY C 104 4.61 7.05 37.73
C GLY C 104 3.21 6.82 37.17
N ALA C 105 3.13 5.97 36.14
CA ALA C 105 1.86 5.64 35.50
C ALA C 105 1.35 4.30 35.99
N GLU C 106 0.02 4.20 36.08
CA GLU C 106 -0.72 3.05 36.56
C GLU C 106 -1.79 2.68 35.50
N LEU C 107 -2.06 1.38 35.28
CA LEU C 107 -3.09 0.98 34.32
C LEU C 107 -4.20 0.17 34.97
N ILE C 108 -5.46 0.52 34.66
CA ILE C 108 -6.66 -0.20 35.09
C ILE C 108 -7.23 -0.77 33.79
N ILE C 109 -7.15 -2.09 33.63
CA ILE C 109 -7.63 -2.76 32.42
C ILE C 109 -8.79 -3.70 32.77
N SER C 110 -9.81 -3.72 31.90
CA SER C 110 -10.96 -4.60 32.02
C SER C 110 -11.39 -5.11 30.66
N GLY C 111 -12.11 -6.23 30.67
CA GLY C 111 -12.62 -6.85 29.45
C GLY C 111 -14.12 -6.95 29.47
N THR C 112 -14.63 -8.19 29.40
CA THR C 112 -16.06 -8.51 29.41
C THR C 112 -16.71 -8.17 30.77
N ALA C 113 -15.93 -8.16 31.86
CA ALA C 113 -16.39 -7.85 33.21
C ALA C 113 -16.78 -6.37 33.38
N GLY C 114 -16.06 -5.47 32.70
CA GLY C 114 -16.27 -4.03 32.76
C GLY C 114 -15.85 -3.43 34.09
N GLY C 115 -16.48 -2.31 34.44
CA GLY C 115 -16.25 -1.61 35.70
C GLY C 115 -15.00 -0.78 35.82
N LYS C 116 -14.31 -0.47 34.70
CA LYS C 116 -13.08 0.32 34.73
C LYS C 116 -13.39 1.79 35.10
N THR C 117 -14.50 2.37 34.58
CA THR C 117 -14.92 3.75 34.87
C THR C 117 -15.37 3.86 36.34
N VAL C 118 -16.15 2.86 36.83
CA VAL C 118 -16.66 2.80 38.21
C VAL C 118 -15.47 2.74 39.18
N LEU C 119 -14.44 1.94 38.86
CA LEU C 119 -13.23 1.82 39.69
C LEU C 119 -12.41 3.10 39.68
N THR C 120 -12.30 3.78 38.53
CA THR C 120 -11.57 5.03 38.34
C THR C 120 -12.18 6.10 39.25
N ASN C 121 -13.53 6.26 39.20
CA ASN C 121 -14.29 7.22 40.00
C ASN C 121 -14.14 6.91 41.49
N HIS C 122 -14.06 5.61 41.86
CA HIS C 122 -13.88 5.16 43.23
C HIS C 122 -12.50 5.59 43.76
N TYR C 123 -11.43 5.32 42.98
CA TYR C 123 -10.06 5.67 43.35
C TYR C 123 -9.83 7.17 43.34
N ALA C 124 -10.45 7.91 42.39
CA ALA C 124 -10.33 9.36 42.29
C ALA C 124 -10.93 10.05 43.52
N ALA C 125 -12.12 9.59 43.98
CA ALA C 125 -12.82 10.11 45.16
C ALA C 125 -12.04 9.80 46.44
N GLN C 126 -11.39 8.62 46.47
CA GLN C 126 -10.57 8.11 47.57
C GLN C 126 -9.32 8.99 47.75
N MET C 127 -8.68 9.38 46.62
CA MET C 127 -7.48 10.23 46.60
C MET C 127 -7.84 11.68 46.96
N CYS C 128 -9.01 12.15 46.50
CA CYS C 128 -9.53 13.49 46.77
C CYS C 128 -9.81 13.63 48.27
N ALA C 129 -10.40 12.59 48.89
CA ALA C 129 -10.72 12.53 50.32
C ALA C 129 -9.45 12.48 51.17
N LYS C 130 -8.37 11.93 50.61
CA LYS C 130 -7.06 11.79 51.26
C LYS C 130 -6.36 13.14 51.42
N GLY C 131 -6.63 14.07 50.49
CA GLY C 131 -6.05 15.41 50.52
C GLY C 131 -5.24 15.79 49.30
N LEU C 132 -5.25 14.94 48.26
CA LEU C 132 -4.52 15.15 47.02
C LEU C 132 -5.35 15.97 46.03
N LYS C 133 -4.68 16.78 45.18
CA LYS C 133 -5.35 17.55 44.14
C LYS C 133 -5.50 16.61 42.95
N VAL C 134 -6.73 16.15 42.72
CA VAL C 134 -7.07 15.16 41.69
C VAL C 134 -7.74 15.79 40.47
N ALA C 135 -7.29 15.40 39.27
CA ALA C 135 -7.84 15.81 37.99
C ALA C 135 -8.23 14.58 37.19
N VAL C 136 -9.34 14.65 36.46
CA VAL C 136 -9.84 13.54 35.64
C VAL C 136 -10.11 14.08 34.22
N VAL C 137 -9.78 13.27 33.21
CA VAL C 137 -10.04 13.59 31.81
C VAL C 137 -10.71 12.37 31.17
N SER C 138 -11.89 12.58 30.59
CA SER C 138 -12.68 11.56 29.93
C SER C 138 -12.55 11.68 28.43
N MET C 139 -12.32 10.56 27.75
CA MET C 139 -12.12 10.50 26.29
C MET C 139 -12.35 9.08 25.75
N ALA C 140 -12.51 8.97 24.39
CA ALA C 140 -12.68 7.75 23.60
C ALA C 140 -13.87 6.86 24.05
N GLU C 141 -14.86 7.44 24.72
CA GLU C 141 -16.01 6.68 25.19
C GLU C 141 -17.34 7.31 24.80
N ALA C 142 -18.42 6.52 24.81
CA ALA C 142 -19.77 7.02 24.48
C ALA C 142 -20.18 8.13 25.47
N GLU C 143 -20.84 9.18 24.93
CA GLU C 143 -21.35 10.39 25.60
C GLU C 143 -20.23 11.39 25.96
N ARG C 144 -18.95 11.07 25.64
CA ARG C 144 -17.79 11.90 25.96
C ARG C 144 -17.35 12.76 24.75
N PRO C 145 -17.26 14.10 24.90
CA PRO C 145 -16.87 14.96 23.75
C PRO C 145 -15.47 14.69 23.18
N LEU C 146 -14.44 14.42 24.02
CA LEU C 146 -13.09 14.18 23.53
C LEU C 146 -12.97 12.81 22.87
N TYR C 147 -12.45 12.77 21.62
CA TYR C 147 -12.25 11.57 20.81
C TYR C 147 -11.21 10.63 21.43
N GLY C 148 -10.20 11.20 22.07
CA GLY C 148 -9.17 10.41 22.76
C GLY C 148 -7.91 10.09 21.99
N SER C 149 -7.52 10.94 21.03
CA SER C 149 -6.30 10.77 20.24
C SER C 149 -5.04 10.94 21.11
N VAL C 150 -3.86 10.58 20.56
CA VAL C 150 -2.56 10.72 21.25
C VAL C 150 -2.35 12.21 21.63
N LEU C 151 -2.80 13.16 20.76
CA LEU C 151 -2.73 14.60 21.01
C LEU C 151 -3.51 14.97 22.29
N HIS C 152 -4.75 14.45 22.43
CA HIS C 152 -5.62 14.69 23.58
C HIS C 152 -4.98 14.14 24.88
N VAL C 153 -4.25 12.99 24.81
CA VAL C 153 -3.58 12.39 25.97
C VAL C 153 -2.39 13.27 26.39
N PHE C 154 -1.53 13.69 25.43
CA PHE C 154 -0.38 14.54 25.75
C PHE C 154 -0.80 15.95 26.17
N ALA C 155 -1.89 16.51 25.58
CA ALA C 155 -2.42 17.82 25.96
C ALA C 155 -2.92 17.80 27.41
N ALA C 156 -3.65 16.72 27.79
CA ALA C 156 -4.19 16.53 29.14
C ALA C 156 -3.03 16.36 30.14
N LEU C 157 -2.01 15.55 29.77
CA LEU C 157 -0.83 15.31 30.60
C LEU C 157 -0.11 16.62 30.90
N HIS C 158 0.10 17.45 29.86
CA HIS C 158 0.78 18.74 29.99
C HIS C 158 -0.01 19.74 30.84
N LEU C 159 -1.34 19.89 30.59
CA LEU C 159 -2.19 20.80 31.36
C LEU C 159 -2.16 20.46 32.85
N ALA C 160 -2.17 19.15 33.20
CA ALA C 160 -2.10 18.67 34.58
C ALA C 160 -0.71 18.87 35.18
N ALA C 161 0.34 18.65 34.35
CA ALA C 161 1.76 18.78 34.73
C ALA C 161 2.11 20.21 35.15
N VAL C 162 1.72 21.22 34.35
CA VAL C 162 2.03 22.63 34.61
C VAL C 162 1.08 23.24 35.68
N SER C 163 -0.02 22.54 36.01
CA SER C 163 -1.00 22.94 37.02
C SER C 163 -0.69 22.28 38.38
N ASP C 164 -1.47 22.65 39.41
CA ASP C 164 -1.35 22.08 40.75
C ASP C 164 -2.20 20.81 40.81
N VAL C 165 -1.72 19.75 40.15
CA VAL C 165 -2.38 18.44 40.07
C VAL C 165 -1.39 17.39 40.56
N ASP C 166 -1.77 16.64 41.60
CA ASP C 166 -0.96 15.57 42.17
C ASP C 166 -1.24 14.24 41.45
N VAL C 167 -2.54 13.93 41.24
CA VAL C 167 -2.98 12.68 40.60
C VAL C 167 -3.89 13.00 39.41
N LEU C 168 -3.62 12.41 38.23
CA LEU C 168 -4.42 12.57 37.02
C LEU C 168 -4.97 11.21 36.60
N TYR C 169 -6.27 11.14 36.27
CA TYR C 169 -6.95 9.94 35.80
C TYR C 169 -7.36 10.15 34.33
N VAL C 170 -6.87 9.28 33.42
CA VAL C 170 -7.16 9.36 31.99
C VAL C 170 -8.01 8.13 31.63
N ASP C 171 -9.32 8.36 31.38
CA ASP C 171 -10.29 7.32 31.05
C ASP C 171 -10.95 7.63 29.68
N SER C 172 -10.56 6.96 28.58
CA SER C 172 -9.60 5.85 28.48
C SER C 172 -8.61 6.02 27.33
N LEU C 173 -7.75 4.99 27.14
CA LEU C 173 -6.75 4.91 26.07
C LEU C 173 -7.29 4.11 24.87
N ARG C 174 -8.63 3.86 24.79
CA ARG C 174 -9.29 3.09 23.73
C ARG C 174 -8.90 3.55 22.31
N SER C 175 -8.95 4.87 22.06
CA SER C 175 -8.63 5.45 20.75
C SER C 175 -7.12 5.33 20.44
N VAL C 176 -6.25 5.59 21.44
CA VAL C 176 -4.78 5.49 21.32
C VAL C 176 -4.41 4.04 20.98
N TYR C 177 -5.01 3.06 21.70
CA TYR C 177 -4.83 1.62 21.49
C TYR C 177 -5.17 1.25 20.05
N ASN C 178 -6.28 1.80 19.53
CA ASN C 178 -6.75 1.60 18.16
C ASN C 178 -5.80 2.28 17.13
N GLU C 179 -5.38 3.52 17.41
CA GLU C 179 -4.46 4.34 16.61
C GLU C 179 -3.12 3.63 16.39
N LEU C 180 -2.61 2.91 17.43
CA LEU C 180 -1.34 2.18 17.41
C LEU C 180 -1.50 0.78 16.80
N GLY C 181 -2.68 0.49 16.26
CA GLY C 181 -2.99 -0.76 15.60
C GLY C 181 -3.29 -1.93 16.52
N GLY C 182 -3.56 -1.65 17.80
CA GLY C 182 -3.86 -2.63 18.83
C GLY C 182 -4.95 -3.63 18.49
N ASN C 183 -5.95 -3.21 17.69
CA ASN C 183 -7.08 -4.03 17.26
C ASN C 183 -6.77 -4.83 15.97
N LEU C 184 -5.51 -4.76 15.49
CA LEU C 184 -5.04 -5.50 14.30
C LEU C 184 -4.07 -6.61 14.75
N LYS C 185 -4.28 -7.83 14.26
CA LYS C 185 -3.44 -9.00 14.59
C LYS C 185 -3.19 -9.86 13.35
N GLY C 188 4.52 -6.31 15.30
CA GLY C 188 4.74 -4.88 15.07
C GLY C 188 3.79 -3.98 15.83
N VAL C 189 2.63 -4.54 16.24
CA VAL C 189 1.54 -3.89 16.97
C VAL C 189 1.89 -3.76 18.48
N SER C 190 2.30 -4.87 19.12
CA SER C 190 2.63 -4.93 20.54
C SER C 190 3.84 -4.04 20.91
N ARG C 191 4.76 -3.81 19.96
CA ARG C 191 5.94 -2.95 20.14
C ARG C 191 5.51 -1.48 20.33
N GLN C 192 4.56 -1.02 19.49
CA GLN C 192 4.02 0.35 19.54
C GLN C 192 3.21 0.58 20.82
N VAL C 193 2.51 -0.45 21.32
CA VAL C 193 1.72 -0.38 22.57
C VAL C 193 2.71 -0.31 23.75
N ASP C 194 3.77 -1.15 23.72
CA ASP C 194 4.85 -1.20 24.71
C ASP C 194 5.54 0.18 24.82
N GLY C 195 5.89 0.76 23.65
CA GLY C 195 6.54 2.04 23.51
C GLY C 195 5.73 3.18 24.10
N MET C 196 4.40 3.17 23.85
CA MET C 196 3.47 4.16 24.38
C MET C 196 3.39 4.06 25.90
N LEU C 197 3.10 2.85 26.41
CA LEU C 197 2.95 2.57 27.83
C LEU C 197 4.19 2.99 28.62
N THR C 198 5.40 2.65 28.10
CA THR C 198 6.68 3.01 28.72
C THR C 198 6.86 4.53 28.73
N ALA C 199 6.55 5.21 27.59
CA ALA C 199 6.66 6.65 27.45
C ALA C 199 5.75 7.36 28.42
N LEU C 200 4.55 6.80 28.65
CA LEU C 200 3.57 7.34 29.60
C LEU C 200 4.07 7.23 31.04
N ASP C 201 4.77 6.12 31.41
CA ASP C 201 5.33 5.96 32.76
C ASP C 201 6.52 6.88 32.94
N GLN C 202 7.40 6.96 31.92
CA GLN C 202 8.59 7.82 31.91
C GLN C 202 8.20 9.29 32.06
N TYR C 203 7.09 9.71 31.41
CA TYR C 203 6.53 11.06 31.46
C TYR C 203 6.15 11.42 32.89
N ALA C 204 5.28 10.59 33.51
CA ALA C 204 4.78 10.76 34.87
C ALA C 204 5.91 10.86 35.90
N ARG C 205 7.00 10.11 35.70
CA ARG C 205 8.18 10.12 36.58
C ARG C 205 8.95 11.44 36.45
N ALA C 206 9.14 11.92 35.20
CA ALA C 206 9.85 13.17 34.87
C ALA C 206 9.12 14.40 35.39
N VAL C 207 7.78 14.37 35.31
CA VAL C 207 6.86 15.43 35.68
C VAL C 207 6.52 15.34 37.20
N ASN C 208 6.90 14.20 37.85
CA ASN C 208 6.72 13.88 39.28
C ASN C 208 5.23 13.85 39.67
N MET C 209 4.40 13.25 38.81
CA MET C 209 2.95 13.14 38.97
C MET C 209 2.51 11.67 38.91
N ARG C 210 1.42 11.32 39.61
CA ARG C 210 0.85 9.98 39.53
C ARG C 210 -0.23 10.02 38.46
N VAL C 211 -0.08 9.23 37.39
CA VAL C 211 -1.09 9.24 36.32
C VAL C 211 -1.71 7.85 36.23
N VAL C 212 -3.04 7.77 36.26
CA VAL C 212 -3.75 6.50 36.19
C VAL C 212 -4.52 6.42 34.88
N PHE C 213 -4.12 5.48 34.00
CA PHE C 213 -4.73 5.27 32.70
C PHE C 213 -5.67 4.07 32.74
N THR C 214 -6.75 4.10 31.94
CA THR C 214 -7.71 3.00 31.87
C THR C 214 -7.80 2.51 30.43
N LEU C 215 -8.18 1.24 30.25
CA LEU C 215 -8.33 0.63 28.93
C LEU C 215 -9.27 -0.58 28.97
N ASN C 216 -10.16 -0.64 27.98
CA ASN C 216 -11.05 -1.77 27.71
C ASN C 216 -10.97 -2.03 26.19
N PRO C 217 -10.18 -3.05 25.77
CA PRO C 217 -10.06 -3.32 24.32
C PRO C 217 -11.32 -3.98 23.75
N SER C 218 -12.45 -3.23 23.77
CA SER C 218 -13.78 -3.66 23.32
C SER C 218 -13.88 -3.76 21.79
N ASP C 219 -12.99 -3.05 21.06
CA ASP C 219 -12.95 -3.05 19.60
C ASP C 219 -12.14 -4.25 19.05
N ASP C 220 -11.48 -5.01 19.95
CA ASP C 220 -10.66 -6.17 19.62
C ASP C 220 -11.55 -7.39 19.39
N GLU C 221 -11.08 -8.36 18.57
CA GLU C 221 -11.79 -9.61 18.27
C GLU C 221 -11.91 -10.46 19.54
N ASN C 222 -10.76 -10.73 20.19
CA ASN C 222 -10.69 -11.49 21.45
C ASN C 222 -10.31 -10.49 22.55
N VAL C 223 -11.34 -9.89 23.17
CA VAL C 223 -11.25 -8.84 24.19
C VAL C 223 -10.46 -9.32 25.42
N ASP C 224 -10.81 -10.50 26.00
CA ASP C 224 -10.15 -11.02 27.20
C ASP C 224 -8.71 -11.47 26.93
N ALA C 225 -8.40 -11.91 25.69
CA ALA C 225 -7.04 -12.30 25.31
C ALA C 225 -6.15 -11.05 25.18
N ALA C 226 -6.75 -9.94 24.73
CA ALA C 226 -6.09 -8.64 24.58
C ALA C 226 -5.80 -8.05 25.97
N VAL C 227 -6.71 -8.26 26.93
CA VAL C 227 -6.58 -7.82 28.32
C VAL C 227 -5.37 -8.52 28.96
N ARG C 228 -5.28 -9.86 28.82
CA ARG C 228 -4.21 -10.68 29.36
C ARG C 228 -2.83 -10.26 28.83
N SER C 229 -2.71 -9.95 27.52
CA SER C 229 -1.43 -9.53 26.94
C SER C 229 -1.07 -8.09 27.30
N VAL C 230 -2.05 -7.15 27.29
CA VAL C 230 -1.80 -5.75 27.66
C VAL C 230 -1.42 -5.68 29.16
N PHE C 231 -2.07 -6.52 30.01
CA PHE C 231 -1.77 -6.59 31.45
C PHE C 231 -0.32 -7.06 31.67
N LYS C 232 0.17 -8.04 30.87
CA LYS C 232 1.55 -8.54 30.97
C LYS C 232 2.54 -7.46 30.56
N THR C 233 2.22 -6.69 29.50
CA THR C 233 3.01 -5.59 28.98
C THR C 233 3.08 -4.48 30.03
N ALA C 234 1.91 -4.03 30.56
CA ALA C 234 1.78 -2.97 31.56
C ALA C 234 2.50 -3.31 32.87
N SER C 235 2.59 -4.61 33.21
CA SER C 235 3.26 -5.10 34.41
C SER C 235 4.75 -4.74 34.41
N ALA C 236 5.38 -4.68 33.22
CA ALA C 236 6.78 -4.33 33.04
C ALA C 236 6.96 -2.84 32.73
N SER C 237 6.11 -2.30 31.82
CA SER C 237 6.14 -0.91 31.32
C SER C 237 5.72 0.12 32.35
N MET C 238 4.85 -0.23 33.30
CA MET C 238 4.31 0.76 34.23
C MET C 238 4.49 0.38 35.71
N HIS C 239 4.35 1.39 36.59
CA HIS C 239 4.51 1.30 38.05
C HIS C 239 3.57 0.25 38.65
N THR C 240 2.31 0.25 38.21
CA THR C 240 1.26 -0.67 38.67
C THR C 240 0.34 -1.02 37.50
N ALA C 241 -0.13 -2.26 37.47
CA ALA C 241 -1.08 -2.78 36.49
C ALA C 241 -2.19 -3.50 37.25
N ARG C 242 -3.45 -3.09 37.02
CA ARG C 242 -4.62 -3.66 37.68
C ARG C 242 -5.60 -4.20 36.66
N ARG C 243 -5.97 -5.48 36.81
CA ARG C 243 -6.90 -6.17 35.93
C ARG C 243 -8.18 -6.52 36.67
N ILE C 244 -9.34 -6.08 36.15
CA ILE C 244 -10.64 -6.38 36.74
C ILE C 244 -11.07 -7.76 36.21
N LYS C 245 -11.08 -8.76 37.12
CA LYS C 245 -11.46 -10.15 36.82
C LYS C 245 -12.99 -10.31 36.85
N SER C 246 -13.63 -9.76 37.90
CA SER C 246 -15.06 -9.81 38.15
C SER C 246 -15.57 -8.43 38.56
N PHE C 247 -16.81 -8.10 38.21
CA PHE C 247 -17.45 -6.82 38.55
C PHE C 247 -18.97 -6.96 38.54
N ALA C 248 -19.63 -6.51 39.62
CA ALA C 248 -21.10 -6.54 39.76
C ALA C 248 -21.60 -5.33 40.54
N VAL C 249 -22.81 -4.85 40.19
CA VAL C 249 -23.46 -3.70 40.83
C VAL C 249 -24.72 -4.18 41.59
N ASN C 250 -24.82 -3.79 42.87
CA ASN C 250 -25.94 -4.09 43.76
C ASN C 250 -26.59 -2.76 44.16
N GLY C 251 -27.49 -2.28 43.29
CA GLY C 251 -28.19 -1.01 43.46
C GLY C 251 -27.27 0.18 43.31
N THR C 252 -26.87 0.78 44.45
CA THR C 252 -25.98 1.95 44.51
C THR C 252 -24.54 1.55 44.87
N ALA C 253 -24.32 0.26 45.18
CA ALA C 253 -23.00 -0.26 45.55
C ALA C 253 -22.42 -1.17 44.46
N PHE C 254 -21.09 -1.28 44.43
CA PHE C 254 -20.35 -2.13 43.49
C PHE C 254 -19.35 -2.99 44.26
N THR C 255 -18.90 -4.07 43.62
CA THR C 255 -17.87 -4.96 44.14
C THR C 255 -17.12 -5.52 42.93
N ALA C 256 -15.78 -5.47 43.01
CA ALA C 256 -14.92 -5.92 41.92
C ALA C 256 -13.78 -6.79 42.42
N GLU C 257 -13.60 -7.96 41.78
CA GLU C 257 -12.50 -8.88 42.06
C GLU C 257 -11.39 -8.49 41.09
N THR C 258 -10.26 -8.05 41.64
CA THR C 258 -9.17 -7.50 40.85
C THR C 258 -7.84 -8.27 41.06
N GLU C 259 -6.95 -8.20 40.06
CA GLU C 259 -5.59 -8.75 40.06
C GLU C 259 -4.63 -7.58 39.89
N ILE C 260 -3.76 -7.34 40.88
CA ILE C 260 -2.83 -6.21 40.82
C ILE C 260 -1.37 -6.69 40.78
N HIS C 261 -0.59 -6.05 39.90
CA HIS C 261 0.85 -6.27 39.75
C HIS C 261 1.59 -5.00 40.18
N LEU C 262 2.58 -5.16 41.07
CA LEU C 262 3.44 -4.08 41.53
C LEU C 262 4.84 -4.36 41.01
N ARG C 263 5.35 -3.48 40.15
CA ARG C 263 6.66 -3.62 39.51
C ARG C 263 7.81 -3.68 40.53
N ALA C 264 7.72 -2.88 41.62
CA ALA C 264 8.71 -2.77 42.69
C ALA C 264 9.09 -4.12 43.33
N ASP C 265 8.09 -4.95 43.71
CA ASP C 265 8.34 -6.24 44.34
C ASP C 265 8.01 -7.44 43.41
N ARG C 266 7.68 -7.16 42.12
CA ARG C 266 7.35 -8.15 41.06
C ARG C 266 6.05 -8.94 41.39
N SER C 267 5.51 -8.81 42.62
CA SER C 267 4.33 -9.52 43.13
C SER C 267 3.06 -9.33 42.29
N ASN C 268 2.26 -10.41 42.18
CA ASN C 268 0.97 -10.49 41.50
C ASN C 268 -0.04 -11.01 42.51
N SER C 269 -0.87 -10.13 43.08
CA SER C 269 -1.82 -10.50 44.12
C SER C 269 -3.28 -10.15 43.79
N ALA C 270 -4.22 -10.92 44.36
CA ALA C 270 -5.65 -10.71 44.22
C ALA C 270 -6.13 -9.68 45.24
N ASN C 271 -6.96 -8.74 44.80
CA ASN C 271 -7.46 -7.67 45.65
C ASN C 271 -8.95 -7.46 45.39
N ARG C 272 -9.75 -7.50 46.45
CA ARG C 272 -11.19 -7.27 46.37
C ARG C 272 -11.45 -5.80 46.71
N VAL C 273 -12.09 -5.07 45.80
CA VAL C 273 -12.38 -3.66 45.98
C VAL C 273 -13.90 -3.43 45.81
N SER C 274 -14.52 -2.85 46.84
CA SER C 274 -15.95 -2.55 46.87
C SER C 274 -16.18 -1.12 47.39
N GLY C 275 -17.32 -0.56 47.04
CA GLY C 275 -17.71 0.79 47.44
C GLY C 275 -19.04 1.22 46.83
N ASP C 276 -19.33 2.52 46.92
CA ASP C 276 -20.55 3.11 46.36
C ASP C 276 -20.29 3.71 44.98
N LEU C 277 -21.33 3.79 44.15
CA LEU C 277 -21.23 4.34 42.79
C LEU C 277 -21.05 5.86 42.86
N VAL C 278 -19.89 6.34 42.38
CA VAL C 278 -19.52 7.77 42.35
C VAL C 278 -19.69 8.29 40.92
N SER C 279 -20.51 9.35 40.77
CA SER C 279 -20.78 9.97 39.46
C SER C 279 -19.61 10.89 39.03
N ARG C 280 -19.53 11.20 37.73
CA ARG C 280 -18.49 12.06 37.16
C ARG C 280 -19.13 13.26 36.45
N ASN D 12 52.05 -13.42 -10.35
CA ASN D 12 50.63 -13.19 -10.55
C ASN D 12 49.84 -13.47 -9.26
N SER D 13 48.84 -12.61 -8.96
CA SER D 13 47.98 -12.72 -7.78
C SER D 13 46.53 -12.27 -8.08
N ILE D 14 45.60 -12.61 -7.18
CA ILE D 14 44.19 -12.29 -7.27
C ILE D 14 43.96 -10.86 -6.72
N ILE D 15 43.23 -10.03 -7.48
CA ILE D 15 42.89 -8.65 -7.14
C ILE D 15 41.56 -8.59 -6.38
N ASP D 16 41.51 -7.86 -5.25
CA ASP D 16 40.27 -7.64 -4.50
C ASP D 16 39.72 -6.28 -4.91
N LEU D 17 38.61 -6.30 -5.65
CA LEU D 17 37.94 -5.10 -6.18
C LEU D 17 37.05 -4.39 -5.14
N GLY D 18 36.78 -5.07 -4.02
CA GLY D 18 35.97 -4.56 -2.91
C GLY D 18 36.30 -3.15 -2.48
N PRO D 19 37.56 -2.86 -2.05
CA PRO D 19 37.90 -1.48 -1.62
C PRO D 19 37.70 -0.41 -2.70
N ARG D 20 37.91 -0.76 -3.99
CA ARG D 20 37.74 0.17 -5.11
C ARG D 20 36.25 0.50 -5.33
N VAL D 21 35.34 -0.48 -5.12
CA VAL D 21 33.89 -0.30 -5.22
C VAL D 21 33.44 0.60 -4.05
N GLN D 22 33.98 0.35 -2.84
CA GLN D 22 33.69 1.09 -1.62
C GLN D 22 34.05 2.57 -1.76
N SER D 23 35.23 2.88 -2.34
CA SER D 23 35.69 4.26 -2.55
C SER D 23 34.85 4.96 -3.63
N LEU D 24 34.44 4.23 -4.68
CA LEU D 24 33.60 4.78 -5.75
C LEU D 24 32.22 5.18 -5.20
N MET D 25 31.65 4.35 -4.30
CA MET D 25 30.34 4.59 -3.67
C MET D 25 30.38 5.86 -2.82
N GLU D 26 31.54 6.17 -2.20
CA GLU D 26 31.73 7.37 -1.39
C GLU D 26 31.71 8.62 -2.28
N GLN D 27 32.30 8.50 -3.49
CA GLN D 27 32.36 9.55 -4.50
C GLN D 27 31.02 9.78 -5.17
N LEU D 28 30.19 8.72 -5.24
CA LEU D 28 28.84 8.72 -5.85
C LEU D 28 27.76 9.24 -4.90
N ALA D 29 28.12 9.51 -3.62
CA ALA D 29 27.19 10.02 -2.61
C ALA D 29 27.02 11.55 -2.74
N THR D 30 26.66 12.00 -3.96
CA THR D 30 26.44 13.40 -4.33
C THR D 30 24.94 13.68 -4.47
N THR D 31 24.56 14.96 -4.28
CA THR D 31 23.19 15.46 -4.42
C THR D 31 22.92 15.78 -5.91
N LYS D 32 23.98 15.87 -6.73
CA LYS D 32 23.89 16.24 -8.15
C LYS D 32 24.56 15.20 -9.08
N LEU D 33 24.05 13.95 -9.11
CA LEU D 33 24.57 12.92 -10.01
C LEU D 33 24.06 13.15 -11.45
N GLU D 34 23.03 14.01 -11.62
CA GLU D 34 22.48 14.39 -12.92
C GLU D 34 23.49 15.25 -13.68
N GLU D 35 24.27 16.06 -12.92
CA GLU D 35 25.35 16.91 -13.44
C GLU D 35 26.57 16.04 -13.81
N GLY D 36 26.72 14.92 -13.11
CA GLY D 36 27.80 13.96 -13.31
C GLY D 36 28.96 14.11 -12.36
N VAL D 37 29.68 13.02 -12.13
CA VAL D 37 30.89 12.96 -11.31
C VAL D 37 32.03 12.64 -12.27
N LYS D 38 32.86 13.65 -12.56
CA LYS D 38 33.98 13.57 -13.50
C LYS D 38 35.31 13.30 -12.78
N ASN D 39 36.40 13.24 -13.56
CA ASN D 39 37.80 13.08 -13.18
C ASN D 39 38.07 11.84 -12.29
N LEU D 40 37.33 10.75 -12.55
CA LEU D 40 37.54 9.48 -11.86
C LEU D 40 38.65 8.71 -12.60
N ASP D 41 39.18 7.64 -12.00
CA ASP D 41 40.20 6.83 -12.65
C ASP D 41 39.81 5.36 -12.50
N MET D 42 38.63 5.01 -13.02
CA MET D 42 38.05 3.67 -12.95
C MET D 42 38.86 2.64 -13.79
N GLY D 43 39.50 3.09 -14.88
CA GLY D 43 40.30 2.25 -15.77
C GLY D 43 40.17 2.62 -17.23
N SER D 44 41.28 2.50 -18.00
CA SER D 44 41.29 2.87 -19.43
C SER D 44 41.84 1.77 -20.35
N VAL D 45 41.96 0.52 -19.85
CA VAL D 45 42.45 -0.61 -20.64
C VAL D 45 41.44 -0.91 -21.78
N TYR D 46 40.13 -0.89 -21.46
CA TYR D 46 39.06 -1.11 -22.45
C TYR D 46 38.00 -0.01 -22.39
N GLU D 47 37.56 0.48 -23.57
CA GLU D 47 36.56 1.54 -23.69
C GLU D 47 35.16 0.92 -23.55
N ILE D 48 34.65 0.89 -22.32
CA ILE D 48 33.34 0.29 -22.03
C ILE D 48 32.44 1.29 -21.30
N THR D 49 31.14 1.29 -21.67
CA THR D 49 30.12 2.10 -21.04
C THR D 49 29.08 1.14 -20.44
N THR D 50 28.85 1.25 -19.11
CA THR D 50 27.89 0.44 -18.38
C THR D 50 26.66 1.27 -18.09
N VAL D 51 25.50 0.80 -18.55
CA VAL D 51 24.21 1.47 -18.34
C VAL D 51 23.38 0.55 -17.45
N MET D 52 22.94 1.05 -16.30
CA MET D 52 22.13 0.27 -15.36
C MET D 52 20.86 1.03 -14.96
N VAL D 53 19.81 0.30 -14.52
CA VAL D 53 18.59 0.96 -14.07
C VAL D 53 18.55 0.91 -12.52
N LEU D 54 18.34 2.08 -11.91
CA LEU D 54 18.18 2.28 -10.46
C LEU D 54 16.81 2.89 -10.25
N GLY D 55 15.84 2.05 -9.90
CA GLY D 55 14.46 2.47 -9.73
C GLY D 55 13.87 2.75 -11.10
N ASN D 56 13.57 4.03 -11.37
CA ASN D 56 13.04 4.50 -12.65
C ASN D 56 14.09 5.30 -13.42
N SER D 57 15.26 5.50 -12.79
CA SER D 57 16.38 6.27 -13.32
C SER D 57 17.43 5.38 -13.98
N ILE D 58 18.29 6.00 -14.81
CA ILE D 58 19.40 5.36 -15.52
C ILE D 58 20.71 5.85 -14.91
N LEU D 59 21.62 4.92 -14.59
CA LEU D 59 22.95 5.29 -14.11
C LEU D 59 23.96 4.75 -15.13
N GLY D 60 24.74 5.67 -15.70
CA GLY D 60 25.75 5.33 -16.70
C GLY D 60 27.16 5.55 -16.21
N PHE D 61 28.02 4.53 -16.45
CA PHE D 61 29.45 4.54 -16.15
C PHE D 61 30.17 4.67 -17.49
N HIS D 62 30.63 5.88 -17.83
CA HIS D 62 31.26 6.17 -19.12
C HIS D 62 32.77 6.07 -19.03
N LYS D 63 33.33 4.98 -19.62
CA LYS D 63 34.76 4.64 -19.64
C LYS D 63 35.31 4.63 -18.21
N GLY D 64 36.38 5.37 -17.94
CA GLY D 64 36.95 5.44 -16.60
C GLY D 64 36.84 6.80 -15.93
N ASP D 65 36.27 7.80 -16.65
CA ASP D 65 36.18 9.19 -16.22
C ASP D 65 34.81 9.62 -15.63
N LEU D 66 33.69 9.35 -16.33
CA LEU D 66 32.36 9.81 -15.96
C LEU D 66 31.42 8.75 -15.39
N VAL D 67 30.52 9.21 -14.51
CA VAL D 67 29.38 8.51 -13.93
C VAL D 67 28.28 9.58 -13.80
N LYS D 68 27.20 9.41 -14.55
CA LYS D 68 26.09 10.35 -14.61
C LYS D 68 24.74 9.61 -14.53
N MET D 69 23.78 10.21 -13.82
CA MET D 69 22.42 9.70 -13.66
C MET D 69 21.46 10.51 -14.51
N VAL D 70 20.54 9.86 -15.20
CA VAL D 70 19.49 10.55 -15.96
C VAL D 70 18.14 10.02 -15.48
N ARG D 71 17.15 10.91 -15.40
CA ARG D 71 15.79 10.58 -14.99
C ARG D 71 14.90 10.73 -16.23
N PRO D 72 14.77 9.67 -17.07
CA PRO D 72 13.98 9.81 -18.30
C PRO D 72 12.48 10.00 -18.04
N SER D 73 11.78 10.58 -19.03
CA SER D 73 10.34 10.85 -19.00
C SER D 73 9.54 9.57 -18.76
N VAL D 74 9.95 8.46 -19.42
CA VAL D 74 9.34 7.14 -19.21
C VAL D 74 10.31 6.37 -18.32
N SER D 75 9.79 5.44 -17.49
CA SER D 75 10.61 4.65 -16.57
C SER D 75 11.69 3.86 -17.31
N ALA D 76 12.90 3.78 -16.70
CA ALA D 76 14.04 3.02 -17.22
C ALA D 76 13.72 1.51 -17.25
N ARG D 77 12.71 1.07 -16.45
CA ARG D 77 12.24 -0.31 -16.39
C ARG D 77 11.59 -0.70 -17.73
N ASP D 78 10.82 0.23 -18.33
CA ASP D 78 10.15 0.05 -19.62
C ASP D 78 11.13 0.26 -20.79
N LEU D 79 12.08 1.16 -20.61
CA LEU D 79 13.11 1.54 -21.57
C LEU D 79 14.19 0.45 -21.74
N ILE D 80 14.86 0.07 -20.62
CA ILE D 80 15.99 -0.88 -20.61
C ILE D 80 15.60 -2.21 -19.93
N GLY D 81 15.12 -2.11 -18.67
CA GLY D 81 14.77 -3.25 -17.86
C GLY D 81 15.73 -3.45 -16.70
N VAL D 82 16.95 -3.95 -17.00
CA VAL D 82 17.95 -4.22 -15.96
C VAL D 82 19.24 -3.40 -16.21
N GLY D 83 19.88 -3.61 -17.35
CA GLY D 83 21.12 -2.94 -17.69
C GLY D 83 21.95 -3.65 -18.74
N TYR D 84 22.86 -2.92 -19.40
CA TYR D 84 23.71 -3.44 -20.46
C TYR D 84 25.08 -2.75 -20.52
N ALA D 85 25.92 -3.20 -21.47
CA ALA D 85 27.26 -2.66 -21.73
C ALA D 85 27.45 -2.41 -23.22
N THR D 86 28.05 -1.27 -23.56
CA THR D 86 28.41 -0.89 -24.92
C THR D 86 29.92 -0.72 -24.95
N ALA D 87 30.58 -1.25 -25.99
CA ALA D 87 32.04 -1.23 -26.09
C ALA D 87 32.50 -1.04 -27.54
N SER D 88 33.75 -0.55 -27.71
CA SER D 88 34.37 -0.38 -29.04
C SER D 88 34.76 -1.76 -29.58
N ALA D 89 34.87 -1.88 -30.92
CA ALA D 89 35.21 -3.14 -31.62
C ALA D 89 36.56 -3.75 -31.14
N ALA D 90 37.44 -2.93 -30.52
CA ALA D 90 38.76 -3.34 -30.03
C ALA D 90 38.74 -4.03 -28.65
N VAL D 91 37.56 -4.23 -28.03
CA VAL D 91 37.50 -4.88 -26.71
C VAL D 91 37.62 -6.41 -26.89
N VAL D 92 38.85 -6.91 -26.66
CA VAL D 92 39.20 -8.32 -26.78
C VAL D 92 40.25 -8.67 -25.68
N ARG D 93 39.94 -9.71 -24.87
CA ARG D 93 40.81 -10.18 -23.80
C ARG D 93 41.60 -11.39 -24.30
N GLN D 94 42.83 -11.12 -24.79
CA GLN D 94 43.77 -12.05 -25.40
C GLN D 94 44.07 -13.30 -24.55
N ARG D 95 44.17 -13.15 -23.21
CA ARG D 95 44.46 -14.26 -22.29
C ARG D 95 43.34 -15.31 -22.29
N LEU D 96 42.08 -14.90 -22.53
CA LEU D 96 40.95 -15.82 -22.59
C LEU D 96 41.01 -16.69 -23.87
N ILE D 97 41.54 -16.12 -24.97
CA ILE D 97 41.72 -16.82 -26.25
C ILE D 97 42.86 -17.85 -26.09
N GLU D 98 44.00 -17.42 -25.50
CA GLU D 98 45.20 -18.22 -25.23
C GLU D 98 44.90 -19.45 -24.37
N HIS D 99 44.00 -19.30 -23.37
CA HIS D 99 43.64 -20.37 -22.44
C HIS D 99 42.27 -21.01 -22.78
N LYS D 100 41.73 -20.71 -23.99
CA LYS D 100 40.47 -21.23 -24.55
C LYS D 100 39.26 -21.11 -23.59
N ILE D 101 39.08 -19.93 -22.97
CA ILE D 101 37.97 -19.66 -22.04
C ILE D 101 36.97 -18.72 -22.73
N GLU D 102 35.72 -19.19 -22.88
CA GLU D 102 34.63 -18.44 -23.51
C GLU D 102 34.07 -17.36 -22.58
N ALA D 103 33.73 -16.19 -23.14
CA ALA D 103 33.13 -15.09 -22.38
C ALA D 103 31.68 -15.43 -22.03
N GLY D 104 31.22 -14.93 -20.89
CA GLY D 104 29.88 -15.18 -20.39
C GLY D 104 29.83 -15.30 -18.88
N ALA D 105 28.61 -15.36 -18.33
CA ALA D 105 28.39 -15.48 -16.88
C ALA D 105 28.14 -16.93 -16.48
N GLU D 106 28.64 -17.30 -15.30
CA GLU D 106 28.57 -18.64 -14.70
C GLU D 106 27.99 -18.52 -13.28
N LEU D 107 27.14 -19.49 -12.86
CA LEU D 107 26.56 -19.45 -11.51
C LEU D 107 26.96 -20.68 -10.67
N ILE D 108 27.38 -20.43 -9.42
CA ILE D 108 27.68 -21.45 -8.43
C ILE D 108 26.61 -21.28 -7.36
N ILE D 109 25.69 -22.25 -7.27
CA ILE D 109 24.59 -22.18 -6.33
C ILE D 109 24.69 -23.34 -5.32
N SER D 110 24.39 -23.04 -4.04
CA SER D 110 24.38 -24.02 -2.97
C SER D 110 23.23 -23.73 -2.00
N GLY D 111 22.82 -24.77 -1.27
CA GLY D 111 21.75 -24.67 -0.29
C GLY D 111 22.23 -25.03 1.10
N THR D 112 21.62 -26.08 1.68
CA THR D 112 21.94 -26.58 3.02
C THR D 112 23.35 -27.19 3.08
N ALA D 113 23.89 -27.65 1.94
CA ALA D 113 25.23 -28.24 1.83
C ALA D 113 26.35 -27.21 2.02
N GLY D 114 26.12 -25.98 1.54
CA GLY D 114 27.09 -24.89 1.61
C GLY D 114 28.27 -25.09 0.67
N GLY D 115 29.40 -24.49 1.02
CA GLY D 115 30.66 -24.59 0.28
C GLY D 115 30.79 -23.78 -0.98
N LYS D 116 29.91 -22.77 -1.20
CA LYS D 116 29.97 -21.92 -2.40
C LYS D 116 31.21 -21.00 -2.37
N THR D 117 31.56 -20.44 -1.20
CA THR D 117 32.73 -19.56 -1.02
C THR D 117 34.02 -20.38 -1.17
N VAL D 118 34.06 -21.59 -0.58
CA VAL D 118 35.20 -22.52 -0.63
C VAL D 118 35.48 -22.90 -2.10
N LEU D 119 34.41 -23.19 -2.87
CA LEU D 119 34.52 -23.55 -4.28
C LEU D 119 34.99 -22.37 -5.14
N THR D 120 34.48 -21.15 -4.84
CA THR D 120 34.84 -19.92 -5.53
C THR D 120 36.34 -19.66 -5.40
N ASN D 121 36.86 -19.73 -4.15
CA ASN D 121 38.28 -19.54 -3.83
C ASN D 121 39.14 -20.60 -4.52
N HIS D 122 38.62 -21.84 -4.64
CA HIS D 122 39.30 -22.95 -5.30
C HIS D 122 39.46 -22.67 -6.79
N TYR D 123 38.36 -22.27 -7.47
CA TYR D 123 38.35 -21.95 -8.90
C TYR D 123 39.15 -20.69 -9.22
N ALA D 124 39.09 -19.66 -8.34
CA ALA D 124 39.82 -18.40 -8.52
C ALA D 124 41.34 -18.62 -8.47
N ALA D 125 41.82 -19.46 -7.52
CA ALA D 125 43.23 -19.81 -7.36
C ALA D 125 43.72 -20.64 -8.55
N GLN D 126 42.84 -21.52 -9.07
CA GLN D 126 43.07 -22.40 -10.21
C GLN D 126 43.28 -21.59 -11.49
N MET D 127 42.47 -20.52 -11.68
CA MET D 127 42.52 -19.62 -12.82
C MET D 127 43.74 -18.70 -12.75
N CYS D 128 44.08 -18.26 -11.52
CA CYS D 128 45.24 -17.41 -11.25
C CYS D 128 46.53 -18.18 -11.56
N ALA D 129 46.58 -19.47 -11.19
CA ALA D 129 47.71 -20.37 -11.44
C ALA D 129 47.87 -20.68 -12.94
N LYS D 130 46.75 -20.63 -13.68
CA LYS D 130 46.70 -20.87 -15.13
C LYS D 130 47.36 -19.73 -15.92
N GLY D 131 47.31 -18.51 -15.38
CA GLY D 131 47.90 -17.34 -16.01
C GLY D 131 46.94 -16.22 -16.33
N LEU D 132 45.68 -16.33 -15.86
CA LEU D 132 44.63 -15.33 -16.08
C LEU D 132 44.68 -14.25 -15.02
N LYS D 133 44.29 -13.00 -15.37
CA LYS D 133 44.20 -11.90 -14.42
C LYS D 133 42.83 -12.02 -13.76
N VAL D 134 42.83 -12.48 -12.49
CA VAL D 134 41.62 -12.77 -11.72
C VAL D 134 41.35 -11.68 -10.68
N ALA D 135 40.07 -11.24 -10.62
CA ALA D 135 39.57 -10.28 -9.65
C ALA D 135 38.41 -10.89 -8.87
N VAL D 136 38.32 -10.60 -7.58
CA VAL D 136 37.26 -11.11 -6.71
C VAL D 136 36.63 -9.93 -5.97
N VAL D 137 35.29 -9.97 -5.81
CA VAL D 137 34.55 -8.97 -5.06
C VAL D 137 33.61 -9.73 -4.11
N SER D 138 33.78 -9.46 -2.81
CA SER D 138 32.99 -10.08 -1.74
C SER D 138 31.92 -9.11 -1.29
N MET D 139 30.67 -9.58 -1.25
CA MET D 139 29.51 -8.77 -0.89
C MET D 139 28.35 -9.64 -0.39
N ALA D 140 27.33 -8.99 0.26
CA ALA D 140 26.09 -9.56 0.78
C ALA D 140 26.27 -10.71 1.79
N GLU D 141 27.47 -10.84 2.37
CA GLU D 141 27.78 -11.93 3.32
C GLU D 141 28.41 -11.43 4.61
N ALA D 142 28.41 -12.29 5.64
CA ALA D 142 29.01 -12.01 6.94
C ALA D 142 30.51 -11.77 6.79
N GLU D 143 31.04 -10.80 7.56
CA GLU D 143 32.46 -10.37 7.59
C GLU D 143 32.86 -9.64 6.28
N ARG D 144 31.87 -9.16 5.49
CA ARG D 144 32.13 -8.47 4.22
C ARG D 144 31.55 -7.05 4.26
N PRO D 145 32.39 -5.99 4.06
CA PRO D 145 31.90 -4.61 4.13
C PRO D 145 30.81 -4.24 3.10
N LEU D 146 30.91 -4.72 1.84
CA LEU D 146 29.92 -4.39 0.81
C LEU D 146 28.58 -5.11 1.05
N TYR D 147 27.48 -4.34 1.07
CA TYR D 147 26.11 -4.82 1.30
C TYR D 147 25.65 -5.77 0.18
N GLY D 148 26.10 -5.52 -1.05
CA GLY D 148 25.78 -6.35 -2.20
C GLY D 148 24.58 -5.97 -3.03
N SER D 149 24.24 -4.67 -3.08
CA SER D 149 23.12 -4.16 -3.89
C SER D 149 23.42 -4.30 -5.39
N VAL D 150 22.40 -4.08 -6.26
CA VAL D 150 22.54 -4.13 -7.73
C VAL D 150 23.60 -3.10 -8.17
N LEU D 151 23.68 -1.93 -7.50
CA LEU D 151 24.68 -0.89 -7.75
C LEU D 151 26.09 -1.43 -7.55
N HIS D 152 26.32 -2.12 -6.41
CA HIS D 152 27.62 -2.72 -6.07
C HIS D 152 28.04 -3.77 -7.11
N VAL D 153 27.08 -4.55 -7.65
CA VAL D 153 27.35 -5.59 -8.66
C VAL D 153 27.78 -4.91 -9.97
N PHE D 154 27.01 -3.93 -10.46
CA PHE D 154 27.29 -3.20 -11.71
C PHE D 154 28.57 -2.35 -11.63
N ALA D 155 28.85 -1.74 -10.47
CA ALA D 155 30.09 -0.97 -10.24
C ALA D 155 31.31 -1.90 -10.25
N ALA D 156 31.16 -3.13 -9.73
CA ALA D 156 32.22 -4.14 -9.73
C ALA D 156 32.46 -4.62 -11.15
N LEU D 157 31.35 -4.92 -11.88
CA LEU D 157 31.38 -5.37 -13.27
C LEU D 157 32.08 -4.36 -14.15
N HIS D 158 31.75 -3.06 -13.99
CA HIS D 158 32.34 -1.98 -14.77
C HIS D 158 33.83 -1.79 -14.45
N LEU D 159 34.22 -1.77 -13.14
CA LEU D 159 35.62 -1.61 -12.74
C LEU D 159 36.49 -2.74 -13.30
N ALA D 160 35.97 -3.98 -13.33
CA ALA D 160 36.67 -5.14 -13.86
C ALA D 160 36.73 -5.10 -15.39
N ALA D 161 35.64 -4.64 -16.05
CA ALA D 161 35.51 -4.53 -17.50
C ALA D 161 36.50 -3.53 -18.12
N VAL D 162 36.60 -2.30 -17.56
CA VAL D 162 37.48 -1.25 -18.10
C VAL D 162 38.96 -1.55 -17.77
N SER D 163 39.23 -2.35 -16.72
CA SER D 163 40.58 -2.71 -16.30
C SER D 163 41.07 -4.00 -16.98
N ASP D 164 42.30 -4.44 -16.65
CA ASP D 164 42.91 -5.64 -17.19
C ASP D 164 42.52 -6.86 -16.30
N VAL D 165 41.25 -7.27 -16.42
CA VAL D 165 40.68 -8.39 -15.68
C VAL D 165 40.08 -9.37 -16.69
N ASP D 166 40.54 -10.62 -16.67
CA ASP D 166 40.05 -11.67 -17.57
C ASP D 166 38.86 -12.39 -16.93
N VAL D 167 38.98 -12.75 -15.63
CA VAL D 167 37.94 -13.47 -14.89
C VAL D 167 37.58 -12.70 -13.61
N LEU D 168 36.26 -12.49 -13.38
CA LEU D 168 35.73 -11.81 -12.19
C LEU D 168 34.82 -12.76 -11.40
N TYR D 169 35.05 -12.87 -10.08
CA TYR D 169 34.24 -13.69 -9.18
C TYR D 169 33.44 -12.76 -8.25
N VAL D 170 32.10 -12.86 -8.28
CA VAL D 170 31.19 -12.05 -7.47
C VAL D 170 30.51 -12.97 -6.46
N ASP D 171 30.93 -12.88 -5.19
CA ASP D 171 30.42 -13.70 -4.09
C ASP D 171 29.84 -12.80 -2.98
N SER D 172 28.49 -12.64 -2.87
CA SER D 172 27.45 -13.33 -3.64
C SER D 172 26.34 -12.38 -4.15
N LEU D 173 25.29 -12.96 -4.78
CA LEU D 173 24.11 -12.27 -5.28
C LEU D 173 22.96 -12.33 -4.26
N ARG D 174 23.24 -12.71 -2.98
CA ARG D 174 22.25 -12.85 -1.90
C ARG D 174 21.36 -11.61 -1.75
N SER D 175 21.95 -10.41 -1.69
CA SER D 175 21.22 -9.15 -1.53
C SER D 175 20.39 -8.80 -2.78
N VAL D 176 20.96 -9.01 -3.99
CA VAL D 176 20.30 -8.77 -5.28
C VAL D 176 19.06 -9.70 -5.39
N TYR D 177 19.23 -10.99 -5.03
CA TYR D 177 18.17 -12.00 -5.00
C TYR D 177 17.02 -11.53 -4.10
N ASN D 178 17.36 -10.98 -2.91
CA ASN D 178 16.42 -10.45 -1.94
C ASN D 178 15.73 -9.17 -2.46
N GLU D 179 16.53 -8.25 -3.07
CA GLU D 179 16.10 -6.98 -3.66
C GLU D 179 15.03 -7.21 -4.74
N LEU D 180 15.20 -8.27 -5.55
CA LEU D 180 14.29 -8.65 -6.65
C LEU D 180 13.07 -9.45 -6.17
N GLY D 181 12.94 -9.57 -4.84
CA GLY D 181 11.83 -10.26 -4.19
C GLY D 181 11.92 -11.77 -4.18
N GLY D 182 13.11 -12.31 -4.47
CA GLY D 182 13.39 -13.75 -4.52
C GLY D 182 12.95 -14.56 -3.31
N ASN D 183 12.97 -13.93 -2.11
CA ASN D 183 12.59 -14.55 -0.85
C ASN D 183 11.06 -14.41 -0.56
N LEU D 184 10.30 -13.87 -1.54
CA LEU D 184 8.84 -13.72 -1.46
C LEU D 184 8.17 -14.69 -2.43
N LYS D 185 7.17 -15.46 -1.95
CA LYS D 185 6.44 -16.44 -2.75
C LYS D 185 4.95 -16.41 -2.41
N GLY D 188 5.69 -13.33 -10.48
CA GLY D 188 6.26 -12.00 -10.68
C GLY D 188 7.71 -11.86 -10.23
N VAL D 189 8.10 -12.74 -9.29
CA VAL D 189 9.40 -12.80 -8.63
C VAL D 189 10.45 -13.49 -9.54
N SER D 190 10.11 -14.69 -10.07
CA SER D 190 11.00 -15.49 -10.92
C SER D 190 11.35 -14.77 -12.24
N ARG D 191 10.46 -13.89 -12.74
CA ARG D 191 10.67 -13.10 -13.96
C ARG D 191 11.82 -12.11 -13.76
N GLN D 192 11.83 -11.40 -12.62
CA GLN D 192 12.85 -10.43 -12.25
C GLN D 192 14.21 -11.09 -12.02
N VAL D 193 14.24 -12.33 -11.48
CA VAL D 193 15.46 -13.11 -11.26
C VAL D 193 16.00 -13.57 -12.63
N ASP D 194 15.10 -14.05 -13.53
CA ASP D 194 15.39 -14.45 -14.91
C ASP D 194 16.04 -13.30 -15.68
N GLY D 195 15.41 -12.12 -15.59
CA GLY D 195 15.84 -10.88 -16.23
C GLY D 195 17.23 -10.47 -15.81
N MET D 196 17.53 -10.58 -14.49
CA MET D 196 18.85 -10.25 -13.94
C MET D 196 19.91 -11.20 -14.47
N LEU D 197 19.65 -12.52 -14.34
CA LEU D 197 20.54 -13.59 -14.78
C LEU D 197 20.88 -13.47 -16.29
N THR D 198 19.87 -13.16 -17.14
CA THR D 198 20.06 -12.96 -18.59
C THR D 198 20.92 -11.71 -18.84
N ALA D 199 20.63 -10.60 -18.13
CA ALA D 199 21.35 -9.33 -18.26
C ALA D 199 22.83 -9.48 -17.89
N LEU D 200 23.12 -10.25 -16.83
CA LEU D 200 24.48 -10.52 -16.35
C LEU D 200 25.29 -11.36 -17.36
N ASP D 201 24.64 -12.34 -18.04
CA ASP D 201 25.31 -13.14 -19.07
C ASP D 201 25.55 -12.32 -20.33
N GLN D 202 24.56 -11.47 -20.70
CA GLN D 202 24.60 -10.57 -21.85
C GLN D 202 25.72 -9.55 -21.67
N TYR D 203 25.90 -9.05 -20.43
CA TYR D 203 26.91 -8.07 -20.06
C TYR D 203 28.30 -8.64 -20.27
N ALA D 204 28.59 -9.81 -19.65
CA ALA D 204 29.87 -10.52 -19.71
C ALA D 204 30.28 -10.82 -21.16
N ARG D 205 29.32 -11.14 -22.04
CA ARG D 205 29.55 -11.42 -23.45
C ARG D 205 29.94 -10.13 -24.20
N ALA D 206 29.22 -9.01 -23.94
CA ALA D 206 29.44 -7.70 -24.55
C ALA D 206 30.80 -7.12 -24.17
N VAL D 207 31.20 -7.32 -22.92
CA VAL D 207 32.42 -6.82 -22.29
C VAL D 207 33.60 -7.80 -22.56
N ASN D 208 33.29 -9.03 -23.06
CA ASN D 208 34.23 -10.11 -23.42
C ASN D 208 35.03 -10.60 -22.20
N MET D 209 34.34 -10.76 -21.07
CA MET D 209 34.92 -11.19 -19.79
C MET D 209 34.19 -12.42 -19.25
N ARG D 210 34.88 -13.28 -18.48
CA ARG D 210 34.25 -14.42 -17.82
C ARG D 210 33.88 -13.97 -16.41
N VAL D 211 32.57 -14.00 -16.07
CA VAL D 211 32.15 -13.58 -14.73
C VAL D 211 31.49 -14.77 -14.02
N VAL D 212 31.94 -15.07 -12.80
CA VAL D 212 31.40 -16.17 -12.01
C VAL D 212 30.66 -15.59 -10.81
N PHE D 213 29.33 -15.81 -10.76
CA PHE D 213 28.47 -15.35 -9.68
C PHE D 213 28.13 -16.51 -8.76
N THR D 214 27.94 -16.20 -7.46
CA THR D 214 27.58 -17.22 -6.47
C THR D 214 26.27 -16.82 -5.79
N LEU D 215 25.52 -17.82 -5.27
CA LEU D 215 24.26 -17.60 -4.58
C LEU D 215 23.91 -18.75 -3.64
N ASN D 216 23.44 -18.40 -2.44
CA ASN D 216 22.91 -19.31 -1.43
C ASN D 216 21.64 -18.66 -0.91
N PRO D 217 20.44 -19.10 -1.38
CA PRO D 217 19.19 -18.48 -0.92
C PRO D 217 18.83 -18.91 0.52
N SER D 218 19.68 -18.51 1.49
CA SER D 218 19.56 -18.84 2.91
C SER D 218 18.43 -18.06 3.61
N ASP D 219 18.01 -16.93 3.02
CA ASP D 219 16.92 -16.10 3.55
C ASP D 219 15.54 -16.62 3.10
N ASP D 220 15.52 -17.62 2.21
CA ASP D 220 14.30 -18.24 1.67
C ASP D 220 13.73 -19.25 2.66
N GLU D 221 12.40 -19.48 2.60
CA GLU D 221 11.68 -20.44 3.45
C GLU D 221 12.15 -21.86 3.13
N ASN D 222 12.06 -22.27 1.84
CA ASN D 222 12.52 -23.56 1.34
C ASN D 222 13.77 -23.32 0.50
N VAL D 223 14.95 -23.34 1.17
CA VAL D 223 16.27 -23.07 0.62
C VAL D 223 16.62 -24.01 -0.55
N ASP D 224 16.47 -25.34 -0.36
CA ASP D 224 16.81 -26.32 -1.40
C ASP D 224 15.83 -26.30 -2.59
N ALA D 225 14.57 -25.90 -2.37
CA ALA D 225 13.58 -25.77 -3.46
C ALA D 225 13.90 -24.53 -4.31
N ALA D 226 14.44 -23.47 -3.65
CA ALA D 226 14.86 -22.23 -4.30
C ALA D 226 16.11 -22.48 -5.15
N VAL D 227 17.02 -23.35 -4.66
CA VAL D 227 18.25 -23.76 -5.35
C VAL D 227 17.88 -24.49 -6.65
N ARG D 228 16.96 -25.46 -6.58
CA ARG D 228 16.50 -26.26 -7.73
C ARG D 228 15.88 -25.38 -8.82
N SER D 229 15.07 -24.37 -8.45
CA SER D 229 14.42 -23.49 -9.42
C SER D 229 15.41 -22.46 -10.00
N VAL D 230 16.30 -21.86 -9.16
CA VAL D 230 17.30 -20.89 -9.65
C VAL D 230 18.29 -21.62 -10.57
N PHE D 231 18.66 -22.88 -10.25
CA PHE D 231 19.56 -23.71 -11.08
C PHE D 231 18.94 -23.97 -12.46
N LYS D 232 17.61 -24.23 -12.53
CA LYS D 232 16.89 -24.45 -13.79
C LYS D 232 16.88 -23.18 -14.64
N THR D 233 16.67 -22.01 -13.99
CA THR D 233 16.65 -20.69 -14.60
C THR D 233 18.05 -20.37 -15.16
N ALA D 234 19.10 -20.51 -14.31
CA ALA D 234 20.50 -20.24 -14.65
C ALA D 234 21.01 -21.13 -15.79
N SER D 235 20.47 -22.36 -15.90
CA SER D 235 20.81 -23.32 -16.95
C SER D 235 20.51 -22.78 -18.36
N ALA D 236 19.45 -21.95 -18.47
CA ALA D 236 19.02 -21.33 -19.73
C ALA D 236 19.60 -19.92 -19.91
N SER D 237 19.60 -19.11 -18.82
CA SER D 237 20.05 -17.72 -18.83
C SER D 237 21.58 -17.56 -18.84
N MET D 238 22.34 -18.53 -18.31
CA MET D 238 23.79 -18.39 -18.19
C MET D 238 24.58 -19.43 -18.98
N HIS D 239 25.87 -19.13 -19.25
CA HIS D 239 26.81 -19.99 -19.97
C HIS D 239 26.97 -21.34 -19.26
N THR D 240 27.08 -21.32 -17.92
CA THR D 240 27.25 -22.50 -17.06
C THR D 240 26.52 -22.27 -15.74
N ALA D 241 25.92 -23.34 -15.21
CA ALA D 241 25.24 -23.37 -13.92
C ALA D 241 25.76 -24.57 -13.13
N ARG D 242 26.26 -24.33 -11.91
CA ARG D 242 26.83 -25.37 -11.05
C ARG D 242 26.11 -25.40 -9.70
N ARG D 243 25.60 -26.57 -9.33
CA ARG D 243 24.87 -26.79 -8.09
C ARG D 243 25.65 -27.72 -7.15
N ILE D 244 25.95 -27.26 -5.92
CA ILE D 244 26.65 -28.06 -4.93
C ILE D 244 25.61 -28.95 -4.24
N LYS D 245 25.68 -30.27 -4.49
CA LYS D 245 24.78 -31.29 -3.93
C LYS D 245 25.24 -31.71 -2.53
N SER D 246 26.55 -31.97 -2.38
CA SER D 246 27.20 -32.39 -1.14
C SER D 246 28.49 -31.62 -0.94
N PHE D 247 28.86 -31.36 0.33
CA PHE D 247 30.08 -30.63 0.68
C PHE D 247 30.53 -30.99 2.10
N ALA D 248 31.80 -31.37 2.26
CA ALA D 248 32.40 -31.72 3.55
C ALA D 248 33.87 -31.27 3.63
N VAL D 249 34.31 -30.89 4.84
CA VAL D 249 35.68 -30.43 5.10
C VAL D 249 36.40 -31.45 6.00
N ASN D 250 37.61 -31.88 5.57
CA ASN D 250 38.46 -32.82 6.29
C ASN D 250 39.77 -32.07 6.65
N GLY D 251 39.72 -31.36 7.77
CA GLY D 251 40.83 -30.54 8.26
C GLY D 251 41.09 -29.33 7.38
N THR D 252 42.13 -29.41 6.55
CA THR D 252 42.55 -28.35 5.62
C THR D 252 42.08 -28.63 4.18
N ALA D 253 41.48 -29.81 3.95
CA ALA D 253 40.98 -30.21 2.62
C ALA D 253 39.45 -30.24 2.58
N PHE D 254 38.90 -30.09 1.37
CA PHE D 254 37.46 -30.13 1.12
C PHE D 254 37.17 -31.08 -0.04
N THR D 255 35.91 -31.53 -0.14
CA THR D 255 35.41 -32.37 -1.22
C THR D 255 33.94 -32.00 -1.40
N ALA D 256 33.55 -31.77 -2.67
CA ALA D 256 32.19 -31.37 -3.00
C ALA D 256 31.64 -32.16 -4.18
N GLU D 257 30.42 -32.71 -4.02
CA GLU D 257 29.71 -33.42 -5.08
C GLU D 257 28.84 -32.37 -5.75
N THR D 258 29.10 -32.12 -7.04
CA THR D 258 28.47 -31.04 -7.78
C THR D 258 27.71 -31.55 -9.03
N GLU D 259 26.71 -30.77 -9.47
CA GLU D 259 25.92 -30.99 -10.69
C GLU D 259 26.14 -29.78 -11.59
N ILE D 260 26.70 -29.99 -12.79
CA ILE D 260 26.99 -28.89 -13.71
C ILE D 260 26.16 -28.99 -15.00
N HIS D 261 25.62 -27.85 -15.43
CA HIS D 261 24.89 -27.70 -16.68
C HIS D 261 25.68 -26.79 -17.62
N LEU D 262 25.89 -27.26 -18.86
CA LEU D 262 26.56 -26.49 -19.91
C LEU D 262 25.51 -26.19 -20.97
N ARG D 263 25.22 -24.90 -21.18
CA ARG D 263 24.22 -24.43 -22.14
C ARG D 263 24.52 -24.86 -23.58
N ALA D 264 25.82 -24.85 -23.97
CA ALA D 264 26.30 -25.20 -25.30
C ALA D 264 25.84 -26.58 -25.80
N ASP D 265 25.99 -27.63 -24.96
CA ASP D 265 25.59 -28.99 -25.34
C ASP D 265 24.33 -29.48 -24.59
N ARG D 266 23.67 -28.58 -23.80
CA ARG D 266 22.44 -28.83 -23.02
C ARG D 266 22.66 -29.88 -21.89
N SER D 267 23.84 -30.57 -21.89
CA SER D 267 24.20 -31.62 -20.94
C SER D 267 24.16 -31.22 -19.45
N ASN D 268 23.72 -32.17 -18.61
CA ASN D 268 23.63 -32.06 -17.15
C ASN D 268 24.41 -33.24 -16.57
N SER D 269 25.64 -32.99 -16.09
CA SER D 269 26.50 -34.05 -15.59
C SER D 269 26.98 -33.82 -14.14
N ALA D 270 27.29 -34.94 -13.45
CA ALA D 270 27.80 -34.94 -12.09
C ALA D 270 29.32 -34.77 -12.11
N ASN D 271 29.84 -33.87 -11.25
CA ASN D 271 31.26 -33.59 -11.18
C ASN D 271 31.73 -33.53 -9.73
N ARG D 272 32.76 -34.29 -9.41
CA ARG D 272 33.33 -34.31 -8.07
C ARG D 272 34.53 -33.36 -8.07
N VAL D 273 34.51 -32.37 -7.16
CA VAL D 273 35.60 -31.39 -7.07
C VAL D 273 36.12 -31.37 -5.63
N SER D 274 37.43 -31.60 -5.49
CA SER D 274 38.15 -31.61 -4.20
C SER D 274 39.44 -30.79 -4.30
N GLY D 275 39.92 -30.33 -3.15
CA GLY D 275 41.14 -29.55 -3.03
C GLY D 275 41.40 -29.07 -1.62
N ASP D 276 42.34 -28.12 -1.47
CA ASP D 276 42.69 -27.54 -0.18
C ASP D 276 41.93 -26.24 0.05
N LEU D 277 41.74 -25.86 1.33
CA LEU D 277 41.04 -24.63 1.71
C LEU D 277 41.92 -23.42 1.41
N VAL D 278 41.44 -22.55 0.49
CA VAL D 278 42.13 -21.33 0.06
C VAL D 278 41.46 -20.13 0.73
N SER D 279 42.25 -19.32 1.47
CA SER D 279 41.76 -18.13 2.16
C SER D 279 41.57 -16.95 1.18
N ARG D 280 40.78 -15.93 1.60
CA ARG D 280 40.50 -14.74 0.79
C ARG D 280 40.92 -13.48 1.55
N ASN E 12 14.98 -13.36 -50.87
CA ASN E 12 14.16 -12.97 -49.73
C ASN E 12 14.67 -13.59 -48.42
N SER E 13 14.67 -12.82 -47.33
CA SER E 13 15.13 -13.25 -46.00
C SER E 13 14.30 -12.61 -44.87
N ILE E 14 14.42 -13.15 -43.65
CA ILE E 14 13.72 -12.69 -42.46
C ILE E 14 14.52 -11.53 -41.84
N ILE E 15 13.82 -10.43 -41.50
CA ILE E 15 14.39 -9.22 -40.89
C ILE E 15 14.31 -9.32 -39.35
N ASP E 16 15.41 -9.01 -38.65
CA ASP E 16 15.43 -8.95 -37.19
C ASP E 16 15.27 -7.47 -36.79
N LEU E 17 14.11 -7.13 -36.22
CA LEU E 17 13.74 -5.77 -35.81
C LEU E 17 14.32 -5.38 -34.44
N GLY E 18 14.84 -6.36 -33.71
CA GLY E 18 15.43 -6.20 -32.38
C GLY E 18 16.43 -5.05 -32.26
N PRO E 19 17.50 -5.02 -33.10
CA PRO E 19 18.47 -3.91 -33.01
C PRO E 19 17.85 -2.52 -33.24
N ARG E 20 16.82 -2.43 -34.12
CA ARG E 20 16.14 -1.16 -34.41
C ARG E 20 15.31 -0.67 -33.23
N VAL E 21 14.67 -1.61 -32.50
CA VAL E 21 13.88 -1.32 -31.29
C VAL E 21 14.85 -0.84 -30.20
N GLN E 22 16.01 -1.54 -30.05
CA GLN E 22 17.09 -1.22 -29.10
C GLN E 22 17.65 0.18 -29.30
N SER E 23 17.90 0.58 -30.57
CA SER E 23 18.44 1.90 -30.87
C SER E 23 17.39 3.00 -30.64
N LEU E 24 16.09 2.71 -30.90
CA LEU E 24 15.00 3.66 -30.67
C LEU E 24 14.86 3.94 -29.16
N MET E 25 14.99 2.89 -28.32
CA MET E 25 14.91 3.00 -26.85
C MET E 25 16.03 3.89 -26.30
N GLU E 26 17.21 3.87 -26.95
CA GLU E 26 18.35 4.70 -26.55
C GLU E 26 18.04 6.18 -26.84
N GLN E 27 17.36 6.43 -27.97
CA GLN E 27 16.94 7.77 -28.41
C GLN E 27 15.79 8.31 -27.56
N LEU E 28 14.97 7.41 -27.01
CA LEU E 28 13.80 7.71 -26.18
C LEU E 28 14.17 7.94 -24.70
N ALA E 29 15.44 7.71 -24.33
CA ALA E 29 15.93 7.91 -22.97
C ALA E 29 16.25 9.41 -22.70
N THR E 30 15.27 10.29 -22.97
CA THR E 30 15.33 11.74 -22.81
C THR E 30 14.56 12.18 -21.57
N THR E 31 14.94 13.34 -21.01
CA THR E 31 14.31 13.97 -19.86
C THR E 31 13.11 14.82 -20.34
N LYS E 32 13.04 15.10 -21.67
CA LYS E 32 12.01 15.94 -22.28
C LYS E 32 11.27 15.23 -23.44
N LEU E 33 10.55 14.12 -23.14
CA LEU E 33 9.75 13.43 -24.16
C LEU E 33 8.44 14.18 -24.43
N GLU E 34 8.06 15.12 -23.53
CA GLU E 34 6.88 15.97 -23.66
C GLU E 34 7.08 16.96 -24.80
N GLU E 35 8.35 17.40 -25.01
CA GLU E 35 8.76 18.29 -26.09
C GLU E 35 8.80 17.51 -27.42
N GLY E 36 9.07 16.21 -27.32
CA GLY E 36 9.12 15.30 -28.45
C GLY E 36 10.52 15.03 -28.97
N VAL E 37 10.70 13.87 -29.60
CA VAL E 37 11.95 13.45 -30.23
C VAL E 37 11.64 13.41 -31.73
N LYS E 38 12.16 14.40 -32.46
CA LYS E 38 11.94 14.58 -33.90
C LYS E 38 13.10 13.99 -34.71
N ASN E 39 13.00 14.12 -36.05
CA ASN E 39 13.97 13.74 -37.08
C ASN E 39 14.42 12.28 -36.98
N LEU E 40 13.49 11.38 -36.60
CA LEU E 40 13.74 9.95 -36.58
C LEU E 40 13.48 9.42 -37.99
N ASP E 41 13.90 8.17 -38.27
CA ASP E 41 13.68 7.60 -39.60
C ASP E 41 13.13 6.19 -39.42
N MET E 42 11.99 6.11 -38.71
CA MET E 42 11.31 4.87 -38.35
C MET E 42 10.76 4.11 -39.56
N GLY E 43 10.29 4.83 -40.58
CA GLY E 43 9.72 4.24 -41.78
C GLY E 43 8.64 5.08 -42.41
N SER E 44 8.57 5.06 -43.75
CA SER E 44 7.61 5.87 -44.48
C SER E 44 6.81 5.09 -45.55
N VAL E 45 6.85 3.74 -45.50
CA VAL E 45 6.11 2.88 -46.43
C VAL E 45 4.60 3.07 -46.17
N TYR E 46 4.20 3.09 -44.88
CA TYR E 46 2.81 3.28 -44.47
C TYR E 46 2.67 4.37 -43.40
N GLU E 47 1.68 5.27 -43.57
CA GLU E 47 1.39 6.39 -42.67
C GLU E 47 0.55 5.89 -41.49
N ILE E 48 1.23 5.51 -40.40
CA ILE E 48 0.59 4.95 -39.21
C ILE E 48 1.01 5.73 -37.96
N THR E 49 0.05 5.96 -37.05
CA THR E 49 0.29 6.60 -35.75
C THR E 49 -0.08 5.57 -34.67
N THR E 50 0.88 5.25 -33.79
CA THR E 50 0.71 4.30 -32.69
C THR E 50 0.57 5.09 -31.39
N VAL E 51 -0.56 4.89 -30.72
CA VAL E 51 -0.85 5.56 -29.44
C VAL E 51 -0.90 4.46 -28.38
N MET E 52 -0.12 4.61 -27.31
CA MET E 52 -0.06 3.63 -26.22
C MET E 52 -0.14 4.33 -24.87
N VAL E 53 -0.48 3.57 -23.81
CA VAL E 53 -0.54 4.13 -22.46
C VAL E 53 0.62 3.55 -21.63
N LEU E 54 1.39 4.44 -21.00
CA LEU E 54 2.51 4.15 -20.11
C LEU E 54 2.18 4.77 -18.77
N GLY E 55 1.67 3.94 -17.86
CA GLY E 55 1.20 4.39 -16.55
C GLY E 55 -0.08 5.19 -16.73
N ASN E 56 0.00 6.51 -16.46
CA ASN E 56 -1.13 7.44 -16.62
C ASN E 56 -0.89 8.37 -17.80
N SER E 57 0.29 8.23 -18.45
CA SER E 57 0.73 9.03 -19.59
C SER E 57 0.45 8.33 -20.93
N ILE E 58 0.46 9.13 -22.01
CA ILE E 58 0.24 8.67 -23.38
C ILE E 58 1.55 8.80 -24.15
N LEU E 59 1.95 7.76 -24.86
CA LEU E 59 3.14 7.82 -25.72
C LEU E 59 2.67 7.58 -27.15
N GLY E 60 2.92 8.57 -28.01
CA GLY E 60 2.54 8.51 -29.41
C GLY E 60 3.71 8.44 -30.37
N PHE E 61 3.62 7.51 -31.34
CA PHE E 61 4.60 7.32 -32.42
C PHE E 61 3.96 7.83 -33.69
N HIS E 62 4.31 9.06 -34.11
CA HIS E 62 3.69 9.72 -35.27
C HIS E 62 4.50 9.48 -36.53
N LYS E 63 3.97 8.61 -37.43
CA LYS E 63 4.57 8.20 -38.71
C LYS E 63 5.99 7.68 -38.46
N GLY E 64 7.00 8.21 -39.16
CA GLY E 64 8.38 7.80 -38.98
C GLY E 64 9.28 8.86 -38.39
N ASP E 65 8.74 10.07 -38.13
CA ASP E 65 9.47 11.24 -37.67
C ASP E 65 9.39 11.53 -36.15
N LEU E 66 8.17 11.58 -35.59
CA LEU E 66 7.95 11.97 -34.19
C LEU E 66 7.57 10.86 -33.23
N VAL E 67 7.96 11.06 -31.96
CA VAL E 67 7.62 10.28 -30.78
C VAL E 67 7.53 11.32 -29.64
N LYS E 68 6.31 11.50 -29.10
CA LYS E 68 6.02 12.48 -28.07
C LYS E 68 5.16 11.87 -26.98
N MET E 69 5.44 12.26 -25.73
CA MET E 69 4.71 11.84 -24.53
C MET E 69 3.82 12.97 -24.06
N VAL E 70 2.56 12.66 -23.71
CA VAL E 70 1.68 13.67 -23.14
C VAL E 70 1.20 13.13 -21.80
N ARG E 71 1.05 14.03 -20.81
CA ARG E 71 0.56 13.70 -19.47
C ARG E 71 -0.81 14.35 -19.35
N PRO E 72 -1.90 13.65 -19.77
CA PRO E 72 -3.22 14.29 -19.73
C PRO E 72 -3.73 14.51 -18.30
N SER E 73 -4.67 15.46 -18.13
CA SER E 73 -5.28 15.83 -16.86
C SER E 73 -5.98 14.62 -16.22
N VAL E 74 -6.65 13.79 -17.04
CA VAL E 74 -7.27 12.55 -16.59
C VAL E 74 -6.34 11.41 -17.02
N SER E 75 -6.30 10.30 -16.27
CA SER E 75 -5.44 9.17 -16.58
C SER E 75 -5.68 8.60 -17.97
N ALA E 76 -4.60 8.18 -18.64
CA ALA E 76 -4.62 7.57 -19.97
C ALA E 76 -5.35 6.23 -19.93
N ARG E 77 -5.42 5.62 -18.74
CA ARG E 77 -6.11 4.34 -18.49
C ARG E 77 -7.62 4.51 -18.71
N ASP E 78 -8.18 5.65 -18.26
CA ASP E 78 -9.59 6.00 -18.39
C ASP E 78 -9.91 6.52 -19.81
N LEU E 79 -8.95 7.24 -20.40
CA LEU E 79 -9.03 7.86 -21.71
C LEU E 79 -8.94 6.83 -22.85
N ILE E 80 -7.88 5.99 -22.87
CA ILE E 80 -7.61 5.03 -23.96
C ILE E 80 -7.70 3.57 -23.49
N GLY E 81 -6.98 3.26 -22.41
CA GLY E 81 -6.93 1.91 -21.86
C GLY E 81 -5.58 1.26 -22.07
N VAL E 82 -5.36 0.72 -23.27
CA VAL E 82 -4.10 0.02 -23.57
C VAL E 82 -3.34 0.73 -24.68
N GLY E 83 -3.96 0.83 -25.85
CA GLY E 83 -3.33 1.44 -27.02
C GLY E 83 -3.95 1.02 -28.34
N TYR E 84 -3.77 1.85 -29.36
CA TYR E 84 -4.36 1.63 -30.68
C TYR E 84 -3.46 2.20 -31.80
N ALA E 85 -3.92 2.03 -33.05
CA ALA E 85 -3.26 2.54 -34.24
C ALA E 85 -4.25 3.24 -35.15
N THR E 86 -3.84 4.40 -35.70
CA THR E 86 -4.62 5.18 -36.66
C THR E 86 -3.81 5.24 -37.93
N ALA E 87 -4.47 5.04 -39.08
CA ALA E 87 -3.82 5.03 -40.39
C ALA E 87 -4.77 5.47 -41.50
N SER E 88 -4.22 6.00 -42.62
CA SER E 88 -5.02 6.34 -43.81
C SER E 88 -5.46 5.01 -44.47
N ALA E 89 -6.67 4.96 -45.08
CA ALA E 89 -7.20 3.75 -45.73
C ALA E 89 -6.29 3.19 -46.84
N ALA E 90 -5.29 3.97 -47.29
CA ALA E 90 -4.32 3.57 -48.32
C ALA E 90 -3.31 2.54 -47.75
N VAL E 91 -3.39 2.25 -46.44
CA VAL E 91 -2.53 1.26 -45.78
C VAL E 91 -3.10 -0.12 -46.15
N VAL E 92 -2.51 -0.72 -47.20
CA VAL E 92 -2.91 -2.01 -47.73
C VAL E 92 -1.64 -2.80 -48.11
N ARG E 93 -1.50 -4.00 -47.52
CA ARG E 93 -0.36 -4.90 -47.75
C ARG E 93 -0.75 -5.91 -48.82
N GLN E 94 -0.44 -5.56 -50.08
CA GLN E 94 -0.76 -6.30 -51.31
C GLN E 94 -0.36 -7.79 -51.26
N ARG E 95 0.80 -8.10 -50.65
CA ARG E 95 1.31 -9.47 -50.57
C ARG E 95 0.40 -10.38 -49.71
N LEU E 96 -0.31 -9.81 -48.70
CA LEU E 96 -1.25 -10.55 -47.86
C LEU E 96 -2.50 -10.93 -48.66
N ILE E 97 -2.92 -10.07 -49.62
CA ILE E 97 -4.08 -10.31 -50.49
C ILE E 97 -3.71 -11.42 -51.49
N GLU E 98 -2.52 -11.31 -52.12
CA GLU E 98 -1.96 -12.25 -53.10
C GLU E 98 -1.83 -13.67 -52.54
N HIS E 99 -1.46 -13.80 -51.25
CA HIS E 99 -1.26 -15.09 -50.58
C HIS E 99 -2.43 -15.45 -49.64
N LYS E 100 -3.57 -14.72 -49.77
CA LYS E 100 -4.83 -14.92 -49.04
C LYS E 100 -4.65 -15.03 -47.51
N ILE E 101 -3.86 -14.11 -46.90
CA ILE E 101 -3.62 -14.09 -45.46
C ILE E 101 -4.36 -12.89 -44.85
N GLU E 102 -5.29 -13.19 -43.92
CA GLU E 102 -6.12 -12.17 -43.23
C GLU E 102 -5.31 -11.44 -42.17
N ALA E 103 -5.52 -10.12 -42.03
CA ALA E 103 -4.88 -9.31 -40.99
C ALA E 103 -5.48 -9.62 -39.63
N GLY E 104 -4.66 -9.53 -38.59
CA GLY E 104 -5.07 -9.81 -37.22
C GLY E 104 -3.94 -10.37 -36.38
N ALA E 105 -4.22 -10.69 -35.12
CA ALA E 105 -3.22 -11.24 -34.21
C ALA E 105 -3.45 -12.70 -33.97
N GLU E 106 -2.37 -13.42 -33.76
CA GLU E 106 -2.31 -14.85 -33.56
C GLU E 106 -1.49 -15.13 -32.31
N LEU E 107 -1.93 -16.10 -31.50
CA LEU E 107 -1.16 -16.46 -30.31
C LEU E 107 -0.70 -17.91 -30.36
N ILE E 108 0.59 -18.14 -30.07
CA ILE E 108 1.19 -19.45 -29.93
C ILE E 108 1.54 -19.58 -28.45
N ILE E 109 0.82 -20.43 -27.74
CA ILE E 109 1.01 -20.61 -26.30
C ILE E 109 1.48 -22.04 -26.01
N SER E 110 2.43 -22.17 -25.09
CA SER E 110 2.96 -23.46 -24.64
C SER E 110 3.21 -23.43 -23.13
N GLY E 111 3.25 -24.60 -22.53
CA GLY E 111 3.50 -24.77 -21.11
C GLY E 111 4.72 -25.60 -20.85
N THR E 112 4.52 -26.74 -20.17
CA THR E 112 5.59 -27.69 -19.81
C THR E 112 6.19 -28.38 -21.05
N ALA E 113 5.40 -28.47 -22.15
CA ALA E 113 5.81 -29.09 -23.41
C ALA E 113 6.87 -28.26 -24.15
N GLY E 114 6.78 -26.94 -24.06
CA GLY E 114 7.69 -26.02 -24.73
C GLY E 114 7.50 -25.97 -26.23
N GLY E 115 8.56 -25.61 -26.95
CA GLY E 115 8.59 -25.56 -28.41
C GLY E 115 7.94 -24.38 -29.09
N LYS E 116 7.64 -23.30 -28.34
CA LYS E 116 7.00 -22.11 -28.90
C LYS E 116 7.98 -21.36 -29.84
N THR E 117 9.27 -21.26 -29.48
CA THR E 117 10.31 -20.59 -30.29
C THR E 117 10.60 -21.42 -31.56
N VAL E 118 10.68 -22.75 -31.43
CA VAL E 118 10.92 -23.69 -32.53
C VAL E 118 9.77 -23.59 -33.56
N LEU E 119 8.52 -23.50 -33.07
CA LEU E 119 7.34 -23.36 -33.93
C LEU E 119 7.31 -22.01 -34.63
N THR E 120 7.69 -20.94 -33.91
CA THR E 120 7.72 -19.57 -34.43
C THR E 120 8.70 -19.50 -35.61
N ASN E 121 9.93 -20.04 -35.44
CA ASN E 121 10.97 -20.09 -36.46
C ASN E 121 10.53 -20.91 -37.66
N HIS E 122 9.75 -21.99 -37.41
CA HIS E 122 9.21 -22.87 -38.44
C HIS E 122 8.20 -22.10 -39.31
N TYR E 123 7.23 -21.41 -38.67
CA TYR E 123 6.20 -20.63 -39.37
C TYR E 123 6.78 -19.42 -40.08
N ALA E 124 7.79 -18.74 -39.48
CA ALA E 124 8.44 -17.58 -40.07
C ALA E 124 9.19 -17.95 -41.35
N ALA E 125 9.90 -19.09 -41.36
CA ALA E 125 10.65 -19.60 -42.52
C ALA E 125 9.69 -20.02 -43.64
N GLN E 126 8.53 -20.59 -43.25
CA GLN E 126 7.46 -21.05 -44.12
C GLN E 126 6.82 -19.87 -44.86
N MET E 127 6.61 -18.74 -44.15
CA MET E 127 6.04 -17.51 -44.68
C MET E 127 7.03 -16.79 -45.59
N CYS E 128 8.32 -16.82 -45.21
CA CYS E 128 9.43 -16.21 -45.97
C CYS E 128 9.57 -16.94 -47.31
N ALA E 129 9.47 -18.29 -47.30
CA ALA E 129 9.55 -19.15 -48.49
C ALA E 129 8.34 -18.94 -49.42
N LYS E 130 7.19 -18.54 -48.85
CA LYS E 130 5.95 -18.29 -49.55
C LYS E 130 6.03 -17.00 -50.40
N GLY E 131 6.83 -16.03 -49.95
CA GLY E 131 7.03 -14.77 -50.66
C GLY E 131 6.66 -13.53 -49.87
N LEU E 132 6.35 -13.69 -48.58
CA LEU E 132 5.97 -12.60 -47.68
C LEU E 132 7.20 -11.95 -47.06
N LYS E 133 7.12 -10.64 -46.76
CA LYS E 133 8.20 -9.92 -46.09
C LYS E 133 7.98 -10.14 -44.59
N VAL E 134 8.83 -10.99 -43.99
CA VAL E 134 8.73 -11.42 -42.61
C VAL E 134 9.77 -10.72 -41.70
N ALA E 135 9.32 -10.21 -40.55
CA ALA E 135 10.14 -9.59 -39.51
C ALA E 135 9.93 -10.33 -38.19
N VAL E 136 11.01 -10.49 -37.43
CA VAL E 136 10.97 -11.18 -36.14
C VAL E 136 11.61 -10.26 -35.10
N VAL E 137 11.03 -10.24 -33.88
CA VAL E 137 11.55 -9.48 -32.76
C VAL E 137 11.55 -10.43 -31.53
N SER E 138 12.74 -10.64 -30.98
CA SER E 138 12.98 -11.51 -29.82
C SER E 138 13.09 -10.66 -28.57
N MET E 139 12.31 -11.01 -27.54
CA MET E 139 12.27 -10.29 -26.27
C MET E 139 11.80 -11.22 -25.13
N ALA E 140 11.92 -10.76 -23.86
CA ALA E 140 11.50 -11.45 -22.62
C ALA E 140 11.97 -12.91 -22.52
N GLU E 141 13.17 -13.21 -23.04
CA GLU E 141 13.69 -14.57 -23.02
C GLU E 141 15.21 -14.60 -22.83
N ALA E 142 15.75 -15.77 -22.43
CA ALA E 142 17.17 -16.00 -22.23
C ALA E 142 17.93 -15.80 -23.56
N GLU E 143 19.13 -15.19 -23.49
CA GLU E 143 20.02 -14.90 -24.62
C GLU E 143 19.43 -13.80 -25.54
N ARG E 144 18.43 -13.03 -25.05
CA ARG E 144 17.80 -11.97 -25.85
C ARG E 144 18.00 -10.60 -25.17
N PRO E 145 18.62 -9.62 -25.89
CA PRO E 145 18.87 -8.30 -25.26
C PRO E 145 17.62 -7.53 -24.83
N LEU E 146 16.51 -7.58 -25.60
CA LEU E 146 15.28 -6.85 -25.24
C LEU E 146 14.54 -7.52 -24.07
N TYR E 147 14.23 -6.72 -23.03
CA TYR E 147 13.56 -7.14 -21.80
C TYR E 147 12.12 -7.60 -22.08
N GLY E 148 11.46 -6.97 -23.04
CA GLY E 148 10.11 -7.34 -23.45
C GLY E 148 8.96 -6.60 -22.80
N SER E 149 9.18 -5.34 -22.38
CA SER E 149 8.15 -4.50 -21.77
C SER E 149 7.06 -4.13 -22.80
N VAL E 150 5.94 -3.54 -22.33
CA VAL E 150 4.81 -3.10 -23.19
C VAL E 150 5.34 -2.08 -24.22
N LEU E 151 6.32 -1.22 -23.82
CA LEU E 151 6.97 -0.24 -24.68
C LEU E 151 7.66 -0.92 -25.85
N HIS E 152 8.45 -1.99 -25.57
CA HIS E 152 9.17 -2.77 -26.56
C HIS E 152 8.22 -3.41 -27.56
N VAL E 153 7.04 -3.87 -27.09
CA VAL E 153 6.01 -4.50 -27.93
C VAL E 153 5.45 -3.47 -28.91
N PHE E 154 4.99 -2.30 -28.39
CA PHE E 154 4.42 -1.24 -29.21
C PHE E 154 5.45 -0.59 -30.13
N ALA E 155 6.72 -0.47 -29.70
CA ALA E 155 7.79 0.07 -30.55
C ALA E 155 8.06 -0.86 -31.73
N ALA E 156 8.09 -2.19 -31.48
CA ALA E 156 8.28 -3.20 -32.51
C ALA E 156 7.11 -3.22 -33.50
N LEU E 157 5.86 -3.15 -32.98
CA LEU E 157 4.65 -3.13 -33.80
C LEU E 157 4.66 -1.92 -34.73
N HIS E 158 5.01 -0.72 -34.19
CA HIS E 158 5.07 0.52 -34.96
C HIS E 158 6.16 0.47 -36.04
N LEU E 159 7.37 -0.01 -35.69
CA LEU E 159 8.50 -0.13 -36.61
C LEU E 159 8.22 -1.10 -37.75
N ALA E 160 7.41 -2.14 -37.50
CA ALA E 160 7.02 -3.12 -38.51
C ALA E 160 5.86 -2.58 -39.36
N ALA E 161 4.92 -1.85 -38.71
CA ALA E 161 3.72 -1.27 -39.32
C ALA E 161 4.06 -0.22 -40.38
N VAL E 162 4.98 0.73 -40.08
CA VAL E 162 5.37 1.82 -40.99
C VAL E 162 6.35 1.32 -42.09
N SER E 163 6.90 0.10 -41.93
CA SER E 163 7.85 -0.50 -42.86
C SER E 163 7.17 -1.54 -43.76
N ASP E 164 7.90 -2.04 -44.77
CA ASP E 164 7.40 -3.05 -45.71
C ASP E 164 7.51 -4.44 -45.07
N VAL E 165 6.64 -4.68 -44.07
CA VAL E 165 6.56 -5.93 -43.32
C VAL E 165 5.12 -6.45 -43.43
N ASP E 166 4.95 -7.66 -43.97
CA ASP E 166 3.65 -8.30 -44.11
C ASP E 166 3.31 -9.09 -42.85
N VAL E 167 4.27 -9.88 -42.32
CA VAL E 167 4.08 -10.71 -41.13
C VAL E 167 5.17 -10.39 -40.10
N LEU E 168 4.75 -10.16 -38.84
CA LEU E 168 5.61 -9.87 -37.69
C LEU E 168 5.49 -10.98 -36.64
N TYR E 169 6.63 -11.47 -36.13
CA TYR E 169 6.67 -12.48 -35.09
C TYR E 169 7.26 -11.86 -33.83
N VAL E 170 6.49 -11.87 -32.74
CA VAL E 170 6.90 -11.29 -31.45
C VAL E 170 7.04 -12.44 -30.45
N ASP E 171 8.30 -12.81 -30.14
CA ASP E 171 8.62 -13.90 -29.22
C ASP E 171 9.49 -13.37 -28.04
N SER E 172 8.93 -13.16 -26.84
CA SER E 172 7.56 -13.45 -26.40
C SER E 172 6.91 -12.30 -25.60
N LEU E 173 5.68 -12.55 -25.10
CA LEU E 173 4.89 -11.63 -24.28
C LEU E 173 5.05 -11.96 -22.77
N ARG E 174 6.08 -12.78 -22.40
CA ARG E 174 6.36 -13.21 -21.02
C ARG E 174 6.43 -12.03 -20.03
N SER E 175 7.17 -10.97 -20.38
CA SER E 175 7.35 -9.79 -19.53
C SER E 175 6.05 -8.97 -19.42
N VAL E 176 5.32 -8.79 -20.54
CA VAL E 176 4.03 -8.09 -20.61
C VAL E 176 3.00 -8.82 -19.71
N TYR E 177 2.95 -10.16 -19.82
CA TYR E 177 2.08 -11.03 -19.02
C TYR E 177 2.35 -10.81 -17.53
N ASN E 178 3.64 -10.73 -17.15
CA ASN E 178 4.11 -10.49 -15.78
C ASN E 178 3.75 -9.06 -15.32
N GLU E 179 3.99 -8.06 -16.19
CA GLU E 179 3.73 -6.63 -15.99
C GLU E 179 2.24 -6.38 -15.67
N LEU E 180 1.33 -7.12 -16.34
CA LEU E 180 -0.12 -7.02 -16.17
C LEU E 180 -0.64 -7.84 -14.99
N GLY E 181 0.29 -8.41 -14.21
CA GLY E 181 0.00 -9.19 -13.02
C GLY E 181 -0.47 -10.61 -13.26
N GLY E 182 -0.25 -11.11 -14.48
CA GLY E 182 -0.61 -12.46 -14.90
C GLY E 182 -0.15 -13.59 -14.01
N ASN E 183 1.01 -13.41 -13.34
CA ASN E 183 1.61 -14.39 -12.44
C ASN E 183 1.08 -14.24 -10.98
N LEU E 184 0.09 -13.33 -10.77
CA LEU E 184 -0.56 -13.10 -9.46
C LEU E 184 -1.99 -13.63 -9.51
N LYS E 185 -2.38 -14.43 -8.50
CA LYS E 185 -3.72 -15.03 -8.37
C LYS E 185 -4.19 -15.00 -6.93
N GLY E 188 -9.20 -9.31 -11.36
CA GLY E 188 -8.63 -8.05 -11.83
C GLY E 188 -7.45 -8.22 -12.77
N VAL E 189 -6.81 -9.40 -12.70
CA VAL E 189 -5.63 -9.80 -13.49
C VAL E 189 -6.04 -10.22 -14.91
N SER E 190 -7.04 -11.12 -15.04
CA SER E 190 -7.52 -11.66 -16.33
C SER E 190 -8.14 -10.56 -17.22
N ARG E 191 -8.69 -9.48 -16.62
CA ARG E 191 -9.28 -8.35 -17.34
C ARG E 191 -8.17 -7.59 -18.10
N GLN E 192 -7.04 -7.33 -17.44
CA GLN E 192 -5.88 -6.63 -18.02
C GLN E 192 -5.22 -7.45 -19.13
N VAL E 193 -5.21 -8.79 -19.00
CA VAL E 193 -4.66 -9.70 -20.01
C VAL E 193 -5.61 -9.70 -21.23
N ASP E 194 -6.94 -9.77 -20.98
CA ASP E 194 -8.00 -9.71 -21.99
C ASP E 194 -7.89 -8.42 -22.81
N GLY E 195 -7.75 -7.28 -22.10
CA GLY E 195 -7.61 -5.95 -22.66
C GLY E 195 -6.42 -5.83 -23.58
N MET E 196 -5.27 -6.39 -23.17
CA MET E 196 -4.04 -6.39 -23.95
C MET E 196 -4.21 -7.20 -25.22
N LEU E 197 -4.68 -8.45 -25.09
CA LEU E 197 -4.90 -9.39 -26.21
C LEU E 197 -5.87 -8.79 -27.25
N THR E 198 -6.96 -8.13 -26.80
CA THR E 198 -7.95 -7.47 -27.69
C THR E 198 -7.29 -6.27 -28.41
N ALA E 199 -6.53 -5.44 -27.66
CA ALA E 199 -5.85 -4.27 -28.22
C ALA E 199 -4.81 -4.68 -29.29
N LEU E 200 -4.09 -5.80 -29.08
CA LEU E 200 -3.09 -6.33 -30.00
C LEU E 200 -3.71 -6.83 -31.30
N ASP E 201 -4.89 -7.50 -31.23
CA ASP E 201 -5.62 -7.97 -32.42
C ASP E 201 -6.22 -6.78 -33.17
N GLN E 202 -6.74 -5.80 -32.43
CA GLN E 202 -7.33 -4.57 -32.96
C GLN E 202 -6.27 -3.77 -33.70
N TYR E 203 -5.03 -3.75 -33.15
CA TYR E 203 -3.87 -3.05 -33.72
C TYR E 203 -3.52 -3.63 -35.08
N ALA E 204 -3.28 -4.96 -35.12
CA ALA E 204 -2.91 -5.70 -36.33
C ALA E 204 -3.95 -5.53 -37.45
N ARG E 205 -5.24 -5.44 -37.10
CA ARG E 205 -6.33 -5.23 -38.07
C ARG E 205 -6.30 -3.81 -38.63
N ALA E 206 -6.08 -2.80 -37.76
CA ALA E 206 -6.02 -1.38 -38.13
C ALA E 206 -4.83 -1.06 -39.02
N VAL E 207 -3.69 -1.72 -38.74
CA VAL E 207 -2.41 -1.57 -39.40
C VAL E 207 -2.33 -2.49 -40.66
N ASN E 208 -3.31 -3.43 -40.79
CA ASN E 208 -3.48 -4.38 -41.89
C ASN E 208 -2.28 -5.33 -42.02
N MET E 209 -1.79 -5.82 -40.88
CA MET E 209 -0.62 -6.70 -40.80
C MET E 209 -0.97 -7.96 -40.02
N ARG E 210 -0.27 -9.07 -40.31
CA ARG E 210 -0.45 -10.31 -39.56
C ARG E 210 0.62 -10.33 -38.48
N VAL E 211 0.21 -10.39 -37.22
CA VAL E 211 1.16 -10.40 -36.11
C VAL E 211 0.98 -11.70 -35.33
N VAL E 212 2.10 -12.38 -35.08
CA VAL E 212 2.07 -13.65 -34.36
C VAL E 212 2.82 -13.45 -33.05
N PHE E 213 2.10 -13.56 -31.94
CA PHE E 213 2.64 -13.42 -30.59
C PHE E 213 2.84 -14.78 -29.97
N THR E 214 3.83 -14.91 -29.09
CA THR E 214 4.11 -16.17 -28.39
C THR E 214 4.09 -15.91 -26.88
N LEU E 215 3.79 -16.96 -26.09
CA LEU E 215 3.74 -16.88 -24.65
C LEU E 215 3.92 -18.25 -24.00
N ASN E 216 4.74 -18.29 -22.94
CA ASN E 216 4.96 -19.45 -22.08
C ASN E 216 4.91 -18.92 -20.64
N PRO E 217 3.78 -19.08 -19.92
CA PRO E 217 3.71 -18.56 -18.55
C PRO E 217 4.52 -19.43 -17.56
N SER E 218 5.85 -19.45 -17.75
CA SER E 218 6.81 -20.23 -16.96
C SER E 218 7.02 -19.65 -15.56
N ASP E 219 6.70 -18.35 -15.36
CA ASP E 219 6.84 -17.66 -14.08
C ASP E 219 5.60 -17.88 -13.18
N ASP E 220 4.56 -18.52 -13.73
CA ASP E 220 3.30 -18.82 -13.03
C ASP E 220 3.46 -20.07 -12.16
N GLU E 221 2.66 -20.16 -11.06
CA GLU E 221 2.65 -21.28 -10.12
C GLU E 221 2.17 -22.55 -10.85
N ASN E 222 0.98 -22.48 -11.48
CA ASN E 222 0.39 -23.57 -12.25
C ASN E 222 0.45 -23.16 -13.73
N VAL E 223 1.57 -23.52 -14.39
CA VAL E 223 1.92 -23.16 -15.78
C VAL E 223 0.85 -23.68 -16.77
N ASP E 224 0.49 -24.98 -16.71
CA ASP E 224 -0.48 -25.57 -17.64
C ASP E 224 -1.91 -25.06 -17.41
N ALA E 225 -2.26 -24.67 -16.17
CA ALA E 225 -3.58 -24.10 -15.86
C ALA E 225 -3.68 -22.67 -16.42
N ALA E 226 -2.54 -21.94 -16.44
CA ALA E 226 -2.42 -20.59 -16.98
C ALA E 226 -2.54 -20.64 -18.51
N VAL E 227 -1.96 -21.69 -19.14
CA VAL E 227 -2.00 -21.93 -20.58
C VAL E 227 -3.48 -22.14 -21.01
N ARG E 228 -4.21 -23.02 -20.29
CA ARG E 228 -5.61 -23.33 -20.57
C ARG E 228 -6.51 -22.08 -20.50
N SER E 229 -6.30 -21.20 -19.50
CA SER E 229 -7.12 -19.99 -19.35
C SER E 229 -6.73 -18.91 -20.37
N VAL E 230 -5.41 -18.70 -20.63
CA VAL E 230 -4.96 -17.70 -21.62
C VAL E 230 -5.43 -18.15 -23.03
N PHE E 231 -5.38 -19.48 -23.32
CA PHE E 231 -5.85 -20.05 -24.60
C PHE E 231 -7.36 -19.77 -24.80
N LYS E 232 -8.17 -19.88 -23.73
CA LYS E 232 -9.61 -19.62 -23.79
C LYS E 232 -9.87 -18.13 -24.06
N THR E 233 -9.08 -17.24 -23.41
CA THR E 233 -9.16 -15.79 -23.55
C THR E 233 -8.77 -15.40 -24.99
N ALA E 234 -7.60 -15.89 -25.46
CA ALA E 234 -7.06 -15.65 -26.79
C ALA E 234 -7.99 -16.12 -27.91
N SER E 235 -8.75 -17.20 -27.67
CA SER E 235 -9.71 -17.78 -28.60
C SER E 235 -10.81 -16.79 -28.99
N ALA E 236 -11.20 -15.90 -28.05
CA ALA E 236 -12.20 -14.86 -28.27
C ALA E 236 -11.57 -13.52 -28.70
N SER E 237 -10.45 -13.13 -28.04
CA SER E 237 -9.72 -11.87 -28.24
C SER E 237 -8.94 -11.79 -29.56
N MET E 238 -8.47 -12.92 -30.11
CA MET E 238 -7.64 -12.87 -31.31
C MET E 238 -8.16 -13.71 -32.47
N HIS E 239 -7.59 -13.48 -33.67
CA HIS E 239 -7.93 -14.14 -34.93
C HIS E 239 -7.72 -15.66 -34.83
N THR E 240 -6.60 -16.09 -34.24
CA THR E 240 -6.22 -17.49 -34.07
C THR E 240 -5.47 -17.66 -32.73
N ALA E 241 -5.70 -18.81 -32.08
CA ALA E 241 -5.04 -19.20 -30.85
C ALA E 241 -4.55 -20.64 -31.03
N ARG E 242 -3.24 -20.87 -30.83
CA ARG E 242 -2.62 -22.16 -30.99
C ARG E 242 -1.92 -22.59 -29.70
N ARG E 243 -2.28 -23.78 -29.20
CA ARG E 243 -1.75 -24.35 -27.97
C ARG E 243 -0.91 -25.59 -28.28
N ILE E 244 0.36 -25.59 -27.84
CA ILE E 244 1.26 -26.74 -28.04
C ILE E 244 0.98 -27.73 -26.90
N LYS E 245 0.39 -28.89 -27.24
CA LYS E 245 0.04 -29.96 -26.31
C LYS E 245 1.24 -30.85 -26.03
N SER E 246 1.94 -31.25 -27.11
CA SER E 246 3.12 -32.12 -27.08
C SER E 246 4.20 -31.56 -27.99
N PHE E 247 5.48 -31.78 -27.63
CA PHE E 247 6.64 -31.31 -28.41
C PHE E 247 7.87 -32.16 -28.10
N ALA E 248 8.54 -32.66 -29.16
CA ALA E 248 9.75 -33.47 -29.04
C ALA E 248 10.72 -33.19 -30.21
N VAL E 249 12.03 -33.27 -29.94
CA VAL E 249 13.10 -33.05 -30.90
C VAL E 249 13.84 -34.37 -31.18
N ASN E 250 13.99 -34.73 -32.47
CA ASN E 250 14.70 -35.92 -32.94
C ASN E 250 15.88 -35.44 -33.79
N GLY E 251 16.99 -35.14 -33.10
CA GLY E 251 18.21 -34.64 -33.72
C GLY E 251 18.05 -33.23 -34.24
N THR E 252 17.89 -33.11 -35.58
CA THR E 252 17.73 -31.83 -36.28
C THR E 252 16.26 -31.57 -36.64
N ALA E 253 15.37 -32.55 -36.38
CA ALA E 253 13.94 -32.44 -36.67
C ALA E 253 13.10 -32.33 -35.40
N PHE E 254 11.90 -31.74 -35.52
CA PHE E 254 10.95 -31.57 -34.42
C PHE E 254 9.57 -32.05 -34.87
N THR E 255 8.71 -32.33 -33.90
CA THR E 255 7.31 -32.70 -34.12
C THR E 255 6.52 -32.17 -32.91
N ALA E 256 5.40 -31.51 -33.19
CA ALA E 256 4.56 -30.92 -32.17
C ALA E 256 3.09 -31.21 -32.39
N GLU E 257 2.42 -31.68 -31.33
CA GLU E 257 0.97 -31.94 -31.34
C GLU E 257 0.33 -30.66 -30.82
N THR E 258 -0.46 -30.02 -31.67
CA THR E 258 -1.03 -28.71 -31.38
C THR E 258 -2.59 -28.72 -31.43
N GLU E 259 -3.20 -27.75 -30.70
CA GLU E 259 -4.63 -27.50 -30.66
C GLU E 259 -4.84 -26.06 -31.17
N ILE E 260 -5.57 -25.91 -32.27
CA ILE E 260 -5.79 -24.59 -32.87
C ILE E 260 -7.28 -24.19 -32.83
N HIS E 261 -7.52 -22.93 -32.45
CA HIS E 261 -8.83 -22.31 -32.44
C HIS E 261 -8.87 -21.21 -33.50
N LEU E 262 -9.90 -21.25 -34.36
CA LEU E 262 -10.14 -20.24 -35.38
C LEU E 262 -11.42 -19.50 -35.00
N ARG E 263 -11.31 -18.20 -34.73
CA ARG E 263 -12.43 -17.36 -34.28
C ARG E 263 -13.57 -17.30 -35.33
N ALA E 264 -13.20 -17.28 -36.64
CA ALA E 264 -14.11 -17.19 -37.78
C ALA E 264 -15.20 -18.28 -37.78
N ASP E 265 -14.81 -19.56 -37.59
CA ASP E 265 -15.77 -20.68 -37.59
C ASP E 265 -15.98 -21.28 -36.17
N ARG E 266 -15.40 -20.64 -35.11
CA ARG E 266 -15.49 -21.04 -33.69
C ARG E 266 -14.83 -22.42 -33.42
N SER E 267 -14.45 -23.17 -34.49
CA SER E 267 -13.86 -24.51 -34.43
C SER E 267 -12.57 -24.62 -33.60
N ASN E 268 -12.44 -25.76 -32.91
CA ASN E 268 -11.29 -26.15 -32.08
C ASN E 268 -10.81 -27.52 -32.58
N SER E 269 -9.72 -27.54 -33.37
CA SER E 269 -9.22 -28.78 -33.96
C SER E 269 -7.76 -29.07 -33.62
N ALA E 270 -7.40 -30.38 -33.67
CA ALA E 270 -6.05 -30.88 -33.43
C ALA E 270 -5.25 -30.81 -34.72
N ASN E 271 -4.01 -30.31 -34.63
CA ASN E 271 -3.13 -30.17 -35.78
C ASN E 271 -1.72 -30.63 -35.44
N ARG E 272 -1.18 -31.55 -36.24
CA ARG E 272 0.18 -32.06 -36.05
C ARG E 272 1.11 -31.25 -36.96
N VAL E 273 2.14 -30.63 -36.38
CA VAL E 273 3.10 -29.83 -37.13
C VAL E 273 4.52 -30.34 -36.86
N SER E 274 5.23 -30.71 -37.94
CA SER E 274 6.60 -31.22 -37.90
C SER E 274 7.47 -30.52 -38.95
N GLY E 275 8.78 -30.52 -38.72
CA GLY E 275 9.76 -29.92 -39.61
C GLY E 275 11.16 -29.96 -39.06
N ASP E 276 12.07 -29.20 -39.68
CA ASP E 276 13.47 -29.12 -39.26
C ASP E 276 13.70 -27.92 -38.35
N LEU E 277 14.73 -28.00 -37.50
CA LEU E 277 15.09 -26.92 -36.57
C LEU E 277 15.71 -25.75 -37.35
N VAL E 278 15.04 -24.59 -37.32
CA VAL E 278 15.46 -23.36 -37.98
C VAL E 278 16.03 -22.41 -36.92
N SER E 279 17.30 -21.97 -37.12
CA SER E 279 17.99 -21.06 -36.21
C SER E 279 17.51 -19.60 -36.40
N ARG E 280 17.76 -18.74 -35.39
CA ARG E 280 17.39 -17.33 -35.41
C ARG E 280 18.63 -16.46 -35.18
N ASN F 12 -34.90 4.76 -41.46
CA ASN F 12 -34.37 4.76 -40.09
C ASN F 12 -33.36 3.64 -39.88
N SER F 13 -32.26 3.94 -39.17
CA SER F 13 -31.18 2.99 -38.87
C SER F 13 -30.57 3.25 -37.48
N ILE F 14 -29.81 2.27 -36.95
CA ILE F 14 -29.14 2.34 -35.65
C ILE F 14 -27.82 3.09 -35.81
N ILE F 15 -27.56 4.06 -34.91
CA ILE F 15 -26.36 4.89 -34.87
C ILE F 15 -25.29 4.24 -33.97
N ASP F 16 -24.04 4.15 -34.44
CA ASP F 16 -22.93 3.65 -33.64
C ASP F 16 -22.19 4.87 -33.09
N LEU F 17 -22.30 5.09 -31.77
CA LEU F 17 -21.71 6.22 -31.06
C LEU F 17 -20.22 6.02 -30.73
N GLY F 18 -19.73 4.78 -30.87
CA GLY F 18 -18.36 4.39 -30.62
C GLY F 18 -17.31 5.32 -31.23
N PRO F 19 -17.31 5.54 -32.57
CA PRO F 19 -16.30 6.45 -33.17
C PRO F 19 -16.34 7.89 -32.62
N ARG F 20 -17.54 8.40 -32.26
CA ARG F 20 -17.70 9.75 -31.71
C ARG F 20 -17.09 9.85 -30.30
N VAL F 21 -17.20 8.77 -29.50
CA VAL F 21 -16.62 8.68 -28.15
C VAL F 21 -15.08 8.64 -28.29
N GLN F 22 -14.59 7.85 -29.25
CA GLN F 22 -13.16 7.68 -29.56
C GLN F 22 -12.51 9.01 -29.95
N SER F 23 -13.17 9.81 -30.81
CA SER F 23 -12.65 11.10 -31.26
C SER F 23 -12.66 12.14 -30.12
N LEU F 24 -13.71 12.10 -29.24
CA LEU F 24 -13.81 12.99 -28.10
C LEU F 24 -12.68 12.73 -27.10
N MET F 25 -12.33 11.44 -26.87
CA MET F 25 -11.24 11.03 -25.97
C MET F 25 -9.89 11.54 -26.46
N GLU F 26 -9.69 11.63 -27.80
CA GLU F 26 -8.47 12.15 -28.40
C GLU F 26 -8.34 13.66 -28.13
N GLN F 27 -9.48 14.38 -28.17
CA GLN F 27 -9.58 15.81 -27.91
C GLN F 27 -9.41 16.13 -26.42
N LEU F 28 -9.79 15.18 -25.55
CA LEU F 28 -9.72 15.29 -24.09
C LEU F 28 -8.32 14.94 -23.53
N ALA F 29 -7.40 14.47 -24.40
CA ALA F 29 -6.04 14.11 -24.02
C ALA F 29 -5.14 15.37 -23.96
N THR F 30 -5.59 16.39 -23.19
CA THR F 30 -4.93 17.68 -22.98
C THR F 30 -4.28 17.73 -21.60
N THR F 31 -3.23 18.55 -21.46
CA THR F 31 -2.52 18.80 -20.21
C THR F 31 -3.26 19.89 -19.39
N LYS F 32 -4.18 20.63 -20.05
CA LYS F 32 -4.92 21.74 -19.44
C LYS F 32 -6.45 21.59 -19.58
N LEU F 33 -7.04 20.52 -18.95
CA LEU F 33 -8.49 20.34 -18.98
C LEU F 33 -9.18 21.27 -17.96
N GLU F 34 -8.39 21.87 -17.04
CA GLU F 34 -8.86 22.84 -16.05
C GLU F 34 -9.24 24.15 -16.75
N GLU F 35 -8.53 24.47 -17.85
CA GLU F 35 -8.78 25.64 -18.70
C GLU F 35 -10.02 25.38 -19.57
N GLY F 36 -10.26 24.11 -19.88
CA GLY F 36 -11.40 23.66 -20.69
C GLY F 36 -11.07 23.43 -22.15
N VAL F 37 -11.85 22.55 -22.79
CA VAL F 37 -11.76 22.25 -24.22
C VAL F 37 -13.07 22.77 -24.83
N LYS F 38 -12.96 23.88 -25.56
CA LYS F 38 -14.10 24.57 -26.18
C LYS F 38 -14.26 24.16 -27.65
N ASN F 39 -15.26 24.78 -28.31
CA ASN F 39 -15.62 24.67 -29.73
C ASN F 39 -15.84 23.22 -30.21
N LEU F 40 -16.41 22.38 -29.34
CA LEU F 40 -16.78 21.01 -29.69
C LEU F 40 -18.18 21.05 -30.32
N ASP F 41 -18.61 19.94 -30.94
CA ASP F 41 -19.93 19.87 -31.53
C ASP F 41 -20.57 18.56 -31.10
N MET F 42 -20.71 18.38 -29.77
CA MET F 42 -21.24 17.17 -29.15
C MET F 42 -22.76 16.99 -29.45
N GLY F 43 -23.47 18.09 -29.66
CA GLY F 43 -24.90 18.10 -29.95
C GLY F 43 -25.63 19.24 -29.29
N SER F 44 -26.68 19.78 -29.94
CA SER F 44 -27.43 20.92 -29.44
C SER F 44 -28.96 20.69 -29.43
N VAL F 45 -29.41 19.44 -29.62
CA VAL F 45 -30.83 19.07 -29.63
C VAL F 45 -31.41 19.31 -28.22
N TYR F 46 -30.67 18.90 -27.17
CA TYR F 46 -31.09 19.10 -25.78
C TYR F 46 -29.99 19.76 -24.93
N GLU F 47 -30.38 20.75 -24.10
CA GLU F 47 -29.47 21.48 -23.21
C GLU F 47 -29.23 20.64 -21.95
N ILE F 48 -28.19 19.81 -21.98
CA ILE F 48 -27.86 18.92 -20.86
C ILE F 48 -26.39 19.13 -20.42
N THR F 49 -26.17 19.12 -19.10
CA THR F 49 -24.85 19.20 -18.51
C THR F 49 -24.61 17.89 -17.73
N THR F 50 -23.53 17.17 -18.07
CA THR F 50 -23.15 15.91 -17.42
C THR F 50 -21.98 16.20 -16.48
N VAL F 51 -22.14 15.87 -15.21
CA VAL F 51 -21.10 16.09 -14.20
C VAL F 51 -20.72 14.72 -13.65
N MET F 52 -19.44 14.33 -13.80
CA MET F 52 -18.96 13.03 -13.34
C MET F 52 -17.75 13.18 -12.40
N VAL F 53 -17.45 12.13 -11.62
CA VAL F 53 -16.28 12.17 -10.74
C VAL F 53 -15.21 11.22 -11.31
N LEU F 54 -13.99 11.75 -11.48
CA LEU F 54 -12.80 11.05 -11.93
C LEU F 54 -11.76 11.19 -10.84
N GLY F 55 -11.63 10.17 -10.02
CA GLY F 55 -10.74 10.20 -8.86
C GLY F 55 -11.32 11.12 -7.80
N ASN F 56 -10.64 12.24 -7.54
CA ASN F 56 -11.07 13.28 -6.60
C ASN F 56 -11.51 14.54 -7.34
N SER F 57 -11.39 14.50 -8.69
CA SER F 57 -11.73 15.61 -9.57
C SER F 57 -13.13 15.46 -10.18
N ILE F 58 -13.66 16.58 -10.69
CA ILE F 58 -14.96 16.67 -11.35
C ILE F 58 -14.74 16.93 -12.83
N LEU F 59 -15.40 16.16 -13.71
CA LEU F 59 -15.35 16.39 -15.14
C LEU F 59 -16.76 16.73 -15.61
N GLY F 60 -16.91 17.93 -16.16
CA GLY F 60 -18.19 18.44 -16.62
C GLY F 60 -18.27 18.59 -18.13
N PHE F 61 -19.38 18.08 -18.71
CA PHE F 61 -19.70 18.17 -20.13
C PHE F 61 -20.84 19.18 -20.25
N HIS F 62 -20.51 20.42 -20.63
CA HIS F 62 -21.47 21.53 -20.70
C HIS F 62 -22.06 21.66 -22.10
N LYS F 63 -23.33 21.25 -22.26
CA LYS F 63 -24.10 21.25 -23.51
C LYS F 63 -23.30 20.51 -24.60
N GLY F 64 -23.08 21.13 -25.76
CA GLY F 64 -22.31 20.51 -26.83
C GLY F 64 -20.99 21.17 -27.13
N ASP F 65 -20.67 22.26 -26.42
CA ASP F 65 -19.49 23.10 -26.64
C ASP F 65 -18.31 22.85 -25.70
N LEU F 66 -18.54 22.83 -24.36
CA LEU F 66 -17.48 22.74 -23.35
C LEU F 66 -17.37 21.40 -22.63
N VAL F 67 -16.13 21.09 -22.22
CA VAL F 67 -15.71 19.99 -21.36
C VAL F 67 -14.56 20.56 -20.51
N LYS F 68 -14.79 20.67 -19.20
CA LYS F 68 -13.84 21.26 -18.26
C LYS F 68 -13.73 20.40 -17.00
N MET F 69 -12.49 20.29 -16.48
CA MET F 69 -12.18 19.55 -15.26
C MET F 69 -11.93 20.53 -14.13
N VAL F 70 -12.48 20.26 -12.94
CA VAL F 70 -12.22 21.08 -11.77
C VAL F 70 -11.68 20.15 -10.68
N ARG F 71 -10.72 20.65 -9.89
CA ARG F 71 -10.13 19.92 -8.78
C ARG F 71 -10.59 20.63 -7.49
N PRO F 72 -11.77 20.26 -6.95
CA PRO F 72 -12.28 20.97 -5.77
C PRO F 72 -11.45 20.74 -4.52
N SER F 73 -11.56 21.66 -3.54
CA SER F 73 -10.85 21.62 -2.26
C SER F 73 -11.16 20.33 -1.50
N VAL F 74 -12.44 19.90 -1.52
CA VAL F 74 -12.87 18.64 -0.92
C VAL F 74 -13.03 17.65 -2.08
N SER F 75 -12.80 16.35 -1.83
CA SER F 75 -12.89 15.31 -2.86
C SER F 75 -14.27 15.27 -3.50
N ALA F 76 -14.32 15.03 -4.82
CA ALA F 76 -15.54 14.92 -5.60
C ALA F 76 -16.36 13.70 -5.16
N ARG F 77 -15.68 12.72 -4.50
CA ARG F 77 -16.29 11.51 -3.94
C ARG F 77 -17.25 11.88 -2.79
N ASP F 78 -16.84 12.84 -1.95
CA ASP F 78 -17.63 13.34 -0.82
C ASP F 78 -18.71 14.33 -1.29
N LEU F 79 -18.39 15.11 -2.31
CA LEU F 79 -19.24 16.12 -2.93
C LEU F 79 -20.39 15.51 -3.74
N ILE F 80 -20.08 14.66 -4.75
CA ILE F 80 -21.04 14.05 -5.68
C ILE F 80 -21.19 12.53 -5.46
N GLY F 81 -20.08 11.81 -5.55
CA GLY F 81 -20.08 10.35 -5.42
C GLY F 81 -19.75 9.67 -6.72
N VAL F 82 -20.71 9.67 -7.68
CA VAL F 82 -20.52 9.03 -8.98
C VAL F 82 -20.68 10.04 -10.12
N GLY F 83 -21.85 10.65 -10.22
CA GLY F 83 -22.16 11.60 -11.28
C GLY F 83 -23.64 11.80 -11.53
N TYR F 84 -23.98 12.93 -12.18
CA TYR F 84 -25.37 13.29 -12.46
C TYR F 84 -25.52 14.10 -13.75
N ALA F 85 -26.78 14.45 -14.07
CA ALA F 85 -27.14 15.27 -15.22
C ALA F 85 -28.12 16.37 -14.82
N THR F 86 -27.89 17.58 -15.33
CA THR F 86 -28.76 18.74 -15.12
C THR F 86 -29.23 19.17 -16.49
N ALA F 87 -30.54 19.46 -16.62
CA ALA F 87 -31.15 19.81 -17.89
C ALA F 87 -32.23 20.88 -17.74
N SER F 88 -32.52 21.61 -18.84
CA SER F 88 -33.59 22.62 -18.87
C SER F 88 -34.96 21.91 -18.87
N ALA F 89 -36.02 22.60 -18.40
CA ALA F 89 -37.38 22.05 -18.32
C ALA F 89 -37.92 21.54 -19.69
N ALA F 90 -37.34 22.01 -20.81
CA ALA F 90 -37.72 21.65 -22.18
C ALA F 90 -37.14 20.30 -22.66
N VAL F 91 -36.40 19.57 -21.80
CA VAL F 91 -35.80 18.28 -22.19
C VAL F 91 -36.86 17.17 -22.12
N VAL F 92 -37.46 16.89 -23.28
CA VAL F 92 -38.51 15.90 -23.43
C VAL F 92 -38.36 15.21 -24.81
N ARG F 93 -38.30 13.87 -24.79
CA ARG F 93 -38.16 13.04 -25.98
C ARG F 93 -39.54 12.54 -26.38
N GLN F 94 -40.17 13.27 -27.32
CA GLN F 94 -41.53 13.08 -27.85
C GLN F 94 -41.80 11.66 -28.35
N ARG F 95 -40.81 11.02 -29.02
CA ARG F 95 -40.95 9.67 -29.58
C ARG F 95 -41.17 8.62 -28.48
N LEU F 96 -40.62 8.83 -27.26
CA LEU F 96 -40.79 7.92 -26.12
C LEU F 96 -42.23 8.00 -25.58
N ILE F 97 -42.87 9.19 -25.66
CA ILE F 97 -44.25 9.41 -25.25
C ILE F 97 -45.19 8.72 -26.25
N GLU F 98 -44.94 8.94 -27.57
CA GLU F 98 -45.69 8.39 -28.70
C GLU F 98 -45.71 6.86 -28.70
N HIS F 99 -44.58 6.22 -28.30
CA HIS F 99 -44.44 4.77 -28.27
C HIS F 99 -44.54 4.19 -26.85
N LYS F 100 -45.02 5.02 -25.88
CA LYS F 100 -45.27 4.67 -24.47
C LYS F 100 -44.06 3.96 -23.79
N ILE F 101 -42.84 4.52 -23.97
CA ILE F 101 -41.62 3.98 -23.35
C ILE F 101 -41.16 4.92 -22.24
N GLU F 102 -41.07 4.39 -21.01
CA GLU F 102 -40.66 5.14 -19.81
C GLU F 102 -39.15 5.34 -19.79
N ALA F 103 -38.69 6.53 -19.34
CA ALA F 103 -37.26 6.82 -19.20
C ALA F 103 -36.70 6.09 -18.00
N GLY F 104 -35.42 5.73 -18.08
CA GLY F 104 -34.73 5.01 -17.01
C GLY F 104 -33.75 3.99 -17.54
N ALA F 105 -32.89 3.47 -16.65
CA ALA F 105 -31.88 2.47 -17.01
C ALA F 105 -32.41 1.06 -16.80
N GLU F 106 -32.00 0.17 -17.70
CA GLU F 106 -32.36 -1.25 -17.79
C GLU F 106 -31.08 -2.09 -17.86
N LEU F 107 -31.04 -3.26 -17.20
CA LEU F 107 -29.84 -4.12 -17.23
C LEU F 107 -30.14 -5.50 -17.83
N ILE F 108 -29.27 -5.94 -18.75
CA ILE F 108 -29.31 -7.27 -19.34
C ILE F 108 -28.05 -7.96 -18.83
N ILE F 109 -28.21 -8.95 -17.94
CA ILE F 109 -27.08 -9.65 -17.33
C ILE F 109 -27.10 -11.13 -17.74
N SER F 110 -25.93 -11.69 -18.02
CA SER F 110 -25.75 -13.10 -18.37
C SER F 110 -24.47 -13.64 -17.75
N GLY F 111 -24.42 -14.95 -17.59
CA GLY F 111 -23.26 -15.63 -17.03
C GLY F 111 -22.68 -16.64 -18.01
N THR F 112 -22.67 -17.91 -17.61
CA THR F 112 -22.16 -19.02 -18.40
C THR F 112 -22.99 -19.27 -19.67
N ALA F 113 -24.30 -18.90 -19.64
CA ALA F 113 -25.23 -19.06 -20.76
C ALA F 113 -24.92 -18.14 -21.95
N GLY F 114 -24.42 -16.93 -21.65
CA GLY F 114 -24.10 -15.92 -22.65
C GLY F 114 -25.32 -15.32 -23.31
N GLY F 115 -25.14 -14.83 -24.54
CA GLY F 115 -26.21 -14.26 -25.37
C GLY F 115 -26.67 -12.85 -25.04
N LYS F 116 -25.88 -12.09 -24.24
CA LYS F 116 -26.24 -10.72 -23.86
C LYS F 116 -26.13 -9.76 -25.09
N THR F 117 -25.09 -9.94 -25.94
CA THR F 117 -24.88 -9.14 -27.15
C THR F 117 -25.97 -9.46 -28.19
N VAL F 118 -26.30 -10.76 -28.36
CA VAL F 118 -27.33 -11.23 -29.30
C VAL F 118 -28.69 -10.65 -28.91
N LEU F 119 -29.01 -10.62 -27.59
CA LEU F 119 -30.26 -10.07 -27.08
C LEU F 119 -30.32 -8.55 -27.26
N THR F 120 -29.18 -7.85 -27.04
CA THR F 120 -29.05 -6.40 -27.18
C THR F 120 -29.36 -6.00 -28.62
N ASN F 121 -28.74 -6.69 -29.60
CA ASN F 121 -28.93 -6.45 -31.04
C ASN F 121 -30.38 -6.73 -31.44
N HIS F 122 -31.01 -7.74 -30.80
CA HIS F 122 -32.41 -8.11 -31.05
C HIS F 122 -33.34 -6.97 -30.60
N TYR F 123 -33.16 -6.47 -29.36
CA TYR F 123 -33.96 -5.39 -28.80
C TYR F 123 -33.72 -4.06 -29.50
N ALA F 124 -32.47 -3.77 -29.90
CA ALA F 124 -32.09 -2.53 -30.62
C ALA F 124 -32.78 -2.46 -31.98
N ALA F 125 -32.80 -3.59 -32.74
CA ALA F 125 -33.43 -3.70 -34.06
C ALA F 125 -34.96 -3.57 -33.93
N GLN F 126 -35.51 -4.12 -32.84
CA GLN F 126 -36.94 -4.10 -32.50
C GLN F 126 -37.41 -2.66 -32.25
N MET F 127 -36.59 -1.86 -31.54
CA MET F 127 -36.86 -0.47 -31.21
C MET F 127 -36.71 0.43 -32.44
N CYS F 128 -35.72 0.12 -33.30
CA CYS F 128 -35.44 0.84 -34.54
C CYS F 128 -36.62 0.65 -35.50
N ALA F 129 -37.16 -0.58 -35.58
CA ALA F 129 -38.32 -0.94 -36.43
C ALA F 129 -39.60 -0.27 -35.93
N LYS F 130 -39.67 0.01 -34.61
CA LYS F 130 -40.80 0.65 -33.95
C LYS F 130 -40.91 2.14 -34.33
N GLY F 131 -39.77 2.78 -34.62
CA GLY F 131 -39.72 4.19 -35.02
C GLY F 131 -38.90 5.09 -34.11
N LEU F 132 -38.18 4.48 -33.16
CA LEU F 132 -37.34 5.21 -32.21
C LEU F 132 -35.95 5.45 -32.78
N LYS F 133 -35.30 6.57 -32.39
CA LYS F 133 -33.92 6.85 -32.79
C LYS F 133 -33.02 6.11 -31.82
N VAL F 134 -32.42 5.01 -32.29
CA VAL F 134 -31.61 4.11 -31.48
C VAL F 134 -30.11 4.30 -31.75
N ALA F 135 -29.33 4.37 -30.66
CA ALA F 135 -27.87 4.47 -30.69
C ALA F 135 -27.27 3.31 -29.88
N VAL F 136 -26.15 2.77 -30.35
CA VAL F 136 -25.46 1.66 -29.69
C VAL F 136 -23.99 2.04 -29.51
N VAL F 137 -23.41 1.69 -28.36
CA VAL F 137 -22.01 1.91 -28.07
C VAL F 137 -21.44 0.58 -27.53
N SER F 138 -20.45 0.05 -28.24
CA SER F 138 -19.76 -1.19 -27.91
C SER F 138 -18.46 -0.90 -27.21
N MET F 139 -18.25 -1.54 -26.05
CA MET F 139 -17.07 -1.34 -25.22
C MET F 139 -16.80 -2.57 -24.33
N ALA F 140 -15.59 -2.61 -23.70
CA ALA F 140 -15.11 -3.63 -22.75
C ALA F 140 -15.27 -5.06 -23.24
N GLU F 141 -15.21 -5.27 -24.56
CA GLU F 141 -15.39 -6.60 -25.13
C GLU F 141 -14.42 -6.85 -26.27
N ALA F 142 -14.23 -8.14 -26.63
CA ALA F 142 -13.37 -8.57 -27.72
C ALA F 142 -13.89 -8.01 -29.04
N GLU F 143 -12.97 -7.58 -29.93
CA GLU F 143 -13.23 -7.02 -31.26
C GLU F 143 -13.86 -5.61 -31.15
N ARG F 144 -13.72 -4.94 -29.98
CA ARG F 144 -14.29 -3.60 -29.75
C ARG F 144 -13.18 -2.60 -29.39
N PRO F 145 -13.02 -1.49 -30.16
CA PRO F 145 -11.93 -0.53 -29.86
C PRO F 145 -12.03 0.16 -28.49
N LEU F 146 -13.24 0.52 -28.01
CA LEU F 146 -13.38 1.20 -26.72
C LEU F 146 -13.14 0.24 -25.54
N TYR F 147 -12.25 0.65 -24.61
CA TYR F 147 -11.87 -0.11 -23.42
C TYR F 147 -13.05 -0.28 -22.46
N GLY F 148 -13.92 0.72 -22.37
CA GLY F 148 -15.12 0.68 -21.54
C GLY F 148 -15.03 1.24 -20.14
N SER F 149 -14.15 2.23 -19.93
CA SER F 149 -13.98 2.90 -18.63
C SER F 149 -15.22 3.72 -18.26
N VAL F 150 -15.31 4.21 -17.00
CA VAL F 150 -16.42 5.04 -16.50
C VAL F 150 -16.52 6.31 -17.38
N LEU F 151 -15.36 6.86 -17.82
CA LEU F 151 -15.29 8.03 -18.71
C LEU F 151 -16.01 7.73 -20.03
N HIS F 152 -15.72 6.57 -20.66
CA HIS F 152 -16.33 6.15 -21.92
C HIS F 152 -17.85 6.03 -21.80
N VAL F 153 -18.34 5.51 -20.66
CA VAL F 153 -19.77 5.34 -20.38
C VAL F 153 -20.43 6.73 -20.31
N PHE F 154 -19.91 7.64 -19.47
CA PHE F 154 -20.48 8.98 -19.32
C PHE F 154 -20.36 9.81 -20.59
N ALA F 155 -19.23 9.70 -21.32
CA ALA F 155 -19.04 10.40 -22.59
C ALA F 155 -20.11 9.98 -23.58
N ALA F 156 -20.36 8.65 -23.68
CA ALA F 156 -21.40 8.09 -24.55
C ALA F 156 -22.77 8.54 -24.09
N LEU F 157 -23.02 8.53 -22.75
CA LEU F 157 -24.29 8.96 -22.14
C LEU F 157 -24.60 10.40 -22.50
N HIS F 158 -23.60 11.30 -22.36
CA HIS F 158 -23.75 12.72 -22.67
C HIS F 158 -23.96 12.94 -24.17
N LEU F 159 -23.14 12.27 -25.02
CA LEU F 159 -23.24 12.40 -26.46
C LEU F 159 -24.61 11.94 -26.98
N ALA F 160 -25.21 10.89 -26.35
CA ALA F 160 -26.55 10.41 -26.72
C ALA F 160 -27.62 11.35 -26.14
N ALA F 161 -27.38 11.90 -24.93
CA ALA F 161 -28.30 12.81 -24.21
C ALA F 161 -28.53 14.13 -24.95
N VAL F 162 -27.46 14.83 -25.38
CA VAL F 162 -27.54 16.12 -26.06
C VAL F 162 -28.03 15.96 -27.53
N SER F 163 -27.93 14.74 -28.08
CA SER F 163 -28.34 14.43 -29.46
C SER F 163 -29.81 14.00 -29.55
N ASP F 164 -30.26 13.67 -30.77
CA ASP F 164 -31.60 13.17 -31.03
C ASP F 164 -31.57 11.63 -30.92
N VAL F 165 -31.41 11.13 -29.69
CA VAL F 165 -31.36 9.70 -29.38
C VAL F 165 -32.42 9.41 -28.33
N ASP F 166 -33.35 8.49 -28.67
CA ASP F 166 -34.42 8.11 -27.75
C ASP F 166 -33.96 6.94 -26.87
N VAL F 167 -33.32 5.91 -27.48
CA VAL F 167 -32.85 4.71 -26.78
C VAL F 167 -31.36 4.50 -27.04
N LEU F 168 -30.58 4.24 -25.98
CA LEU F 168 -29.14 3.98 -26.04
C LEU F 168 -28.81 2.59 -25.46
N TYR F 169 -28.00 1.82 -26.20
CA TYR F 169 -27.55 0.49 -25.78
C TYR F 169 -26.04 0.56 -25.47
N VAL F 170 -25.69 0.26 -24.20
CA VAL F 170 -24.29 0.27 -23.76
C VAL F 170 -23.88 -1.18 -23.47
N ASP F 171 -23.09 -1.77 -24.39
CA ASP F 171 -22.64 -3.16 -24.31
C ASP F 171 -21.08 -3.21 -24.31
N SER F 172 -20.40 -3.45 -23.16
CA SER F 172 -20.96 -3.71 -21.82
C SER F 172 -20.30 -2.87 -20.71
N LEU F 173 -20.72 -3.11 -19.46
CA LEU F 173 -20.20 -2.49 -18.23
C LEU F 173 -19.10 -3.35 -17.57
N ARG F 174 -18.54 -4.35 -18.32
CA ARG F 174 -17.49 -5.28 -17.85
C ARG F 174 -16.29 -4.54 -17.21
N SER F 175 -15.76 -3.51 -17.89
CA SER F 175 -14.61 -2.75 -17.42
C SER F 175 -14.96 -1.90 -16.18
N VAL F 176 -16.15 -1.25 -16.17
CA VAL F 176 -16.66 -0.43 -15.06
C VAL F 176 -16.82 -1.32 -13.82
N TYR F 177 -17.40 -2.53 -14.00
CA TYR F 177 -17.60 -3.53 -12.95
C TYR F 177 -16.24 -3.91 -12.33
N ASN F 178 -15.21 -4.09 -13.18
CA ASN F 178 -13.84 -4.42 -12.77
C ASN F 178 -13.18 -3.23 -12.05
N GLU F 179 -13.35 -2.00 -12.61
CA GLU F 179 -12.84 -0.73 -12.09
C GLU F 179 -13.32 -0.47 -10.66
N LEU F 180 -14.61 -0.81 -10.37
CA LEU F 180 -15.25 -0.63 -9.07
C LEU F 180 -14.94 -1.77 -8.09
N GLY F 181 -14.04 -2.66 -8.49
CA GLY F 181 -13.58 -3.79 -7.70
C GLY F 181 -14.53 -4.97 -7.65
N GLY F 182 -15.50 -5.02 -8.56
CA GLY F 182 -16.51 -6.08 -8.66
C GLY F 182 -15.98 -7.49 -8.68
N ASN F 183 -14.76 -7.69 -9.25
CA ASN F 183 -14.10 -8.99 -9.37
C ASN F 183 -13.24 -9.32 -8.12
N LEU F 184 -13.30 -8.47 -7.08
CA LEU F 184 -12.61 -8.66 -5.80
C LEU F 184 -13.62 -8.99 -4.71
N LYS F 185 -13.37 -10.05 -3.93
CA LYS F 185 -14.24 -10.50 -2.84
C LYS F 185 -13.43 -10.95 -1.63
N GLY F 188 -17.56 -3.62 0.76
CA GLY F 188 -17.11 -2.35 0.20
C GLY F 188 -17.23 -2.27 -1.31
N VAL F 189 -17.23 -3.45 -1.97
CA VAL F 189 -17.30 -3.64 -3.41
C VAL F 189 -18.75 -3.47 -3.92
N SER F 190 -19.72 -4.15 -3.29
CA SER F 190 -21.15 -4.13 -3.68
C SER F 190 -21.77 -2.73 -3.53
N ARG F 191 -21.25 -1.89 -2.60
CA ARG F 191 -21.71 -0.52 -2.37
C ARG F 191 -21.40 0.35 -3.59
N GLN F 192 -20.16 0.24 -4.13
CA GLN F 192 -19.71 0.99 -5.30
C GLN F 192 -20.47 0.57 -6.57
N VAL F 193 -20.84 -0.73 -6.69
CA VAL F 193 -21.61 -1.26 -7.82
C VAL F 193 -23.05 -0.71 -7.71
N ASP F 194 -23.64 -0.73 -6.49
CA ASP F 194 -24.96 -0.19 -6.16
C ASP F 194 -25.06 1.28 -6.55
N GLY F 195 -24.04 2.05 -6.12
CA GLY F 195 -23.92 3.48 -6.38
C GLY F 195 -23.89 3.81 -7.85
N MET F 196 -23.14 3.03 -8.63
CA MET F 196 -23.03 3.20 -10.08
C MET F 196 -24.38 2.93 -10.75
N LEU F 197 -24.99 1.77 -10.46
CA LEU F 197 -26.28 1.33 -11.01
C LEU F 197 -27.39 2.37 -10.71
N THR F 198 -27.45 2.91 -9.47
CA THR F 198 -28.41 3.94 -9.07
C THR F 198 -28.14 5.25 -9.86
N ALA F 199 -26.87 5.66 -9.97
CA ALA F 199 -26.47 6.88 -10.68
C ALA F 199 -26.86 6.84 -12.16
N LEU F 200 -26.69 5.67 -12.82
CA LEU F 200 -27.03 5.46 -14.23
C LEU F 200 -28.54 5.56 -14.47
N ASP F 201 -29.36 4.98 -13.55
CA ASP F 201 -30.82 5.06 -13.61
C ASP F 201 -31.30 6.50 -13.38
N GLN F 202 -30.69 7.18 -12.39
CA GLN F 202 -30.99 8.57 -12.06
C GLN F 202 -30.67 9.48 -13.24
N TYR F 203 -29.54 9.20 -13.93
CA TYR F 203 -29.06 9.93 -15.10
C TYR F 203 -30.08 9.82 -16.22
N ALA F 204 -30.47 8.59 -16.60
CA ALA F 204 -31.42 8.28 -17.67
C ALA F 204 -32.78 8.97 -17.46
N ARG F 205 -33.23 9.05 -16.19
CA ARG F 205 -34.48 9.71 -15.81
C ARG F 205 -34.38 11.24 -15.97
N ALA F 206 -33.24 11.83 -15.54
CA ALA F 206 -32.97 13.26 -15.60
C ALA F 206 -32.86 13.77 -17.04
N VAL F 207 -32.23 12.95 -17.89
CA VAL F 207 -31.96 13.20 -19.30
C VAL F 207 -33.16 12.79 -20.18
N ASN F 208 -34.14 12.05 -19.58
CA ASN F 208 -35.38 11.58 -20.19
C ASN F 208 -35.12 10.64 -21.37
N MET F 209 -34.16 9.73 -21.20
CA MET F 209 -33.74 8.76 -22.21
C MET F 209 -33.83 7.33 -21.66
N ARG F 210 -34.07 6.35 -22.55
CA ARG F 210 -34.07 4.94 -22.15
C ARG F 210 -32.67 4.42 -22.42
N VAL F 211 -31.97 3.97 -21.38
CA VAL F 211 -30.62 3.44 -21.55
C VAL F 211 -30.62 1.98 -21.14
N VAL F 212 -30.08 1.11 -21.99
CA VAL F 212 -30.03 -0.32 -21.70
C VAL F 212 -28.56 -0.70 -21.56
N PHE F 213 -28.17 -1.13 -20.36
CA PHE F 213 -26.81 -1.56 -20.06
C PHE F 213 -26.73 -3.08 -20.04
N THR F 214 -25.57 -3.63 -20.43
CA THR F 214 -25.36 -5.08 -20.43
C THR F 214 -24.14 -5.40 -19.56
N LEU F 215 -24.10 -6.63 -19.01
CA LEU F 215 -22.99 -7.08 -18.16
C LEU F 215 -22.89 -8.61 -18.14
N ASN F 216 -21.65 -9.11 -18.24
CA ASN F 216 -21.28 -10.52 -18.10
C ASN F 216 -20.05 -10.55 -17.20
N PRO F 217 -20.19 -10.84 -15.89
CA PRO F 217 -19.01 -10.84 -15.00
C PRO F 217 -18.12 -12.08 -15.22
N SER F 218 -17.52 -12.18 -16.43
CA SER F 218 -16.68 -13.28 -16.88
C SER F 218 -15.30 -13.29 -16.20
N ASP F 219 -14.86 -12.12 -15.68
CA ASP F 219 -13.58 -11.98 -14.98
C ASP F 219 -13.68 -12.37 -13.50
N ASP F 220 -14.91 -12.66 -13.03
CA ASP F 220 -15.19 -13.05 -11.65
C ASP F 220 -14.88 -14.54 -11.44
N GLU F 221 -14.55 -14.94 -10.20
CA GLU F 221 -14.26 -16.33 -9.82
C GLU F 221 -15.52 -17.19 -9.98
N ASN F 222 -16.63 -16.78 -9.34
CA ASN F 222 -17.94 -17.44 -9.43
C ASN F 222 -18.86 -16.51 -10.24
N VAL F 223 -18.85 -16.72 -11.58
CA VAL F 223 -19.58 -15.91 -12.57
C VAL F 223 -21.10 -15.93 -12.31
N ASP F 224 -21.71 -17.11 -12.14
CA ASP F 224 -23.17 -17.23 -11.94
C ASP F 224 -23.61 -16.69 -10.56
N ALA F 225 -22.73 -16.74 -9.54
CA ALA F 225 -23.04 -16.20 -8.21
C ALA F 225 -23.00 -14.66 -8.26
N ALA F 226 -22.12 -14.10 -9.12
CA ALA F 226 -21.99 -12.66 -9.34
C ALA F 226 -23.21 -12.14 -10.10
N VAL F 227 -23.74 -12.95 -11.05
CA VAL F 227 -24.94 -12.64 -11.85
C VAL F 227 -26.13 -12.52 -10.91
N ARG F 228 -26.33 -13.51 -10.01
CA ARG F 228 -27.42 -13.56 -9.05
C ARG F 228 -27.44 -12.34 -8.10
N SER F 229 -26.26 -11.90 -7.62
CA SER F 229 -26.16 -10.75 -6.72
C SER F 229 -26.33 -9.43 -7.47
N VAL F 230 -25.72 -9.28 -8.67
CA VAL F 230 -25.86 -8.05 -9.47
C VAL F 230 -27.33 -7.90 -9.93
N PHE F 231 -28.00 -9.03 -10.28
CA PHE F 231 -29.41 -9.03 -10.68
C PHE F 231 -30.31 -8.55 -9.52
N LYS F 232 -30.00 -8.95 -8.26
CA LYS F 232 -30.75 -8.54 -7.08
C LYS F 232 -30.57 -7.03 -6.84
N THR F 233 -29.33 -6.52 -7.03
CA THR F 233 -28.97 -5.12 -6.87
C THR F 233 -29.70 -4.28 -7.94
N ALA F 234 -29.58 -4.69 -9.24
CA ALA F 234 -30.19 -4.04 -10.39
C ALA F 234 -31.72 -3.99 -10.30
N SER F 235 -32.34 -5.00 -9.65
CA SER F 235 -33.79 -5.10 -9.45
C SER F 235 -34.32 -3.91 -8.65
N ALA F 236 -33.51 -3.36 -7.73
CA ALA F 236 -33.86 -2.21 -6.90
C ALA F 236 -33.36 -0.89 -7.50
N SER F 237 -32.11 -0.89 -8.00
CA SER F 237 -31.45 0.29 -8.53
C SER F 237 -31.94 0.72 -9.91
N MET F 238 -32.47 -0.21 -10.72
CA MET F 238 -32.86 0.12 -12.09
C MET F 238 -34.32 -0.21 -12.41
N HIS F 239 -34.86 0.47 -13.44
CA HIS F 239 -36.23 0.37 -13.96
C HIS F 239 -36.62 -1.08 -14.26
N THR F 240 -35.69 -1.82 -14.89
CA THR F 240 -35.85 -3.21 -15.28
C THR F 240 -34.49 -3.93 -15.18
N ALA F 241 -34.53 -5.20 -14.77
CA ALA F 241 -33.38 -6.09 -14.68
C ALA F 241 -33.74 -7.41 -15.37
N ARG F 242 -32.94 -7.82 -16.36
CA ARG F 242 -33.18 -9.04 -17.14
C ARG F 242 -31.98 -9.96 -17.04
N ARG F 243 -32.22 -11.22 -16.62
CA ARG F 243 -31.20 -12.24 -16.45
C ARG F 243 -31.40 -13.36 -17.48
N ILE F 244 -30.37 -13.65 -18.29
CA ILE F 244 -30.43 -14.74 -19.26
C ILE F 244 -30.08 -16.04 -18.53
N LYS F 245 -31.08 -16.93 -18.38
CA LYS F 245 -30.95 -18.23 -17.71
C LYS F 245 -30.39 -19.29 -18.67
N SER F 246 -30.95 -19.33 -19.90
CA SER F 246 -30.59 -20.26 -20.96
C SER F 246 -30.46 -19.52 -22.27
N PHE F 247 -29.56 -19.99 -23.16
CA PHE F 247 -29.33 -19.39 -24.48
C PHE F 247 -28.73 -20.41 -25.44
N ALA F 248 -29.33 -20.56 -26.64
CA ALA F 248 -28.88 -21.48 -27.68
C ALA F 248 -29.11 -20.89 -29.07
N VAL F 249 -28.21 -21.20 -30.02
CA VAL F 249 -28.26 -20.74 -31.41
C VAL F 249 -28.53 -21.94 -32.35
N ASN F 250 -29.55 -21.80 -33.22
CA ASN F 250 -29.94 -22.79 -34.23
C ASN F 250 -29.74 -22.16 -35.61
N GLY F 251 -28.50 -22.26 -36.10
CA GLY F 251 -28.09 -21.69 -37.38
C GLY F 251 -28.07 -20.17 -37.35
N THR F 252 -29.11 -19.55 -37.95
CA THR F 252 -29.27 -18.09 -38.03
C THR F 252 -30.27 -17.57 -36.97
N ALA F 253 -30.91 -18.48 -36.23
CA ALA F 253 -31.89 -18.12 -35.20
C ALA F 253 -31.36 -18.41 -33.79
N PHE F 254 -31.89 -17.69 -32.79
CA PHE F 254 -31.56 -17.85 -31.38
C PHE F 254 -32.82 -18.00 -30.55
N THR F 255 -32.67 -18.53 -29.34
CA THR F 255 -33.74 -18.65 -28.37
C THR F 255 -33.09 -18.53 -26.99
N ALA F 256 -33.68 -17.70 -26.13
CA ALA F 256 -33.16 -17.43 -24.80
C ALA F 256 -34.26 -17.48 -23.74
N GLU F 257 -34.01 -18.23 -22.66
CA GLU F 257 -34.91 -18.32 -21.51
C GLU F 257 -34.41 -17.27 -20.54
N THR F 258 -35.27 -16.27 -20.27
CA THR F 258 -34.92 -15.11 -19.47
C THR F 258 -35.80 -14.95 -18.22
N GLU F 259 -35.26 -14.26 -17.20
CA GLU F 259 -35.94 -13.88 -15.96
C GLU F 259 -35.93 -12.35 -15.90
N ILE F 260 -37.12 -11.73 -15.88
CA ILE F 260 -37.22 -10.27 -15.86
C ILE F 260 -37.88 -9.77 -14.57
N HIS F 261 -37.28 -8.71 -14.00
CA HIS F 261 -37.78 -8.01 -12.83
C HIS F 261 -38.22 -6.60 -13.24
N LEU F 262 -39.44 -6.22 -12.87
CA LEU F 262 -39.98 -4.89 -13.11
C LEU F 262 -40.14 -4.22 -11.76
N ARG F 263 -39.41 -3.12 -11.54
CA ARG F 263 -39.41 -2.38 -10.27
C ARG F 263 -40.81 -1.85 -9.89
N ALA F 264 -41.58 -1.37 -10.90
CA ALA F 264 -42.92 -0.80 -10.77
C ALA F 264 -43.90 -1.70 -10.02
N ASP F 265 -43.99 -2.99 -10.39
CA ASP F 265 -44.93 -3.92 -9.75
C ASP F 265 -44.21 -4.97 -8.87
N ARG F 266 -42.86 -4.83 -8.69
CA ARG F 266 -41.99 -5.71 -7.88
C ARG F 266 -41.90 -7.16 -8.45
N SER F 267 -42.75 -7.49 -9.45
CA SER F 267 -42.87 -8.81 -10.08
C SER F 267 -41.56 -9.34 -10.69
N ASN F 268 -41.36 -10.67 -10.56
CA ASN F 268 -40.24 -11.44 -11.10
C ASN F 268 -40.85 -12.57 -11.94
N SER F 269 -40.83 -12.42 -13.28
CA SER F 269 -41.44 -13.39 -14.18
C SER F 269 -40.48 -13.96 -15.23
N ALA F 270 -40.76 -15.18 -15.70
CA ALA F 270 -40.01 -15.87 -16.74
C ALA F 270 -40.50 -15.44 -18.11
N ASN F 271 -39.57 -15.13 -19.02
CA ASN F 271 -39.90 -14.66 -20.36
C ASN F 271 -39.01 -15.36 -21.39
N ARG F 272 -39.63 -15.96 -22.40
CA ARG F 272 -38.92 -16.64 -23.48
C ARG F 272 -38.82 -15.66 -24.65
N VAL F 273 -37.58 -15.39 -25.09
CA VAL F 273 -37.33 -14.47 -26.19
C VAL F 273 -36.51 -15.19 -27.27
N SER F 274 -37.06 -15.20 -28.50
CA SER F 274 -36.45 -15.82 -29.67
C SER F 274 -36.50 -14.87 -30.88
N GLY F 275 -35.61 -15.09 -31.82
CA GLY F 275 -35.51 -14.28 -33.04
C GLY F 275 -34.33 -14.68 -33.90
N ASP F 276 -34.01 -13.84 -34.90
CA ASP F 276 -32.90 -14.06 -35.82
C ASP F 276 -31.66 -13.31 -35.35
N LEU F 277 -30.47 -13.79 -35.73
CA LEU F 277 -29.19 -13.18 -35.38
C LEU F 277 -29.00 -11.87 -36.17
N VAL F 278 -28.93 -10.74 -35.45
CA VAL F 278 -28.76 -9.40 -35.99
C VAL F 278 -27.30 -8.97 -35.76
N SER F 279 -26.60 -8.61 -36.85
CA SER F 279 -25.20 -8.18 -36.81
C SER F 279 -25.09 -6.72 -36.33
N ARG F 280 -23.88 -6.32 -35.87
CA ARG F 280 -23.61 -4.96 -35.39
C ARG F 280 -22.45 -4.35 -36.19
#